data_3M1R
#
_entry.id   3M1R
#
_cell.length_a   142.038
_cell.length_b   118.980
_cell.length_c   123.340
_cell.angle_alpha   90.00
_cell.angle_beta   90.00
_cell.angle_gamma   90.00
#
_symmetry.space_group_name_H-M   'P 21 21 21'
#
loop_
_entity.id
_entity.type
_entity.pdbx_description
1 polymer Formimidoylglutamase
2 non-polymer 'CHLORIDE ION'
3 non-polymer 'CALCIUM ION'
4 non-polymer DI(HYDROXYETHYL)ETHER
5 non-polymer 'CACODYLATE ION'
6 water water
#
_entity_poly.entity_id   1
_entity_poly.type   'polypeptide(L)'
_entity_poly.pdbx_seq_one_letter_code
;SNA(MSE)DKYPFLREAGSSFKDRDVTK(MSE)SDLIATWDGQDIKGPALIGVPLSKSSISHSGASFAPGTIRQALKHSS
AYSAELGEHVVSELLYDLGDIDIHVTDIVKSHHHIFQT(MSE)HALLSDHPDWVPLILGGDNSISYSTIKAIAQTKGTTA
VIQFDAHHDVRNTEDGGPTNGTPFRRLLDEEIIEGQHLIQLGIREFSNSQAYEAYAKKHNVNIHT(MSE)D(MSE)IREK
GLIPTIKEILPVVQDKTDFIFISVD(MSE)DVLDQSHAPGCPAIGPGGLYTDELLEAVKYIAQQPNVAGIEIVEVDPTLD
FRD(MSE)TSRAAAHVLLHALKG(MSE)KLSPFK
;
_entity_poly.pdbx_strand_id   A,B,C,D,E,F
#
loop_
_chem_comp.id
_chem_comp.type
_chem_comp.name
_chem_comp.formula
CA non-polymer 'CALCIUM ION' 'Ca 2'
CAC non-polymer 'CACODYLATE ION' 'C2 H6 As O2 -1'
CL non-polymer 'CHLORIDE ION' 'Cl -1'
PEG non-polymer DI(HYDROXYETHYL)ETHER 'C4 H10 O3'
#
# COMPACT_ATOMS: atom_id res chain seq x y z
N ASN A 2 30.03 32.45 -4.51
CA ASN A 2 29.03 33.41 -4.07
C ASN A 2 28.42 34.19 -5.24
N ALA A 3 28.37 33.56 -6.41
CA ALA A 3 27.81 34.20 -7.59
C ALA A 3 26.29 34.04 -7.62
N MSE A 4 25.78 33.11 -6.81
CA MSE A 4 24.35 32.86 -6.76
C MSE A 4 23.64 33.80 -5.79
O MSE A 4 22.43 33.93 -5.82
CB MSE A 4 24.08 31.41 -6.37
CG MSE A 4 23.92 30.45 -7.55
SE MSE A 4 25.52 30.23 -8.63
CE MSE A 4 25.44 31.89 -9.65
N ASP A 5 24.41 34.48 -4.95
CA ASP A 5 23.83 35.37 -3.96
C ASP A 5 22.86 36.39 -4.59
N LYS A 6 23.15 36.78 -5.83
CA LYS A 6 22.29 37.68 -6.60
C LYS A 6 20.90 37.10 -6.90
N TYR A 7 20.75 35.78 -6.72
CA TYR A 7 19.45 35.11 -6.90
C TYR A 7 18.96 34.64 -5.54
N PRO A 8 18.45 35.58 -4.74
CA PRO A 8 18.22 35.29 -3.31
C PRO A 8 17.18 34.19 -3.08
N PHE A 9 16.29 33.95 -4.04
CA PHE A 9 15.25 32.92 -3.87
C PHE A 9 15.57 31.60 -4.57
N LEU A 10 16.79 31.46 -5.08
CA LEU A 10 17.21 30.24 -5.75
C LEU A 10 18.11 29.40 -4.85
N ARG A 11 17.69 28.17 -4.60
CA ARG A 11 18.34 27.28 -3.65
C ARG A 11 18.84 26.02 -4.33
N GLU A 12 19.61 25.20 -3.61
CA GLU A 12 20.07 23.95 -4.18
C GLU A 12 18.92 22.96 -4.36
N ALA A 13 18.96 22.20 -5.45
CA ALA A 13 17.94 21.21 -5.72
C ALA A 13 17.62 20.42 -4.46
N GLY A 14 16.35 20.39 -4.09
CA GLY A 14 15.91 19.55 -2.99
C GLY A 14 16.24 20.04 -1.58
N SER A 15 16.67 21.28 -1.45
CA SER A 15 16.93 21.82 -0.11
C SER A 15 15.65 22.36 0.50
N SER A 16 15.41 22.04 1.77
CA SER A 16 14.13 22.32 2.41
C SER A 16 14.15 23.39 3.51
N PHE A 17 13.06 23.45 4.27
CA PHE A 17 12.86 24.44 5.33
C PHE A 17 14.10 24.55 6.23
N LYS A 18 14.77 25.69 6.16
CA LYS A 18 15.90 25.93 7.03
C LYS A 18 15.48 26.74 8.27
N ASP A 19 15.72 26.17 9.45
CA ASP A 19 15.46 26.89 10.70
C ASP A 19 16.79 27.25 11.36
N ARG A 20 16.96 28.54 11.60
CA ARG A 20 18.21 29.11 12.08
C ARG A 20 18.57 28.69 13.50
N ASP A 21 17.54 28.38 14.30
CA ASP A 21 17.71 28.05 15.71
C ASP A 21 17.77 26.54 15.94
N VAL A 22 17.77 25.78 14.86
CA VAL A 22 17.77 24.31 14.92
C VAL A 22 19.09 23.76 14.39
N THR A 23 19.64 22.76 15.06
CA THR A 23 20.81 22.07 14.54
C THR A 23 20.48 20.59 14.34
N LYS A 24 20.35 20.19 13.09
CA LYS A 24 20.05 18.80 12.80
C LYS A 24 21.35 18.08 12.48
N MSE A 25 21.28 16.75 12.49
CA MSE A 25 22.43 15.94 12.16
C MSE A 25 22.94 16.25 10.76
O MSE A 25 24.15 16.19 10.51
CB MSE A 25 22.09 14.45 12.33
CG MSE A 25 22.05 14.02 13.78
SE MSE A 25 23.79 14.24 14.68
CE MSE A 25 24.72 12.70 13.93
N SER A 26 22.03 16.60 9.86
CA SER A 26 22.41 17.01 8.52
C SER A 26 23.43 18.18 8.53
N ASP A 27 23.33 19.04 9.54
CA ASP A 27 24.25 20.19 9.61
C ASP A 27 25.64 19.79 10.05
N LEU A 28 25.77 18.59 10.59
CA LEU A 28 27.04 18.18 11.18
C LEU A 28 27.71 17.00 10.48
N ILE A 29 26.97 16.33 9.59
CA ILE A 29 27.52 15.19 8.86
C ILE A 29 28.18 15.72 7.62
N ALA A 30 29.49 15.50 7.49
CA ALA A 30 30.23 15.95 6.31
C ALA A 30 30.70 14.80 5.44
N THR A 31 30.61 14.99 4.13
CA THR A 31 31.24 14.06 3.19
C THR A 31 32.74 14.03 3.47
N TRP A 32 33.27 12.84 3.71
CA TRP A 32 34.66 12.67 4.11
C TRP A 32 35.60 12.85 2.93
N ASP A 33 36.73 13.52 3.17
CA ASP A 33 37.74 13.66 2.13
C ASP A 33 39.14 13.32 2.65
N GLY A 34 39.28 12.12 3.20
CA GLY A 34 40.59 11.59 3.56
C GLY A 34 41.24 12.15 4.82
N GLN A 35 40.71 13.24 5.37
CA GLN A 35 41.31 13.84 6.56
C GLN A 35 41.41 12.78 7.65
N ASP A 36 42.31 13.01 8.60
CA ASP A 36 42.46 12.14 9.75
C ASP A 36 41.09 12.02 10.43
N ILE A 37 40.77 10.84 10.94
CA ILE A 37 39.45 10.60 11.55
C ILE A 37 39.55 10.42 13.07
N LYS A 38 38.95 11.36 13.81
CA LYS A 38 38.87 11.24 15.27
C LYS A 38 37.48 10.79 15.73
N GLY A 39 37.42 9.63 16.36
CA GLY A 39 36.16 9.12 16.87
C GLY A 39 35.22 8.56 15.82
N PRO A 40 33.92 8.80 16.01
CA PRO A 40 32.82 8.19 15.26
C PRO A 40 32.80 8.68 13.83
N ALA A 41 32.59 7.77 12.88
CA ALA A 41 32.36 8.16 11.50
C ALA A 41 31.46 7.11 10.88
N LEU A 42 30.45 7.57 10.13
CA LEU A 42 29.50 6.68 9.44
C LEU A 42 30.15 5.95 8.29
N ILE A 43 29.82 4.67 8.14
CA ILE A 43 30.14 3.95 6.91
C ILE A 43 29.02 2.98 6.53
N GLY A 44 28.65 2.97 5.26
CA GLY A 44 27.58 2.11 4.76
C GLY A 44 28.07 0.80 4.17
N VAL A 45 27.30 -0.26 4.40
CA VAL A 45 27.60 -1.59 3.86
C VAL A 45 26.33 -2.21 3.26
N PRO A 46 25.97 -1.79 2.03
CA PRO A 46 24.72 -2.10 1.33
C PRO A 46 24.75 -3.50 0.73
N LEU A 47 25.04 -4.49 1.55
CA LEU A 47 24.97 -5.87 1.12
C LEU A 47 23.67 -6.46 1.65
N SER A 48 22.86 -7.04 0.78
CA SER A 48 21.66 -7.73 1.26
C SER A 48 21.36 -8.97 0.44
N LYS A 49 22.07 -9.14 -0.68
CA LYS A 49 21.90 -10.31 -1.52
C LYS A 49 22.31 -11.58 -0.76
N SER A 50 23.20 -11.41 0.22
CA SER A 50 23.63 -12.53 1.03
C SER A 50 22.48 -13.09 1.88
N SER A 51 21.37 -12.35 1.93
CA SER A 51 20.21 -12.75 2.73
C SER A 51 19.54 -14.04 2.24
N ILE A 52 19.27 -14.92 3.20
CA ILE A 52 18.57 -16.18 2.94
C ILE A 52 17.23 -15.89 2.28
N SER A 53 16.50 -14.95 2.86
CA SER A 53 15.23 -14.47 2.32
C SER A 53 15.44 -13.20 1.51
N HIS A 54 14.48 -12.88 0.65
CA HIS A 54 14.53 -11.68 -0.15
C HIS A 54 14.67 -10.46 0.77
N SER A 55 15.57 -9.55 0.41
CA SER A 55 15.86 -8.43 1.30
C SER A 55 16.30 -7.17 0.57
N GLY A 56 15.61 -6.06 0.88
CA GLY A 56 16.02 -4.75 0.39
C GLY A 56 16.99 -4.09 1.39
N ALA A 57 17.65 -4.91 2.19
CA ALA A 57 18.57 -4.38 3.21
C ALA A 57 19.69 -3.51 2.62
N SER A 58 20.09 -3.77 1.38
CA SER A 58 21.08 -2.90 0.73
C SER A 58 20.63 -1.45 0.63
N PHE A 59 19.36 -1.20 0.91
CA PHE A 59 18.81 0.14 0.84
C PHE A 59 18.86 0.82 2.19
N ALA A 60 19.02 0.06 3.27
CA ALA A 60 18.96 0.63 4.63
C ALA A 60 19.98 1.75 4.90
N PRO A 61 21.20 1.63 4.36
CA PRO A 61 22.17 2.70 4.66
C PRO A 61 21.66 4.04 4.16
N GLY A 62 21.04 4.02 2.98
CA GLY A 62 20.38 5.19 2.45
C GLY A 62 19.28 5.75 3.34
N THR A 63 18.34 4.91 3.76
CA THR A 63 17.21 5.39 4.57
C THR A 63 17.56 5.69 6.04
N ILE A 64 18.44 4.89 6.64
CA ILE A 64 18.96 5.24 7.97
C ILE A 64 19.70 6.61 7.95
N ARG A 65 20.55 6.82 6.95
CA ARG A 65 21.22 8.11 6.76
C ARG A 65 20.21 9.25 6.76
N GLN A 66 19.18 9.13 5.91
CA GLN A 66 18.19 10.18 5.79
C GLN A 66 17.45 10.44 7.10
N ALA A 67 17.12 9.37 7.83
CA ALA A 67 16.43 9.54 9.10
C ALA A 67 17.37 10.16 10.13
N LEU A 68 18.61 9.73 10.16
CA LEU A 68 19.60 10.33 11.06
C LEU A 68 19.73 11.85 10.79
N LYS A 69 20.01 12.19 9.52
CA LYS A 69 20.19 13.58 9.09
C LYS A 69 19.03 14.46 9.50
N HIS A 70 17.81 13.93 9.46
CA HIS A 70 16.64 14.72 9.81
C HIS A 70 16.42 14.88 11.30
N SER A 71 17.11 14.09 12.10
CA SER A 71 16.97 14.18 13.55
C SER A 71 17.78 15.37 14.08
N SER A 72 17.29 15.97 15.16
CA SER A 72 18.07 16.96 15.89
C SER A 72 19.31 16.31 16.50
N ALA A 73 20.41 17.05 16.53
CA ALA A 73 21.64 16.56 17.13
C ALA A 73 21.67 16.85 18.64
N TYR A 74 20.64 17.56 19.11
CA TYR A 74 20.63 18.03 20.50
C TYR A 74 20.05 17.05 21.49
N SER A 75 20.85 16.68 22.47
CA SER A 75 20.39 15.86 23.59
C SER A 75 20.12 16.72 24.81
N ALA A 76 18.92 16.63 25.36
CA ALA A 76 18.56 17.41 26.54
C ALA A 76 19.18 16.84 27.80
N GLU A 77 19.30 15.52 27.84
CA GLU A 77 19.94 14.84 28.96
C GLU A 77 21.41 15.24 29.06
N LEU A 78 21.96 15.78 27.98
CA LEU A 78 23.37 16.19 27.93
C LEU A 78 23.54 17.70 28.00
N GLY A 79 22.50 18.43 27.64
CA GLY A 79 22.60 19.87 27.53
C GLY A 79 23.56 20.29 26.42
N GLU A 80 23.86 19.38 25.50
CA GLU A 80 24.68 19.70 24.34
C GLU A 80 24.40 18.76 23.18
N HIS A 81 24.94 19.08 22.01
CA HIS A 81 24.81 18.20 20.84
C HIS A 81 25.64 16.95 21.01
N VAL A 82 25.20 15.84 20.42
CA VAL A 82 25.86 14.58 20.72
C VAL A 82 27.13 14.46 19.90
N VAL A 83 27.24 15.33 18.91
CA VAL A 83 28.51 15.54 18.24
C VAL A 83 28.81 17.04 18.21
N SER A 84 30.04 17.42 18.50
CA SER A 84 30.38 18.83 18.59
C SER A 84 30.80 19.43 17.26
N GLU A 85 31.92 18.96 16.72
CA GLU A 85 32.46 19.51 15.48
C GLU A 85 31.72 18.97 14.27
N LEU A 86 32.06 17.75 13.90
CA LEU A 86 31.49 17.14 12.72
C LEU A 86 31.59 15.63 12.82
N LEU A 87 30.79 14.95 12.00
CA LEU A 87 30.78 13.50 11.99
C LEU A 87 30.96 13.09 10.54
N TYR A 88 32.13 12.56 10.20
CA TYR A 88 32.37 12.18 8.84
C TYR A 88 31.44 11.04 8.40
N ASP A 89 31.05 11.10 7.14
CA ASP A 89 30.41 9.99 6.44
C ASP A 89 31.44 9.52 5.40
N LEU A 90 32.10 8.41 5.70
CA LEU A 90 33.12 7.84 4.83
C LEU A 90 32.58 7.29 3.50
N GLY A 91 31.28 7.03 3.43
CA GLY A 91 30.70 6.50 2.21
C GLY A 91 30.26 5.05 2.36
N ASP A 92 30.12 4.35 1.22
CA ASP A 92 29.63 2.98 1.19
C ASP A 92 30.71 2.06 0.71
N ILE A 93 30.77 0.85 1.28
CA ILE A 93 31.68 -0.15 0.76
C ILE A 93 31.08 -0.70 -0.50
N ASP A 94 31.87 -0.64 -1.57
CA ASP A 94 31.48 -1.24 -2.84
C ASP A 94 31.25 -2.73 -2.63
N ILE A 95 30.08 -3.21 -3.04
CA ILE A 95 29.78 -4.62 -2.92
C ILE A 95 29.47 -5.10 -4.32
N HIS A 96 30.03 -6.24 -4.71
CA HIS A 96 29.77 -6.74 -6.05
C HIS A 96 28.30 -7.08 -6.20
N VAL A 97 27.73 -6.74 -7.36
CA VAL A 97 26.33 -6.97 -7.64
C VAL A 97 26.02 -8.48 -7.74
N THR A 98 27.06 -9.26 -7.97
CA THR A 98 26.94 -10.64 -8.37
C THR A 98 27.83 -11.60 -7.58
N ASP A 99 28.98 -11.10 -7.14
CA ASP A 99 29.93 -11.92 -6.41
C ASP A 99 29.86 -11.59 -4.91
N ILE A 100 29.45 -12.56 -4.11
CA ILE A 100 29.23 -12.30 -2.69
C ILE A 100 30.47 -12.60 -1.84
N VAL A 101 31.24 -13.62 -2.21
CA VAL A 101 32.51 -13.80 -1.53
C VAL A 101 33.37 -12.57 -1.77
N LYS A 102 33.46 -12.12 -3.02
CA LYS A 102 34.18 -10.89 -3.32
C LYS A 102 33.72 -9.75 -2.42
N SER A 103 32.41 -9.60 -2.24
CA SER A 103 31.86 -8.52 -1.43
C SER A 103 32.34 -8.56 0.02
N HIS A 104 32.42 -9.76 0.59
CA HIS A 104 32.91 -9.95 1.95
C HIS A 104 34.41 -9.69 2.08
N HIS A 105 35.14 -9.92 1.00
CA HIS A 105 36.57 -9.61 0.97
C HIS A 105 36.79 -8.11 0.88
N HIS A 106 35.95 -7.41 0.12
CA HIS A 106 35.99 -5.97 0.04
C HIS A 106 35.72 -5.33 1.40
N ILE A 107 34.70 -5.86 2.08
CA ILE A 107 34.31 -5.32 3.37
C ILE A 107 35.45 -5.45 4.37
N PHE A 108 36.05 -6.64 4.42
CA PHE A 108 37.14 -6.89 5.34
C PHE A 108 38.34 -6.02 5.00
N GLN A 109 38.76 -6.07 3.73
CA GLN A 109 39.90 -5.29 3.27
C GLN A 109 39.74 -3.79 3.58
N THR A 110 38.56 -3.25 3.26
CA THR A 110 38.29 -1.84 3.47
C THR A 110 38.28 -1.46 4.95
N MSE A 111 37.59 -2.25 5.76
CA MSE A 111 37.52 -1.98 7.20
C MSE A 111 38.91 -2.04 7.78
O MSE A 111 39.34 -1.12 8.47
CB MSE A 111 36.61 -2.99 7.91
CG MSE A 111 35.14 -2.96 7.55
SE MSE A 111 34.24 -1.43 8.32
CE MSE A 111 34.76 -0.07 7.06
N HIS A 112 39.63 -3.13 7.52
CA HIS A 112 41.01 -3.28 7.98
C HIS A 112 41.90 -2.07 7.62
N ALA A 113 41.83 -1.61 6.38
CA ALA A 113 42.68 -0.52 5.93
C ALA A 113 42.34 0.78 6.67
N LEU A 114 41.05 1.00 6.89
CA LEU A 114 40.60 2.19 7.60
C LEU A 114 40.97 2.15 9.08
N LEU A 115 40.77 0.98 9.70
CA LEU A 115 41.08 0.82 11.12
C LEU A 115 42.59 0.94 11.35
N SER A 116 43.39 0.37 10.44
CA SER A 116 44.84 0.51 10.51
C SER A 116 45.24 1.97 10.39
N ASP A 117 44.86 2.59 9.28
CA ASP A 117 45.20 3.97 8.97
C ASP A 117 44.56 5.05 9.86
N HIS A 118 43.43 4.75 10.50
CA HIS A 118 42.78 5.74 11.36
C HIS A 118 42.41 5.15 12.71
N PRO A 119 43.42 5.02 13.60
CA PRO A 119 43.38 4.34 14.89
C PRO A 119 42.38 4.94 15.85
N ASP A 120 41.94 6.16 15.58
CA ASP A 120 40.94 6.78 16.43
C ASP A 120 39.53 6.68 15.86
N TRP A 121 39.37 5.88 14.80
CA TRP A 121 38.06 5.72 14.19
C TRP A 121 37.22 4.73 15.00
N VAL A 122 36.03 5.18 15.40
CA VAL A 122 35.03 4.30 15.98
C VAL A 122 33.96 4.17 14.90
N PRO A 123 33.91 3.02 14.23
CA PRO A 123 32.95 2.83 13.15
C PRO A 123 31.46 2.85 13.60
N LEU A 124 30.65 3.67 12.94
CA LEU A 124 29.19 3.56 13.01
C LEU A 124 28.81 2.91 11.70
N ILE A 125 28.60 1.60 11.75
CA ILE A 125 28.40 0.80 10.55
C ILE A 125 26.90 0.60 10.26
N LEU A 126 26.51 0.96 9.06
CA LEU A 126 25.12 0.82 8.58
C LEU A 126 24.97 -0.32 7.58
N GLY A 127 24.41 -1.45 8.01
CA GLY A 127 24.07 -2.55 7.11
C GLY A 127 22.84 -2.21 6.27
N GLY A 128 22.47 -3.07 5.31
CA GLY A 128 23.20 -4.29 5.01
C GLY A 128 22.65 -5.40 5.90
N ASP A 129 22.81 -6.64 5.48
CA ASP A 129 22.24 -7.73 6.26
C ASP A 129 23.24 -8.27 7.26
N ASN A 130 22.81 -9.27 8.01
CA ASN A 130 23.60 -9.89 9.08
C ASN A 130 24.99 -10.34 8.70
N SER A 131 25.14 -10.87 7.49
CA SER A 131 26.37 -11.56 7.13
C SER A 131 27.56 -10.61 7.14
N ILE A 132 27.31 -9.31 7.12
CA ILE A 132 28.43 -8.37 7.16
C ILE A 132 29.21 -8.44 8.48
N SER A 133 28.59 -8.97 9.53
CA SER A 133 29.21 -9.00 10.87
C SER A 133 30.52 -9.81 10.91
N TYR A 134 30.60 -10.85 10.10
CA TYR A 134 31.82 -11.63 10.00
C TYR A 134 32.98 -10.76 9.53
N SER A 135 32.78 -10.04 8.43
CA SER A 135 33.83 -9.17 7.87
C SER A 135 34.17 -7.97 8.75
N THR A 136 33.15 -7.36 9.37
CA THR A 136 33.37 -6.15 10.17
C THR A 136 34.07 -6.45 11.50
N ILE A 137 33.68 -7.54 12.14
CA ILE A 137 34.23 -7.92 13.43
C ILE A 137 35.64 -8.50 13.28
N LYS A 138 35.88 -9.22 12.19
CA LYS A 138 37.22 -9.74 11.93
C LYS A 138 38.20 -8.60 11.77
N ALA A 139 37.82 -7.60 11.00
CA ALA A 139 38.63 -6.38 10.89
C ALA A 139 38.93 -5.82 12.29
N ILE A 140 37.89 -5.67 13.12
CA ILE A 140 38.07 -5.14 14.48
C ILE A 140 39.06 -5.98 15.33
N ALA A 141 38.84 -7.29 15.42
CA ALA A 141 39.65 -8.16 16.26
C ALA A 141 41.11 -8.17 15.84
N GLN A 142 41.34 -8.15 14.54
CA GLN A 142 42.68 -8.30 14.01
C GLN A 142 43.42 -6.97 13.98
N THR A 143 42.69 -5.89 14.14
CA THR A 143 43.28 -4.56 14.10
C THR A 143 43.28 -3.92 15.49
N LYS A 144 42.29 -4.25 16.31
CA LYS A 144 42.20 -3.65 17.64
C LYS A 144 42.67 -4.61 18.73
N GLY A 145 42.40 -5.89 18.56
CA GLY A 145 42.84 -6.88 19.52
C GLY A 145 41.69 -7.68 20.10
N THR A 146 41.99 -8.49 21.11
CA THR A 146 41.00 -9.31 21.77
C THR A 146 39.70 -8.53 21.98
N THR A 147 38.64 -9.00 21.36
CA THR A 147 37.42 -8.21 21.28
C THR A 147 36.21 -8.96 21.80
N ALA A 148 35.49 -8.29 22.70
CA ALA A 148 34.23 -8.82 23.19
C ALA A 148 33.11 -8.32 22.28
N VAL A 149 32.12 -9.16 22.02
CA VAL A 149 31.01 -8.76 21.18
C VAL A 149 29.70 -8.76 21.95
N ILE A 150 28.97 -7.66 21.87
CA ILE A 150 27.61 -7.62 22.39
C ILE A 150 26.63 -7.63 21.23
N GLN A 151 26.04 -8.79 20.97
CA GLN A 151 25.09 -8.88 19.89
C GLN A 151 23.66 -8.91 20.41
N PHE A 152 22.90 -7.89 20.03
CA PHE A 152 21.46 -7.88 20.25
C PHE A 152 20.84 -8.65 19.09
N ASP A 153 19.99 -9.61 19.40
CA ASP A 153 19.51 -10.53 18.38
C ASP A 153 18.51 -11.50 18.96
N ALA A 154 17.47 -11.80 18.18
CA ALA A 154 16.54 -12.88 18.52
C ALA A 154 17.17 -14.25 18.19
N HIS A 155 18.10 -14.26 17.24
CA HIS A 155 18.71 -15.51 16.73
C HIS A 155 20.18 -15.65 17.11
N HIS A 156 20.62 -16.90 17.25
CA HIS A 156 22.00 -17.15 17.63
C HIS A 156 22.91 -16.72 16.51
N ASP A 157 22.43 -16.83 15.27
CA ASP A 157 23.24 -16.61 14.07
C ASP A 157 24.48 -17.49 13.99
N VAL A 158 24.30 -18.79 14.24
CA VAL A 158 25.39 -19.73 14.08
C VAL A 158 25.08 -20.83 13.07
N ARG A 159 24.33 -20.49 12.03
CA ARG A 159 23.94 -21.43 10.99
C ARG A 159 25.13 -22.04 10.28
N ASN A 160 24.95 -23.27 9.79
CA ASN A 160 25.94 -23.98 8.97
C ASN A 160 26.44 -23.16 7.79
N THR A 161 27.73 -23.31 7.50
CA THR A 161 28.39 -22.50 6.47
C THR A 161 28.31 -23.08 5.06
N GLU A 162 28.09 -24.39 4.95
CA GLU A 162 28.22 -25.06 3.65
C GLU A 162 26.90 -25.56 3.06
N ASP A 163 26.31 -26.58 3.68
CA ASP A 163 25.09 -27.21 3.19
C ASP A 163 24.18 -26.23 2.46
N GLY A 164 23.92 -25.07 3.10
CA GLY A 164 23.06 -24.07 2.52
C GLY A 164 23.71 -22.69 2.52
N THR A 167 24.11 -17.54 3.20
CA THR A 167 24.87 -17.36 4.44
C THR A 167 24.38 -16.23 5.35
N ASN A 168 23.07 -15.99 5.41
CA ASN A 168 22.65 -14.86 6.24
C ASN A 168 22.91 -15.07 7.73
N GLY A 169 22.58 -16.25 8.22
CA GLY A 169 22.66 -16.54 9.64
C GLY A 169 23.92 -17.28 10.04
N THR A 170 25.00 -17.09 9.28
CA THR A 170 26.27 -17.78 9.55
C THR A 170 27.36 -16.99 10.30
N PRO A 171 27.26 -15.64 10.36
CA PRO A 171 28.44 -14.84 10.77
C PRO A 171 29.13 -15.32 12.04
N PHE A 172 28.37 -15.63 13.08
CA PHE A 172 29.02 -16.02 14.33
C PHE A 172 29.56 -17.44 14.39
N ARG A 173 29.16 -18.29 13.43
CA ARG A 173 29.82 -19.58 13.30
C ARG A 173 31.18 -19.40 12.64
N ARG A 174 31.21 -18.72 11.50
CA ARG A 174 32.48 -18.39 10.86
C ARG A 174 33.42 -17.72 11.86
N LEU A 175 32.86 -16.80 12.63
CA LEU A 175 33.62 -16.05 13.64
C LEU A 175 34.25 -16.95 14.70
N LEU A 176 33.43 -17.80 15.31
CA LEU A 176 33.91 -18.74 16.33
C LEU A 176 34.86 -19.80 15.73
N ASP A 177 34.41 -20.49 14.68
CA ASP A 177 35.21 -21.53 14.02
C ASP A 177 36.62 -21.09 13.68
N GLU A 178 36.77 -19.87 13.18
CA GLU A 178 38.10 -19.35 12.83
C GLU A 178 38.78 -18.73 14.05
N GLU A 179 38.15 -18.86 15.22
CA GLU A 179 38.70 -18.38 16.49
C GLU A 179 39.06 -16.88 16.54
N ILE A 180 38.53 -16.11 15.59
CA ILE A 180 38.68 -14.66 15.60
C ILE A 180 38.13 -14.09 16.90
N ILE A 181 37.26 -14.87 17.55
CA ILE A 181 36.58 -14.43 18.74
C ILE A 181 36.31 -15.64 19.63
N GLU A 182 36.27 -15.43 20.93
CA GLU A 182 35.96 -16.52 21.84
C GLU A 182 34.50 -16.47 22.28
N GLY A 183 33.83 -17.61 22.27
CA GLY A 183 32.44 -17.70 22.68
C GLY A 183 32.18 -17.06 24.03
N GLN A 184 33.13 -17.23 24.95
CA GLN A 184 32.95 -16.68 26.29
C GLN A 184 33.08 -15.15 26.31
N HIS A 185 33.56 -14.59 25.21
CA HIS A 185 33.57 -13.14 25.05
C HIS A 185 32.35 -12.67 24.24
N LEU A 186 31.47 -13.61 23.91
CA LEU A 186 30.25 -13.28 23.14
C LEU A 186 29.03 -13.20 24.06
N ILE A 187 28.34 -12.08 23.99
CA ILE A 187 27.15 -11.89 24.80
C ILE A 187 25.91 -11.70 23.90
N GLN A 188 25.03 -12.67 23.92
CA GLN A 188 23.83 -12.63 23.10
C GLN A 188 22.64 -12.14 23.91
N LEU A 189 22.11 -11.00 23.51
CA LEU A 189 21.04 -10.35 24.26
C LEU A 189 19.75 -10.37 23.45
N GLY A 190 18.73 -11.02 24.00
CA GLY A 190 17.41 -11.02 23.41
C GLY A 190 17.01 -12.30 22.69
N ILE A 191 17.86 -13.34 22.75
CA ILE A 191 17.54 -14.61 22.13
C ILE A 191 16.11 -15.06 22.49
N ARG A 192 15.30 -15.36 21.47
CA ARG A 192 13.85 -15.44 21.65
C ARG A 192 13.29 -16.86 21.50
N GLU A 193 12.34 -17.23 22.36
CA GLU A 193 11.60 -18.49 22.24
C GLU A 193 11.06 -18.70 20.81
N PHE A 194 11.35 -19.85 20.23
CA PHE A 194 10.85 -20.26 18.91
C PHE A 194 11.51 -19.53 17.77
N SER A 195 12.59 -18.80 18.04
CA SER A 195 13.35 -18.18 16.97
C SER A 195 14.60 -19.00 16.60
N ASN A 196 14.85 -20.10 17.31
CA ASN A 196 16.10 -20.86 17.14
C ASN A 196 15.97 -22.37 17.03
N SER A 197 17.09 -23.02 16.73
CA SER A 197 17.14 -24.48 16.58
C SER A 197 18.04 -25.14 17.60
N GLN A 198 17.57 -26.26 18.14
CA GLN A 198 18.31 -27.05 19.11
C GLN A 198 19.79 -27.20 18.75
N ALA A 199 20.07 -27.45 17.47
CA ALA A 199 21.46 -27.68 17.05
C ALA A 199 22.30 -26.41 17.24
N TYR A 200 21.77 -25.29 16.77
CA TYR A 200 22.50 -24.02 16.84
C TYR A 200 22.67 -23.47 18.26
N GLU A 201 21.68 -23.75 19.12
CA GLU A 201 21.80 -23.42 20.53
C GLU A 201 22.88 -24.30 21.16
N ALA A 202 22.90 -25.57 20.77
CA ALA A 202 23.91 -26.50 21.27
C ALA A 202 25.30 -26.05 20.82
N TYR A 203 25.44 -25.73 19.53
CA TYR A 203 26.68 -25.15 19.05
C TYR A 203 27.10 -23.94 19.89
N ALA A 204 26.13 -23.10 20.25
CA ALA A 204 26.42 -21.92 21.08
C ALA A 204 26.81 -22.29 22.51
N LYS A 205 26.00 -23.10 23.16
CA LYS A 205 26.31 -23.52 24.52
C LYS A 205 27.64 -24.28 24.55
N LYS A 206 27.96 -24.93 23.44
CA LYS A 206 29.20 -25.70 23.32
C LYS A 206 30.43 -24.80 23.33
N HIS A 207 30.28 -23.58 22.83
CA HIS A 207 31.39 -22.63 22.80
C HIS A 207 31.34 -21.68 23.98
N ASN A 208 30.52 -22.02 24.98
CA ASN A 208 30.37 -21.17 26.16
C ASN A 208 30.04 -19.72 25.87
N VAL A 209 29.13 -19.48 24.93
CA VAL A 209 28.68 -18.11 24.74
C VAL A 209 27.70 -17.75 25.85
N ASN A 210 27.70 -16.48 26.24
CA ASN A 210 26.78 -15.97 27.24
C ASN A 210 25.42 -15.65 26.60
N ILE A 211 24.46 -16.57 26.77
CA ILE A 211 23.15 -16.42 26.17
C ILE A 211 22.17 -15.83 27.17
N HIS A 212 21.54 -14.72 26.80
CA HIS A 212 20.46 -14.17 27.58
C HIS A 212 19.20 -14.06 26.76
N THR A 213 18.23 -14.89 27.10
CA THR A 213 16.97 -14.96 26.37
C THR A 213 16.09 -13.80 26.76
N MSE A 214 15.03 -13.59 26.00
CA MSE A 214 14.00 -12.62 26.36
C MSE A 214 13.39 -12.95 27.71
O MSE A 214 12.98 -12.04 28.43
CB MSE A 214 12.89 -12.59 25.30
CG MSE A 214 13.31 -11.96 23.99
SE MSE A 214 13.81 -10.10 24.21
CE MSE A 214 12.21 -9.46 25.13
N ASP A 215 13.30 -14.23 28.05
CA ASP A 215 12.70 -14.61 29.33
C ASP A 215 13.53 -14.13 30.51
N MSE A 216 14.83 -14.42 30.47
CA MSE A 216 15.78 -13.89 31.45
C MSE A 216 15.75 -12.35 31.45
O MSE A 216 15.68 -11.73 32.52
CB MSE A 216 17.18 -14.42 31.17
CG MSE A 216 17.23 -15.95 31.14
SE MSE A 216 18.75 -16.80 30.26
CE MSE A 216 18.20 -18.66 30.45
N ILE A 217 15.78 -11.72 30.28
CA ILE A 217 15.76 -10.26 30.23
C ILE A 217 14.47 -9.67 30.80
N ARG A 218 13.32 -10.30 30.54
CA ARG A 218 12.07 -9.79 31.10
C ARG A 218 11.95 -10.03 32.61
N GLU A 219 12.78 -10.94 33.13
CA GLU A 219 12.74 -11.27 34.55
C GLU A 219 13.72 -10.38 35.31
N LYS A 220 14.92 -10.23 34.76
CA LYS A 220 15.95 -9.45 35.41
C LYS A 220 15.90 -7.97 35.01
N GLY A 221 15.42 -7.68 33.80
CA GLY A 221 15.50 -6.33 33.26
C GLY A 221 16.76 -6.29 32.40
N LEU A 222 16.75 -5.49 31.33
CA LEU A 222 17.83 -5.52 30.34
C LEU A 222 19.12 -4.88 30.86
N ILE A 223 19.01 -3.68 31.41
CA ILE A 223 20.15 -3.02 32.02
C ILE A 223 20.75 -3.84 33.17
N PRO A 224 19.90 -4.26 34.13
CA PRO A 224 20.38 -5.17 35.17
C PRO A 224 21.15 -6.36 34.57
N THR A 225 20.63 -6.97 33.51
CA THR A 225 21.31 -8.10 32.88
C THR A 225 22.73 -7.70 32.42
N ILE A 226 22.81 -6.55 31.75
CA ILE A 226 24.05 -6.06 31.19
C ILE A 226 25.08 -5.72 32.27
N LYS A 227 24.66 -4.99 33.30
CA LYS A 227 25.56 -4.61 34.40
C LYS A 227 26.18 -5.83 35.05
N GLU A 228 25.46 -6.93 34.98
CA GLU A 228 25.86 -8.15 35.67
C GLU A 228 26.85 -8.95 34.85
N ILE A 229 26.73 -8.92 33.53
CA ILE A 229 27.58 -9.76 32.71
C ILE A 229 28.69 -9.00 31.99
N LEU A 230 28.43 -7.75 31.69
CA LEU A 230 29.34 -7.02 30.82
C LEU A 230 30.73 -6.84 31.43
N PRO A 231 30.81 -6.29 32.67
CA PRO A 231 32.12 -6.03 33.29
C PRO A 231 32.97 -7.30 33.41
N VAL A 232 32.34 -8.43 33.72
CA VAL A 232 33.03 -9.71 33.76
C VAL A 232 33.69 -10.04 32.42
N VAL A 233 33.01 -9.75 31.31
CA VAL A 233 33.58 -10.01 29.98
C VAL A 233 34.67 -9.00 29.62
N GLN A 234 34.46 -7.74 30.00
CA GLN A 234 35.46 -6.69 29.78
C GLN A 234 36.78 -7.01 30.48
N ASP A 235 36.68 -7.71 31.60
CA ASP A 235 37.86 -8.11 32.35
C ASP A 235 38.74 -9.04 31.51
N LYS A 236 38.11 -9.79 30.62
CA LYS A 236 38.82 -10.82 29.84
C LYS A 236 39.19 -10.32 28.45
N THR A 237 38.78 -9.11 28.10
CA THR A 237 39.01 -8.59 26.75
C THR A 237 39.60 -7.19 26.76
N ASP A 238 39.96 -6.72 25.57
CA ASP A 238 40.55 -5.40 25.37
C ASP A 238 39.55 -4.40 24.78
N PHE A 239 38.59 -4.90 24.00
CA PHE A 239 37.61 -4.04 23.36
C PHE A 239 36.23 -4.67 23.37
N ILE A 240 35.19 -3.86 23.20
CA ILE A 240 33.88 -4.43 22.95
C ILE A 240 33.28 -3.83 21.71
N PHE A 241 32.59 -4.66 20.94
CA PHE A 241 31.92 -4.26 19.73
C PHE A 241 30.44 -4.50 19.93
N ILE A 242 29.63 -3.51 19.58
CA ILE A 242 28.18 -3.61 19.68
C ILE A 242 27.58 -3.97 18.31
N SER A 243 27.03 -5.18 18.20
CA SER A 243 26.30 -5.61 16.99
C SER A 243 24.80 -5.54 17.24
N VAL A 244 24.13 -4.62 16.58
CA VAL A 244 22.69 -4.49 16.79
C VAL A 244 21.92 -5.11 15.62
N ASP A 245 21.37 -6.30 15.81
CA ASP A 245 20.44 -6.84 14.82
C ASP A 245 19.03 -6.35 15.18
N MSE A 246 18.46 -5.51 14.33
CA MSE A 246 17.21 -4.84 14.63
C MSE A 246 16.04 -5.81 14.85
O MSE A 246 15.03 -5.43 15.44
CB MSE A 246 16.84 -3.80 13.55
CG MSE A 246 17.80 -2.57 13.51
SE MSE A 246 17.86 -1.57 15.21
CE MSE A 246 16.25 -0.47 14.98
N ASP A 247 16.17 -7.05 14.39
CA ASP A 247 15.09 -8.00 14.59
C ASP A 247 15.06 -8.50 16.03
N VAL A 248 15.96 -7.98 16.87
CA VAL A 248 15.85 -8.22 18.30
C VAL A 248 14.57 -7.51 18.78
N LEU A 249 14.13 -6.50 18.03
CA LEU A 249 12.95 -5.74 18.46
C LEU A 249 11.62 -6.45 18.16
N ASP A 250 10.64 -6.28 19.04
CA ASP A 250 9.30 -6.79 18.79
C ASP A 250 8.79 -6.37 17.41
N GLN A 251 8.00 -7.22 16.74
CA GLN A 251 7.56 -6.84 15.40
C GLN A 251 6.80 -5.50 15.44
N SER A 252 6.11 -5.23 16.54
CA SER A 252 5.35 -3.99 16.63
C SER A 252 6.26 -2.78 16.59
N HIS A 253 7.49 -2.96 17.06
CA HIS A 253 8.46 -1.85 17.12
C HIS A 253 9.41 -1.76 15.93
N ALA A 254 9.58 -2.86 15.21
CA ALA A 254 10.46 -2.90 14.05
C ALA A 254 9.82 -3.75 12.94
N PRO A 255 8.79 -3.18 12.26
CA PRO A 255 8.06 -3.96 11.26
C PRO A 255 8.89 -4.21 9.99
N GLY A 256 9.97 -3.47 9.81
CA GLY A 256 10.80 -3.60 8.61
C GLY A 256 11.97 -4.56 8.71
N CYS A 257 11.92 -5.52 9.62
CA CYS A 257 12.97 -6.55 9.68
C CYS A 257 12.48 -7.80 8.97
N PRO A 258 13.34 -8.44 8.16
CA PRO A 258 12.87 -9.65 7.50
C PRO A 258 12.24 -10.63 8.47
N ALA A 259 12.93 -10.91 9.58
CA ALA A 259 12.45 -11.83 10.62
C ALA A 259 11.70 -11.14 11.77
N ILE A 260 10.40 -10.94 11.59
CA ILE A 260 9.54 -10.37 12.59
C ILE A 260 8.71 -11.45 13.29
N GLY A 261 8.31 -11.15 14.52
CA GLY A 261 7.47 -12.02 15.31
C GLY A 261 7.25 -11.29 16.64
N PRO A 262 6.40 -11.85 17.50
CA PRO A 262 6.06 -11.18 18.76
C PRO A 262 7.06 -11.55 19.81
N GLY A 263 7.21 -10.73 20.84
CA GLY A 263 8.03 -11.06 22.01
C GLY A 263 9.47 -10.56 21.96
N GLY A 264 9.70 -9.43 21.32
CA GLY A 264 11.03 -8.84 21.27
C GLY A 264 11.18 -7.71 22.27
N LEU A 265 12.26 -6.93 22.13
CA LEU A 265 12.49 -5.77 22.97
C LEU A 265 11.69 -4.61 22.42
N TYR A 266 11.44 -3.63 23.26
CA TYR A 266 10.88 -2.38 22.81
C TYR A 266 12.01 -1.40 22.50
N THR A 267 11.74 -0.41 21.66
CA THR A 267 12.81 0.44 21.16
C THR A 267 13.46 1.32 22.25
N ASP A 268 12.66 1.86 23.15
CA ASP A 268 13.23 2.68 24.25
C ASP A 268 14.11 1.82 25.16
N GLU A 269 13.74 0.56 25.31
CA GLU A 269 14.48 -0.39 26.11
C GLU A 269 15.84 -0.70 25.45
N LEU A 270 15.88 -0.73 24.12
CA LEU A 270 17.13 -0.99 23.41
C LEU A 270 18.01 0.27 23.35
N LEU A 271 17.38 1.43 23.18
CA LEU A 271 18.11 2.70 23.14
C LEU A 271 18.89 2.94 24.45
N GLU A 272 18.22 2.69 25.57
CA GLU A 272 18.82 2.87 26.88
C GLU A 272 20.02 1.95 27.02
N ALA A 273 19.84 0.67 26.69
CA ALA A 273 20.90 -0.31 26.80
C ALA A 273 22.09 0.08 25.93
N VAL A 274 21.81 0.60 24.73
CA VAL A 274 22.89 0.98 23.83
C VAL A 274 23.66 2.17 24.36
N LYS A 275 22.95 3.15 24.90
CA LYS A 275 23.60 4.29 25.56
C LYS A 275 24.48 3.79 26.69
N TYR A 276 23.98 2.84 27.47
CA TYR A 276 24.70 2.38 28.63
C TYR A 276 25.99 1.61 28.25
N ILE A 277 25.91 0.75 27.24
CA ILE A 277 27.08 0.05 26.75
C ILE A 277 28.08 1.04 26.15
N ALA A 278 27.58 2.07 25.49
CA ALA A 278 28.46 2.98 24.74
C ALA A 278 29.29 3.92 25.62
N GLN A 279 29.02 3.95 26.92
CA GLN A 279 29.84 4.69 27.88
C GLN A 279 31.02 3.87 28.38
N GLN A 280 30.95 2.56 28.21
CA GLN A 280 31.96 1.68 28.77
C GLN A 280 33.28 1.93 28.09
N PRO A 281 34.37 1.41 28.69
CA PRO A 281 35.73 1.61 28.23
C PRO A 281 35.96 0.90 26.93
N ASN A 282 36.57 1.59 25.98
CA ASN A 282 37.11 0.96 24.80
C ASN A 282 36.08 0.31 23.88
N VAL A 283 34.98 1.03 23.64
CA VAL A 283 34.01 0.66 22.62
C VAL A 283 34.64 0.92 21.27
N ALA A 284 34.90 -0.13 20.51
CA ALA A 284 35.63 0.02 19.26
C ALA A 284 34.73 0.29 18.06
N GLY A 285 33.41 0.17 18.26
CA GLY A 285 32.47 0.28 17.16
C GLY A 285 31.06 -0.22 17.43
N ILE A 286 30.14 0.14 16.53
CA ILE A 286 28.77 -0.36 16.55
C ILE A 286 28.27 -0.57 15.13
N GLU A 287 27.49 -1.63 14.92
CA GLU A 287 26.87 -1.86 13.64
C GLU A 287 25.37 -2.15 13.80
N ILE A 288 24.63 -1.87 12.75
CA ILE A 288 23.18 -2.08 12.71
C ILE A 288 22.82 -2.91 11.47
N VAL A 289 22.23 -4.07 11.68
CA VAL A 289 21.89 -4.94 10.57
C VAL A 289 20.39 -5.26 10.51
N GLU A 290 19.97 -5.84 9.38
CA GLU A 290 18.64 -6.37 9.21
C GLU A 290 17.52 -5.33 9.22
N VAL A 291 17.84 -4.08 8.88
CA VAL A 291 16.81 -3.11 8.52
C VAL A 291 16.53 -3.23 7.03
N ASP A 292 15.25 -3.38 6.66
CA ASP A 292 14.86 -3.51 5.26
C ASP A 292 13.76 -2.52 4.87
N PRO A 293 14.15 -1.38 4.30
CA PRO A 293 13.17 -0.33 4.02
C PRO A 293 12.04 -0.78 3.11
N THR A 294 12.24 -1.83 2.30
CA THR A 294 11.17 -2.30 1.42
C THR A 294 10.05 -3.01 2.20
N LEU A 295 10.33 -3.47 3.42
CA LEU A 295 9.30 -4.16 4.20
C LEU A 295 8.73 -3.24 5.28
N ASP A 296 9.15 -1.99 5.31
CA ASP A 296 8.86 -1.14 6.46
C ASP A 296 7.52 -0.40 6.32
N PHE A 297 7.02 0.12 7.43
CA PHE A 297 5.92 1.06 7.35
C PHE A 297 6.47 2.44 7.50
N ARG A 298 6.16 3.29 6.53
CA ARG A 298 6.83 4.57 6.36
C ARG A 298 8.30 4.26 6.51
N ASP A 299 9.01 4.90 7.43
CA ASP A 299 10.42 4.55 7.63
C ASP A 299 10.74 4.21 9.09
N MSE A 300 9.73 3.71 9.81
CA MSE A 300 9.82 3.47 11.24
C MSE A 300 11.09 2.79 11.71
O MSE A 300 11.63 3.16 12.72
CB MSE A 300 8.63 2.63 11.72
CG MSE A 300 7.36 3.43 11.83
SE MSE A 300 5.91 2.26 12.42
CE MSE A 300 6.78 1.27 13.84
N THR A 301 11.51 1.74 11.01
CA THR A 301 12.63 0.95 11.49
C THR A 301 13.95 1.67 11.20
N SER A 302 13.99 2.39 10.08
CA SER A 302 15.15 3.24 9.81
C SER A 302 15.25 4.34 10.88
N ARG A 303 14.12 4.91 11.29
CA ARG A 303 14.13 5.90 12.36
C ARG A 303 14.60 5.22 13.65
N ALA A 304 14.06 4.05 13.97
CA ALA A 304 14.57 3.33 15.14
C ALA A 304 16.10 3.18 15.09
N ALA A 305 16.62 2.67 13.97
CA ALA A 305 18.06 2.51 13.81
C ALA A 305 18.81 3.83 13.95
N ALA A 306 18.26 4.91 13.38
CA ALA A 306 18.93 6.19 13.49
C ALA A 306 19.02 6.61 14.96
N HIS A 307 18.00 6.30 15.75
CA HIS A 307 18.03 6.64 17.16
C HIS A 307 19.01 5.77 17.93
N VAL A 308 19.23 4.55 17.45
CA VAL A 308 20.24 3.69 18.03
C VAL A 308 21.60 4.38 17.95
N LEU A 309 21.86 5.04 16.82
CA LEU A 309 23.12 5.73 16.56
C LEU A 309 23.25 6.94 17.49
N LEU A 310 22.22 7.77 17.51
CA LEU A 310 22.15 8.93 18.39
C LEU A 310 22.44 8.56 19.87
N HIS A 311 21.82 7.50 20.36
CA HIS A 311 22.08 7.03 21.72
C HIS A 311 23.47 6.41 21.91
N ALA A 312 24.00 5.79 20.85
CA ALA A 312 25.40 5.36 20.85
C ALA A 312 26.31 6.59 20.99
N LEU A 313 26.09 7.59 20.14
CA LEU A 313 26.89 8.83 20.20
C LEU A 313 26.78 9.47 21.58
N LYS A 314 25.56 9.51 22.11
CA LYS A 314 25.28 10.07 23.42
C LYS A 314 26.05 9.37 24.53
N GLY A 315 26.07 8.04 24.52
CA GLY A 315 26.81 7.30 25.52
C GLY A 315 28.31 7.59 25.42
N MSE A 316 28.78 7.68 24.19
CA MSE A 316 30.21 7.93 23.96
C MSE A 316 30.63 9.27 24.53
O MSE A 316 31.74 9.41 25.01
CB MSE A 316 30.55 7.88 22.47
CG MSE A 316 30.65 6.47 21.92
SE MSE A 316 30.81 6.45 19.98
CE MSE A 316 30.41 4.56 19.70
N LYS A 317 29.74 10.26 24.44
CA LYS A 317 30.05 11.60 24.90
C LYS A 317 29.95 11.66 26.43
N LEU A 318 29.22 10.69 26.99
CA LEU A 318 29.06 10.51 28.42
C LEU A 318 30.19 9.70 29.06
N SER A 319 30.87 8.89 28.26
CA SER A 319 31.81 7.93 28.82
C SER A 319 32.85 8.59 29.73
N PRO A 320 33.01 8.03 30.94
CA PRO A 320 34.02 8.44 31.92
C PRO A 320 35.42 7.90 31.56
N PHE A 321 35.71 7.75 30.28
CA PHE A 321 37.00 7.19 29.89
C PHE A 321 37.62 7.92 28.72
N MSE B 4 13.52 -39.33 -10.76
CA MSE B 4 13.36 -37.98 -10.20
C MSE B 4 14.63 -37.49 -9.49
O MSE B 4 14.99 -36.31 -9.62
CB MSE B 4 12.17 -37.94 -9.24
CG MSE B 4 11.50 -39.29 -8.96
SE MSE B 4 12.60 -40.55 -7.94
CE MSE B 4 11.30 -41.08 -6.58
N ASP B 5 15.30 -38.37 -8.76
CA ASP B 5 16.58 -38.06 -8.12
C ASP B 5 17.64 -37.94 -9.22
N LYS B 6 17.23 -38.36 -10.41
CA LYS B 6 18.00 -38.26 -11.64
C LYS B 6 18.43 -36.81 -11.97
N TYR B 7 17.71 -35.84 -11.45
CA TYR B 7 17.99 -34.44 -11.75
C TYR B 7 18.29 -33.67 -10.48
N PRO B 8 19.55 -33.71 -10.04
CA PRO B 8 19.91 -33.25 -8.69
C PRO B 8 19.66 -31.76 -8.46
N PHE B 9 19.53 -30.97 -9.52
CA PHE B 9 19.25 -29.55 -9.32
C PHE B 9 17.79 -29.20 -9.63
N LEU B 10 16.95 -30.22 -9.77
CA LEU B 10 15.51 -30.02 -9.93
C LEU B 10 14.80 -30.29 -8.62
N ARG B 11 13.93 -29.36 -8.21
CA ARG B 11 13.17 -29.56 -6.99
C ARG B 11 11.70 -29.20 -7.23
N GLU B 12 10.84 -29.62 -6.33
CA GLU B 12 9.41 -29.37 -6.43
C GLU B 12 9.07 -27.88 -6.34
N ALA B 13 8.09 -27.47 -7.14
CA ALA B 13 7.69 -26.07 -7.26
C ALA B 13 7.41 -25.43 -5.92
N GLY B 14 7.95 -24.23 -5.71
CA GLY B 14 7.81 -23.51 -4.46
C GLY B 14 8.78 -23.87 -3.33
N SER B 15 9.70 -24.79 -3.60
CA SER B 15 10.65 -25.24 -2.58
C SER B 15 11.69 -24.19 -2.26
N SER B 16 11.68 -23.68 -1.02
CA SER B 16 12.78 -22.84 -0.56
C SER B 16 13.89 -23.77 -0.13
N PHE B 17 14.98 -23.23 0.41
CA PHE B 17 16.11 -24.07 0.77
C PHE B 17 15.91 -24.66 2.17
N LYS B 18 16.29 -25.92 2.34
CA LYS B 18 16.17 -26.56 3.64
C LYS B 18 17.53 -26.62 4.35
N ASP B 19 17.51 -26.38 5.66
CA ASP B 19 18.70 -26.53 6.50
C ASP B 19 18.58 -27.85 7.24
N ARG B 20 19.54 -28.74 7.03
CA ARG B 20 19.51 -30.04 7.69
C ARG B 20 19.39 -29.89 9.22
N ASP B 21 20.01 -28.86 9.76
CA ASP B 21 20.06 -28.66 11.21
C ASP B 21 18.94 -27.77 11.80
N VAL B 22 17.97 -27.41 10.97
CA VAL B 22 16.80 -26.68 11.44
C VAL B 22 15.55 -27.55 11.36
N THR B 23 14.67 -27.44 12.34
CA THR B 23 13.39 -28.14 12.29
C THR B 23 12.19 -27.18 12.39
N LYS B 24 11.57 -26.94 11.25
CA LYS B 24 10.41 -26.06 11.18
C LYS B 24 9.16 -26.89 11.32
N MSE B 25 8.06 -26.24 11.68
CA MSE B 25 6.75 -26.90 11.74
C MSE B 25 6.41 -27.57 10.41
O MSE B 25 5.64 -28.53 10.36
CB MSE B 25 5.66 -25.93 12.15
CG MSE B 25 5.79 -25.48 13.59
SE MSE B 25 5.65 -26.99 14.84
CE MSE B 25 3.79 -27.40 14.50
N SER B 26 7.01 -27.07 9.32
CA SER B 26 6.79 -27.62 7.98
C SER B 26 7.35 -29.05 7.88
N ASP B 27 8.48 -29.29 8.55
CA ASP B 27 9.07 -30.63 8.59
C ASP B 27 8.29 -31.57 9.49
N LEU B 28 7.17 -31.12 10.02
CA LEU B 28 6.46 -31.91 11.03
C LEU B 28 4.97 -32.07 10.72
N ILE B 29 4.44 -31.18 9.89
CA ILE B 29 3.01 -31.17 9.59
C ILE B 29 2.74 -31.98 8.32
N ALA B 30 1.80 -32.92 8.40
CA ALA B 30 1.49 -33.80 7.27
C ALA B 30 0.01 -33.76 6.93
N THR B 31 -0.33 -33.81 5.64
CA THR B 31 -1.75 -33.87 5.25
C THR B 31 -2.35 -35.16 5.81
N TRP B 32 -3.55 -35.06 6.36
CA TRP B 32 -4.22 -36.21 6.96
C TRP B 32 -4.67 -37.17 5.86
N ASP B 33 -4.31 -38.45 5.99
CA ASP B 33 -4.70 -39.46 5.01
C ASP B 33 -5.90 -40.26 5.49
N GLY B 34 -6.40 -39.90 6.68
CA GLY B 34 -7.51 -40.60 7.29
C GLY B 34 -7.10 -41.31 8.57
N GLN B 35 -5.80 -41.54 8.73
CA GLN B 35 -5.25 -42.29 9.86
C GLN B 35 -5.83 -41.83 11.20
N ASP B 36 -5.42 -42.49 12.27
CA ASP B 36 -6.01 -42.22 13.57
C ASP B 36 -5.30 -41.08 14.27
N ILE B 37 -6.10 -40.13 14.74
CA ILE B 37 -5.60 -38.89 15.31
C ILE B 37 -5.26 -39.02 16.79
N LYS B 38 -4.00 -38.80 17.11
CA LYS B 38 -3.52 -38.88 18.48
C LYS B 38 -2.90 -37.55 18.89
N GLY B 39 -3.66 -36.72 19.59
CA GLY B 39 -3.18 -35.43 20.03
C GLY B 39 -3.69 -34.27 19.18
N PRO B 40 -2.88 -33.23 19.04
CA PRO B 40 -3.26 -32.04 18.28
C PRO B 40 -3.30 -32.31 16.78
N ALA B 41 -4.26 -31.69 16.12
CA ALA B 41 -4.31 -31.69 14.67
C ALA B 41 -4.93 -30.36 14.23
N LEU B 42 -4.42 -29.85 13.11
CA LEU B 42 -4.88 -28.57 12.56
C LEU B 42 -6.16 -28.74 11.77
N ILE B 43 -6.98 -27.71 11.76
CA ILE B 43 -8.14 -27.70 10.87
C ILE B 43 -8.62 -26.27 10.63
N GLY B 44 -8.72 -25.88 9.37
CA GLY B 44 -9.15 -24.54 9.01
C GLY B 44 -10.65 -24.45 8.78
N VAL B 45 -11.19 -23.29 9.12
CA VAL B 45 -12.59 -22.96 8.91
C VAL B 45 -12.67 -21.61 8.21
N PRO B 46 -12.45 -21.59 6.88
CA PRO B 46 -12.32 -20.36 6.10
C PRO B 46 -13.65 -19.65 5.89
N LEU B 47 -14.24 -19.16 6.98
CA LEU B 47 -15.54 -18.49 6.94
C LEU B 47 -15.45 -17.04 7.46
N SER B 48 -15.87 -16.08 6.65
CA SER B 48 -15.88 -14.70 7.13
C SER B 48 -17.05 -13.86 6.60
N LYS B 49 -17.87 -14.43 5.73
CA LYS B 49 -19.02 -13.70 5.22
C LYS B 49 -20.02 -13.45 6.36
N SER B 50 -19.88 -14.21 7.44
CA SER B 50 -20.75 -14.06 8.61
C SER B 50 -20.36 -12.86 9.47
N SER B 51 -19.30 -12.16 9.04
CA SER B 51 -18.80 -11.02 9.79
C SER B 51 -19.66 -9.79 9.56
N ILE B 52 -19.88 -9.05 10.63
CA ILE B 52 -20.64 -7.81 10.54
C ILE B 52 -19.87 -6.81 9.67
N SER B 53 -18.59 -6.60 9.98
CA SER B 53 -17.77 -5.73 9.11
C SER B 53 -17.28 -6.54 7.93
N HIS B 54 -16.92 -5.86 6.86
CA HIS B 54 -16.30 -6.53 5.72
C HIS B 54 -15.05 -7.26 6.21
N SER B 55 -14.93 -8.55 5.92
CA SER B 55 -13.86 -9.34 6.53
C SER B 55 -13.24 -10.35 5.60
N GLY B 56 -11.91 -10.37 5.59
CA GLY B 56 -11.17 -11.35 4.82
C GLY B 56 -10.64 -12.44 5.70
N ALA B 57 -11.24 -12.64 6.87
CA ALA B 57 -10.74 -13.65 7.79
C ALA B 57 -10.81 -15.06 7.17
N SER B 58 -11.59 -15.20 6.11
CA SER B 58 -11.61 -16.47 5.39
C SER B 58 -10.24 -16.82 4.81
N PHE B 59 -9.35 -15.84 4.67
CA PHE B 59 -8.00 -16.15 4.20
C PHE B 59 -7.00 -16.56 5.30
N ALA B 60 -7.38 -16.38 6.57
CA ALA B 60 -6.48 -16.58 7.70
C ALA B 60 -6.00 -18.02 7.85
N PRO B 61 -6.85 -19.00 7.54
CA PRO B 61 -6.32 -20.35 7.69
C PRO B 61 -5.08 -20.56 6.82
N GLY B 62 -5.12 -20.08 5.56
CA GLY B 62 -3.94 -20.06 4.70
C GLY B 62 -2.74 -19.30 5.30
N THR B 63 -2.92 -18.02 5.61
CA THR B 63 -1.79 -17.20 6.07
C THR B 63 -1.22 -17.66 7.43
N ILE B 64 -2.09 -18.06 8.34
CA ILE B 64 -1.65 -18.64 9.61
C ILE B 64 -0.89 -19.94 9.38
N ARG B 65 -1.39 -20.77 8.48
CA ARG B 65 -0.71 -22.04 8.19
C ARG B 65 0.67 -21.73 7.65
N GLN B 66 0.77 -20.75 6.76
CA GLN B 66 2.06 -20.38 6.20
C GLN B 66 3.00 -19.88 7.32
N ALA B 67 2.50 -19.03 8.20
CA ALA B 67 3.32 -18.49 9.28
C ALA B 67 3.80 -19.58 10.23
N LEU B 68 2.89 -20.49 10.58
CA LEU B 68 3.22 -21.58 11.47
C LEU B 68 4.31 -22.46 10.83
N LYS B 69 4.03 -22.95 9.63
CA LYS B 69 4.97 -23.79 8.89
C LYS B 69 6.39 -23.22 8.80
N HIS B 70 6.51 -21.89 8.77
CA HIS B 70 7.84 -21.30 8.66
C HIS B 70 8.51 -21.02 10.00
N SER B 71 7.90 -21.49 11.09
CA SER B 71 8.40 -21.23 12.45
C SER B 71 9.16 -22.44 12.98
N SER B 72 10.23 -22.20 13.73
CA SER B 72 10.91 -23.28 14.42
C SER B 72 9.92 -23.94 15.37
N ALA B 73 10.02 -25.25 15.52
CA ALA B 73 9.19 -26.00 16.47
C ALA B 73 9.91 -26.14 17.81
N TYR B 74 11.16 -25.69 17.84
CA TYR B 74 11.98 -25.94 19.01
C TYR B 74 11.72 -24.90 20.09
N SER B 75 11.31 -25.37 21.28
CA SER B 75 11.17 -24.51 22.44
C SER B 75 12.45 -24.58 23.26
N ALA B 76 13.15 -23.46 23.37
CA ALA B 76 14.38 -23.42 24.16
C ALA B 76 14.08 -23.61 25.64
N GLU B 77 12.94 -23.06 26.07
CA GLU B 77 12.52 -23.14 27.46
C GLU B 77 12.18 -24.56 27.85
N LEU B 78 11.96 -25.40 26.85
CA LEU B 78 11.56 -26.79 27.06
C LEU B 78 12.73 -27.71 26.81
N GLY B 79 13.71 -27.23 26.05
CA GLY B 79 14.82 -28.05 25.63
C GLY B 79 14.40 -29.12 24.63
N GLU B 80 13.21 -28.96 24.04
CA GLU B 80 12.72 -29.92 23.06
C GLU B 80 11.68 -29.31 22.10
N HIS B 81 11.38 -30.05 21.05
CA HIS B 81 10.40 -29.57 20.09
C HIS B 81 9.00 -29.69 20.69
N VAL B 82 8.09 -28.81 20.26
CA VAL B 82 6.74 -28.78 20.82
C VAL B 82 5.87 -29.82 20.15
N VAL B 83 6.39 -30.38 19.06
CA VAL B 83 5.83 -31.55 18.41
C VAL B 83 6.98 -32.53 18.23
N SER B 84 6.75 -33.79 18.53
CA SER B 84 7.81 -34.79 18.41
C SER B 84 7.48 -35.79 17.34
N GLU B 85 6.18 -36.10 17.24
CA GLU B 85 5.67 -37.10 16.32
C GLU B 85 5.51 -36.51 14.92
N LEU B 86 4.28 -36.15 14.62
CA LEU B 86 3.97 -35.35 13.47
C LEU B 86 2.72 -34.61 13.86
N LEU B 87 2.33 -33.62 13.07
CA LEU B 87 1.09 -32.89 13.31
C LEU B 87 0.25 -32.94 12.05
N TYR B 88 -0.90 -33.58 12.14
CA TYR B 88 -1.76 -33.75 10.98
C TYR B 88 -2.53 -32.48 10.69
N ASP B 89 -2.55 -32.09 9.42
CA ASP B 89 -3.45 -31.05 8.95
C ASP B 89 -4.66 -31.74 8.34
N LEU B 90 -5.74 -31.81 9.10
CA LEU B 90 -6.95 -32.47 8.64
C LEU B 90 -7.43 -31.85 7.34
N GLY B 91 -7.31 -30.53 7.24
CA GLY B 91 -7.82 -29.78 6.10
C GLY B 91 -8.72 -28.63 6.50
N ASP B 92 -9.48 -28.11 5.54
CA ASP B 92 -10.47 -27.06 5.78
C ASP B 92 -11.85 -27.67 5.73
N ILE B 93 -12.76 -27.23 6.58
CA ILE B 93 -14.13 -27.67 6.41
C ILE B 93 -14.75 -26.84 5.26
N ASP B 94 -15.44 -27.51 4.34
CA ASP B 94 -16.00 -26.82 3.17
C ASP B 94 -17.00 -25.77 3.58
N ILE B 95 -16.76 -24.53 3.17
CA ILE B 95 -17.64 -23.42 3.48
C ILE B 95 -18.42 -23.08 2.22
N HIS B 96 -19.73 -22.98 2.32
CA HIS B 96 -20.56 -22.61 1.17
C HIS B 96 -20.31 -21.16 0.78
N VAL B 97 -20.19 -20.87 -0.51
CA VAL B 97 -19.98 -19.49 -0.92
C VAL B 97 -21.12 -18.58 -0.47
N THR B 98 -22.34 -19.13 -0.40
CA THR B 98 -23.55 -18.33 -0.24
C THR B 98 -24.32 -18.53 1.07
N ASP B 99 -24.37 -19.76 1.56
CA ASP B 99 -25.30 -20.11 2.61
C ASP B 99 -24.58 -20.25 3.96
N ILE B 100 -24.63 -19.18 4.75
CA ILE B 100 -23.92 -19.14 6.05
C ILE B 100 -24.39 -20.23 7.02
N VAL B 101 -25.70 -20.42 7.10
CA VAL B 101 -26.26 -21.39 8.03
C VAL B 101 -25.87 -22.81 7.66
N LYS B 102 -25.93 -23.13 6.38
CA LYS B 102 -25.41 -24.40 5.90
C LYS B 102 -23.93 -24.55 6.27
N SER B 103 -23.13 -23.50 6.06
CA SER B 103 -21.72 -23.54 6.44
C SER B 103 -21.55 -23.86 7.93
N HIS B 104 -22.42 -23.32 8.76
CA HIS B 104 -22.31 -23.57 10.20
C HIS B 104 -22.64 -25.03 10.46
N HIS B 105 -23.69 -25.52 9.82
CA HIS B 105 -24.04 -26.93 9.94
C HIS B 105 -22.85 -27.79 9.53
N HIS B 106 -22.23 -27.45 8.41
CA HIS B 106 -21.07 -28.17 7.92
C HIS B 106 -20.01 -28.27 9.01
N ILE B 107 -19.73 -27.15 9.67
CA ILE B 107 -18.71 -27.08 10.71
C ILE B 107 -19.08 -27.95 11.90
N PHE B 108 -20.29 -27.77 12.42
CA PHE B 108 -20.72 -28.56 13.57
C PHE B 108 -20.65 -30.05 13.27
N GLN B 109 -21.10 -30.42 12.09
CA GLN B 109 -21.24 -31.83 11.75
C GLN B 109 -19.89 -32.46 11.46
N THR B 110 -19.01 -31.73 10.77
CA THR B 110 -17.67 -32.24 10.54
C THR B 110 -16.98 -32.40 11.89
N MSE B 111 -17.15 -31.37 12.71
CA MSE B 111 -16.53 -31.32 14.03
C MSE B 111 -17.05 -32.48 14.91
O MSE B 111 -16.27 -33.26 15.44
CB MSE B 111 -16.83 -29.96 14.66
CG MSE B 111 -15.69 -29.36 15.45
SE MSE B 111 -14.18 -28.69 14.40
CE MSE B 111 -12.87 -28.92 15.81
N HIS B 112 -18.37 -32.57 15.05
CA HIS B 112 -18.97 -33.67 15.82
C HIS B 112 -18.52 -35.05 15.32
N ALA B 113 -18.52 -35.23 14.00
CA ALA B 113 -18.13 -36.49 13.38
C ALA B 113 -16.70 -36.86 13.73
N LEU B 114 -15.80 -35.90 13.57
CA LEU B 114 -14.37 -36.09 13.75
C LEU B 114 -14.02 -36.39 15.21
N LEU B 115 -14.54 -35.58 16.12
CA LEU B 115 -14.24 -35.76 17.53
C LEU B 115 -14.72 -37.12 18.00
N SER B 116 -15.82 -37.58 17.41
CA SER B 116 -16.41 -38.86 17.78
C SER B 116 -15.57 -40.03 17.31
N ASP B 117 -15.12 -39.97 16.06
CA ASP B 117 -14.34 -41.05 15.48
C ASP B 117 -12.86 -41.03 15.88
N HIS B 118 -12.41 -39.92 16.45
CA HIS B 118 -11.05 -39.85 16.97
C HIS B 118 -11.05 -39.24 18.35
N PRO B 119 -11.32 -40.05 19.37
CA PRO B 119 -11.46 -39.61 20.76
C PRO B 119 -10.25 -38.83 21.24
N ASP B 120 -9.10 -39.05 20.63
CA ASP B 120 -7.87 -38.43 21.12
C ASP B 120 -7.51 -37.14 20.38
N TRP B 121 -8.45 -36.61 19.61
CA TRP B 121 -8.16 -35.38 18.87
C TRP B 121 -8.28 -34.16 19.76
N VAL B 122 -7.24 -33.35 19.75
CA VAL B 122 -7.29 -32.02 20.35
C VAL B 122 -7.23 -31.05 19.19
N PRO B 123 -8.38 -30.49 18.81
CA PRO B 123 -8.45 -29.56 17.68
C PRO B 123 -7.56 -28.33 17.83
N LEU B 124 -6.80 -28.03 16.79
CA LEU B 124 -6.15 -26.73 16.65
C LEU B 124 -6.85 -26.04 15.50
N ILE B 125 -7.88 -25.25 15.82
CA ILE B 125 -8.76 -24.67 14.80
C ILE B 125 -8.30 -23.29 14.32
N LEU B 126 -8.30 -23.08 13.01
CA LEU B 126 -7.95 -21.79 12.46
C LEU B 126 -9.15 -21.11 11.83
N GLY B 127 -9.61 -20.03 12.44
CA GLY B 127 -10.67 -19.22 11.88
C GLY B 127 -10.13 -18.44 10.70
N GLY B 128 -10.99 -17.76 9.95
CA GLY B 128 -12.43 -17.74 10.20
C GLY B 128 -12.77 -16.63 11.18
N ASP B 129 -13.98 -16.10 11.08
CA ASP B 129 -14.41 -15.10 12.04
C ASP B 129 -14.95 -15.78 13.29
N ASN B 130 -15.45 -14.99 14.24
CA ASN B 130 -15.76 -15.54 15.56
C ASN B 130 -17.08 -16.31 15.55
N SER B 131 -17.84 -16.22 14.45
CA SER B 131 -19.14 -16.88 14.42
C SER B 131 -18.98 -18.38 14.48
N ILE B 132 -17.80 -18.88 14.11
CA ILE B 132 -17.55 -20.32 14.11
C ILE B 132 -17.62 -20.94 15.53
N SER B 133 -17.26 -20.16 16.55
CA SER B 133 -17.19 -20.67 17.92
C SER B 133 -18.40 -21.47 18.37
N TYR B 134 -19.58 -21.02 17.94
CA TYR B 134 -20.82 -21.69 18.30
C TYR B 134 -20.79 -23.17 17.90
N SER B 135 -20.50 -23.42 16.63
CA SER B 135 -20.51 -24.77 16.10
C SER B 135 -19.32 -25.60 16.58
N THR B 136 -18.18 -24.94 16.78
CA THR B 136 -17.01 -25.65 17.25
C THR B 136 -17.17 -26.09 18.71
N ILE B 137 -17.61 -25.17 19.56
CA ILE B 137 -17.77 -25.47 20.98
C ILE B 137 -18.91 -26.45 21.22
N LYS B 138 -19.98 -26.32 20.44
CA LYS B 138 -21.07 -27.28 20.53
C LYS B 138 -20.61 -28.69 20.21
N ALA B 139 -19.81 -28.83 19.14
CA ALA B 139 -19.23 -30.12 18.82
C ALA B 139 -18.41 -30.66 19.99
N ILE B 140 -17.62 -29.79 20.62
CA ILE B 140 -16.84 -30.20 21.79
C ILE B 140 -17.73 -30.58 22.96
N ALA B 141 -18.69 -29.72 23.28
CA ALA B 141 -19.55 -29.94 24.44
C ALA B 141 -20.34 -31.25 24.33
N GLN B 142 -20.90 -31.50 23.15
CA GLN B 142 -21.76 -32.68 22.95
C GLN B 142 -20.98 -33.96 22.65
N THR B 143 -19.70 -33.80 22.31
CA THR B 143 -18.84 -34.92 22.04
C THR B 143 -18.01 -35.30 23.27
N LYS B 144 -17.62 -34.29 24.06
CA LYS B 144 -16.68 -34.50 25.16
C LYS B 144 -17.34 -34.42 26.53
N GLY B 145 -18.25 -33.47 26.70
CA GLY B 145 -18.94 -33.33 27.97
C GLY B 145 -19.02 -31.88 28.43
N THR B 146 -19.12 -31.70 29.74
CA THR B 146 -19.17 -30.37 30.34
C THR B 146 -17.88 -29.59 30.06
N THR B 147 -18.00 -28.43 29.43
CA THR B 147 -16.82 -27.68 29.03
C THR B 147 -16.79 -26.27 29.59
N ALA B 148 -15.64 -25.88 30.13
CA ALA B 148 -15.39 -24.48 30.48
C ALA B 148 -14.82 -23.79 29.25
N VAL B 149 -15.23 -22.55 29.01
CA VAL B 149 -14.72 -21.80 27.88
C VAL B 149 -13.98 -20.57 28.38
N ILE B 150 -12.71 -20.49 28.02
CA ILE B 150 -11.93 -19.30 28.28
C ILE B 150 -11.82 -18.53 26.97
N GLN B 151 -12.55 -17.43 26.85
CA GLN B 151 -12.45 -16.65 25.63
C GLN B 151 -11.66 -15.38 25.88
N PHE B 152 -10.57 -15.23 25.14
CA PHE B 152 -9.83 -13.99 25.12
C PHE B 152 -10.53 -13.08 24.11
N ASP B 153 -10.96 -11.92 24.56
CA ASP B 153 -11.80 -11.09 23.71
C ASP B 153 -11.99 -9.70 24.29
N ALA B 154 -11.92 -8.68 23.44
CA ALA B 154 -12.35 -7.34 23.85
C ALA B 154 -13.87 -7.27 23.99
N HIS B 155 -14.57 -8.14 23.27
CA HIS B 155 -16.04 -8.05 23.23
C HIS B 155 -16.71 -9.25 23.88
N HIS B 156 -17.91 -9.02 24.41
CA HIS B 156 -18.70 -10.09 25.05
C HIS B 156 -19.17 -11.13 24.05
N ASP B 157 -19.49 -10.67 22.83
CA ASP B 157 -20.03 -11.50 21.76
C ASP B 157 -21.36 -12.18 22.10
N VAL B 158 -22.25 -11.44 22.73
CA VAL B 158 -23.56 -11.97 23.07
C VAL B 158 -24.64 -11.20 22.32
N ARG B 159 -24.29 -10.72 21.12
CA ARG B 159 -25.20 -9.94 20.29
C ARG B 159 -26.46 -10.74 19.96
N ASN B 160 -27.60 -10.06 19.94
CA ASN B 160 -28.85 -10.70 19.54
C ASN B 160 -28.75 -11.25 18.10
N THR B 161 -29.57 -12.26 17.80
CA THR B 161 -29.45 -12.98 16.52
C THR B 161 -30.41 -12.44 15.45
N GLU B 162 -31.39 -11.65 15.87
CA GLU B 162 -32.44 -11.17 14.95
C GLU B 162 -32.02 -10.05 13.98
N ASP B 163 -30.99 -9.29 14.33
CA ASP B 163 -30.62 -8.13 13.51
C ASP B 163 -29.81 -8.50 12.27
N GLY B 164 -28.90 -9.46 12.40
CA GLY B 164 -28.04 -9.84 11.30
C GLY B 164 -27.87 -11.34 11.10
N GLY B 165 -28.69 -12.15 11.77
CA GLY B 165 -28.52 -13.59 11.70
C GLY B 165 -27.35 -14.06 12.56
N PRO B 166 -26.81 -15.27 12.30
CA PRO B 166 -25.74 -15.84 13.13
C PRO B 166 -24.36 -15.22 12.80
N THR B 167 -24.17 -13.95 13.17
CA THR B 167 -22.94 -13.22 12.86
C THR B 167 -21.80 -13.56 13.82
N ASN B 168 -20.60 -13.05 13.51
CA ASN B 168 -19.45 -13.18 14.42
C ASN B 168 -19.70 -12.54 15.80
N GLY B 169 -20.68 -11.65 15.90
CA GLY B 169 -21.05 -11.08 17.18
C GLY B 169 -21.90 -11.97 18.10
N THR B 170 -22.59 -12.97 17.53
CA THR B 170 -23.62 -13.74 18.28
C THR B 170 -23.23 -15.07 18.91
N PRO B 171 -22.02 -15.58 18.69
CA PRO B 171 -21.80 -16.98 19.08
C PRO B 171 -22.09 -17.32 20.56
N PHE B 172 -21.75 -16.45 21.51
CA PHE B 172 -21.98 -16.81 22.91
C PHE B 172 -23.40 -16.57 23.39
N ARG B 173 -24.15 -15.75 22.65
CA ARG B 173 -25.60 -15.69 22.81
C ARG B 173 -26.17 -17.06 22.46
N ARG B 174 -25.96 -17.49 21.22
CA ARG B 174 -26.45 -18.77 20.77
C ARG B 174 -26.05 -19.90 21.72
N LEU B 175 -24.76 -19.94 22.06
CA LEU B 175 -24.23 -20.97 22.96
C LEU B 175 -24.95 -20.97 24.31
N LEU B 176 -25.12 -19.78 24.89
CA LEU B 176 -25.75 -19.65 26.20
C LEU B 176 -27.26 -19.86 26.18
N ASP B 177 -27.93 -19.26 25.20
CA ASP B 177 -29.38 -19.38 25.07
C ASP B 177 -29.81 -20.82 24.93
N GLU B 178 -29.06 -21.58 24.14
CA GLU B 178 -29.38 -22.97 23.90
C GLU B 178 -28.77 -23.86 24.98
N GLU B 179 -28.32 -23.24 26.07
CA GLU B 179 -27.76 -23.97 27.20
C GLU B 179 -26.75 -25.01 26.75
N ILE B 180 -25.96 -24.67 25.74
CA ILE B 180 -24.85 -25.52 25.28
C ILE B 180 -23.71 -25.47 26.30
N ILE B 181 -23.64 -24.35 27.02
CA ILE B 181 -22.69 -24.17 28.11
C ILE B 181 -23.37 -23.30 29.17
N GLU B 182 -22.80 -23.24 30.36
CA GLU B 182 -23.32 -22.37 31.40
C GLU B 182 -22.47 -21.10 31.52
N GLY B 183 -23.14 -19.98 31.77
CA GLY B 183 -22.45 -18.72 31.95
C GLY B 183 -21.23 -18.86 32.84
N GLN B 184 -21.41 -19.43 34.03
CA GLN B 184 -20.31 -19.55 34.99
C GLN B 184 -19.19 -20.46 34.50
N HIS B 185 -19.39 -21.12 33.36
CA HIS B 185 -18.30 -21.86 32.74
C HIS B 185 -17.58 -21.07 31.65
N LEU B 186 -18.01 -19.84 31.43
CA LEU B 186 -17.39 -18.96 30.44
C LEU B 186 -16.49 -17.98 31.16
N ILE B 187 -15.22 -17.97 30.80
CA ILE B 187 -14.29 -17.01 31.35
C ILE B 187 -13.90 -16.07 30.23
N GLN B 188 -14.31 -14.82 30.38
CA GLN B 188 -13.98 -13.79 29.40
C GLN B 188 -12.80 -12.94 29.88
N LEU B 189 -11.70 -13.01 29.13
CA LEU B 189 -10.48 -12.29 29.47
C LEU B 189 -10.23 -11.21 28.45
N GLY B 190 -10.18 -9.97 28.91
CA GLY B 190 -9.78 -8.86 28.07
C GLY B 190 -10.90 -7.90 27.70
N ILE B 191 -12.08 -8.05 28.30
CA ILE B 191 -13.22 -7.23 27.94
C ILE B 191 -12.86 -5.77 28.08
N ARG B 192 -13.12 -4.99 27.05
CA ARG B 192 -12.43 -3.70 26.93
C ARG B 192 -13.37 -2.51 27.00
N GLU B 193 -12.93 -1.47 27.68
CA GLU B 193 -13.70 -0.25 27.86
C GLU B 193 -13.96 0.43 26.51
N PHE B 194 -15.25 0.76 26.29
CA PHE B 194 -15.76 1.31 25.02
C PHE B 194 -15.81 0.31 23.86
N SER B 195 -15.62 -0.96 24.15
CA SER B 195 -15.79 -1.95 23.09
C SER B 195 -17.15 -2.65 23.19
N ASN B 196 -17.96 -2.30 24.17
CA ASN B 196 -19.17 -3.07 24.43
C ASN B 196 -20.41 -2.22 24.72
N SER B 197 -21.57 -2.86 24.72
CA SER B 197 -22.80 -2.13 24.97
C SER B 197 -23.43 -2.49 26.33
N GLN B 198 -24.15 -1.53 26.91
CA GLN B 198 -24.83 -1.76 28.18
C GLN B 198 -25.70 -3.02 28.20
N ALA B 199 -26.49 -3.24 27.15
CA ALA B 199 -27.44 -4.35 27.15
C ALA B 199 -26.74 -5.71 27.09
N TYR B 200 -25.60 -5.77 26.42
CA TYR B 200 -24.90 -7.05 26.26
C TYR B 200 -24.09 -7.45 27.49
N GLU B 201 -23.48 -6.45 28.13
CA GLU B 201 -22.86 -6.65 29.42
C GLU B 201 -23.89 -7.20 30.41
N ALA B 202 -25.12 -6.70 30.31
CA ALA B 202 -26.22 -7.15 31.17
C ALA B 202 -26.60 -8.58 30.89
N TYR B 203 -26.76 -8.92 29.62
CA TYR B 203 -26.99 -10.29 29.23
C TYR B 203 -25.97 -11.22 29.86
N ALA B 204 -24.69 -10.86 29.70
CA ALA B 204 -23.61 -11.70 30.15
C ALA B 204 -23.64 -11.85 31.68
N LYS B 205 -23.90 -10.75 32.37
CA LYS B 205 -23.97 -10.78 33.82
C LYS B 205 -25.17 -11.60 34.29
N LYS B 206 -26.32 -11.34 33.69
CA LYS B 206 -27.51 -12.12 33.98
C LYS B 206 -27.17 -13.61 33.95
N HIS B 207 -26.26 -13.99 33.06
CA HIS B 207 -25.88 -15.39 32.90
C HIS B 207 -24.70 -15.78 33.77
N ASN B 208 -24.29 -14.87 34.64
CA ASN B 208 -23.20 -15.16 35.57
C ASN B 208 -21.90 -15.56 34.88
N VAL B 209 -21.63 -15.01 33.70
CA VAL B 209 -20.35 -15.24 33.05
C VAL B 209 -19.25 -14.57 33.86
N ASN B 210 -18.08 -15.18 33.91
CA ASN B 210 -16.92 -14.63 34.58
C ASN B 210 -16.24 -13.55 33.72
N ILE B 211 -16.44 -12.29 34.10
CA ILE B 211 -15.98 -11.16 33.28
C ILE B 211 -14.76 -10.48 33.85
N HIS B 212 -13.65 -10.52 33.13
CA HIS B 212 -12.47 -9.78 33.57
C HIS B 212 -12.05 -8.74 32.54
N THR B 213 -12.20 -7.49 32.92
CA THR B 213 -11.92 -6.37 32.03
C THR B 213 -10.41 -6.14 31.94
N MSE B 214 -10.00 -5.35 30.96
CA MSE B 214 -8.60 -4.96 30.80
C MSE B 214 -8.14 -4.22 32.06
O MSE B 214 -7.01 -4.39 32.51
CB MSE B 214 -8.41 -4.07 29.58
CG MSE B 214 -8.49 -4.81 28.25
SE MSE B 214 -7.04 -6.11 28.09
CE MSE B 214 -5.55 -4.89 28.44
N ASP B 215 -9.02 -3.39 32.61
CA ASP B 215 -8.72 -2.66 33.83
C ASP B 215 -8.40 -3.59 34.98
N MSE B 216 -9.24 -4.60 35.19
CA MSE B 216 -8.98 -5.57 36.24
C MSE B 216 -7.68 -6.30 35.96
O MSE B 216 -6.90 -6.60 36.85
CB MSE B 216 -10.11 -6.57 36.38
CG MSE B 216 -11.47 -5.94 36.54
SE MSE B 216 -12.89 -7.27 36.43
CE MSE B 216 -14.39 -6.06 36.06
N ILE B 217 -7.45 -6.61 34.68
CA ILE B 217 -6.29 -7.40 34.30
C ILE B 217 -5.01 -6.59 34.44
N ARG B 218 -5.08 -5.31 34.10
CA ARG B 218 -3.93 -4.44 34.24
C ARG B 218 -3.61 -4.22 35.72
N GLU B 219 -4.63 -4.31 36.58
CA GLU B 219 -4.44 -4.14 38.02
C GLU B 219 -3.86 -5.39 38.70
N LYS B 220 -4.30 -6.56 38.28
CA LYS B 220 -3.89 -7.78 38.97
C LYS B 220 -2.80 -8.57 38.24
N GLY B 221 -2.70 -8.37 36.93
CA GLY B 221 -1.84 -9.19 36.09
C GLY B 221 -2.68 -10.30 35.45
N LEU B 222 -2.45 -10.56 34.17
CA LEU B 222 -3.22 -11.58 33.45
C LEU B 222 -3.08 -12.98 34.07
N ILE B 223 -1.85 -13.41 34.34
CA ILE B 223 -1.67 -14.76 34.86
C ILE B 223 -2.27 -14.96 36.26
N PRO B 224 -2.00 -14.04 37.20
CA PRO B 224 -2.67 -14.15 38.50
C PRO B 224 -4.19 -14.13 38.37
N THR B 225 -4.74 -13.26 37.52
CA THR B 225 -6.19 -13.22 37.30
C THR B 225 -6.70 -14.60 36.96
N ILE B 226 -6.05 -15.22 35.98
CA ILE B 226 -6.38 -16.58 35.61
C ILE B 226 -6.20 -17.56 36.78
N LYS B 227 -5.10 -17.44 37.50
CA LYS B 227 -4.79 -18.41 38.54
C LYS B 227 -5.90 -18.53 39.58
N GLU B 228 -6.70 -17.48 39.72
CA GLU B 228 -7.71 -17.44 40.78
C GLU B 228 -9.08 -17.92 40.32
N ILE B 229 -9.46 -17.60 39.10
CA ILE B 229 -10.79 -18.00 38.63
C ILE B 229 -10.80 -19.34 37.91
N LEU B 230 -9.66 -19.74 37.35
CA LEU B 230 -9.61 -20.95 36.52
C LEU B 230 -9.90 -22.23 37.31
N PRO B 231 -9.26 -22.41 38.48
CA PRO B 231 -9.57 -23.60 39.28
C PRO B 231 -11.04 -23.68 39.66
N VAL B 232 -11.67 -22.54 39.92
CA VAL B 232 -13.08 -22.52 40.28
C VAL B 232 -13.94 -23.11 39.17
N VAL B 233 -13.55 -22.85 37.93
CA VAL B 233 -14.33 -23.31 36.79
C VAL B 233 -13.98 -24.75 36.42
N GLN B 234 -12.70 -25.11 36.52
CA GLN B 234 -12.29 -26.49 36.30
C GLN B 234 -13.04 -27.40 37.27
N ASP B 235 -13.52 -26.79 38.35
CA ASP B 235 -14.16 -27.53 39.43
C ASP B 235 -15.58 -27.89 39.05
N LYS B 236 -16.19 -27.07 38.20
CA LYS B 236 -17.55 -27.29 37.77
C LYS B 236 -17.58 -27.89 36.36
N THR B 237 -16.42 -28.37 35.91
CA THR B 237 -16.20 -28.64 34.49
C THR B 237 -15.33 -29.88 34.27
N ASP B 238 -15.59 -30.58 33.15
CA ASP B 238 -14.79 -31.74 32.78
C ASP B 238 -13.72 -31.47 31.70
N PHE B 239 -13.94 -30.47 30.86
CA PHE B 239 -12.96 -30.10 29.84
C PHE B 239 -12.85 -28.60 29.76
N ILE B 240 -11.74 -28.13 29.19
CA ILE B 240 -11.60 -26.71 28.89
C ILE B 240 -11.31 -26.48 27.40
N PHE B 241 -11.93 -25.43 26.86
CA PHE B 241 -11.71 -25.02 25.47
C PHE B 241 -11.20 -23.59 25.46
N ILE B 242 -10.18 -23.34 24.67
CA ILE B 242 -9.57 -22.02 24.63
C ILE B 242 -9.99 -21.30 23.37
N SER B 243 -10.76 -20.24 23.54
CA SER B 243 -11.24 -19.45 22.41
C SER B 243 -10.44 -18.15 22.31
N VAL B 244 -9.55 -18.06 21.31
CA VAL B 244 -8.74 -16.86 21.17
C VAL B 244 -9.26 -15.95 20.07
N ASP B 245 -9.90 -14.86 20.47
CA ASP B 245 -10.16 -13.79 19.50
C ASP B 245 -9.04 -12.74 19.54
N MSE B 246 -8.32 -12.61 18.43
CA MSE B 246 -7.08 -11.83 18.40
C MSE B 246 -7.29 -10.34 18.53
O MSE B 246 -6.34 -9.60 18.77
CB MSE B 246 -6.30 -12.13 17.11
CG MSE B 246 -5.93 -13.59 16.97
SE MSE B 246 -4.45 -14.09 18.13
CE MSE B 246 -3.08 -13.00 17.25
N ASP B 247 -8.52 -9.86 18.37
CA ASP B 247 -8.73 -8.44 18.60
C ASP B 247 -8.72 -8.13 20.09
N VAL B 248 -8.52 -9.17 20.90
CA VAL B 248 -8.21 -8.99 22.32
C VAL B 248 -6.90 -8.21 22.43
N LEU B 249 -6.10 -8.27 21.37
CA LEU B 249 -4.77 -7.65 21.37
C LEU B 249 -4.84 -6.19 20.97
N ASP B 250 -3.98 -5.37 21.59
CA ASP B 250 -3.87 -3.97 21.22
C ASP B 250 -3.68 -3.86 19.71
N GLN B 251 -4.22 -2.80 19.11
CA GLN B 251 -4.09 -2.60 17.67
C GLN B 251 -2.62 -2.56 17.23
N SER B 252 -1.75 -1.94 18.03
CA SER B 252 -0.33 -1.88 17.72
C SER B 252 0.27 -3.29 17.59
N HIS B 253 -0.31 -4.27 18.28
CA HIS B 253 0.19 -5.64 18.26
C HIS B 253 -0.58 -6.54 17.28
N ALA B 254 -1.79 -6.15 16.93
CA ALA B 254 -2.61 -6.96 16.04
C ALA B 254 -3.41 -6.06 15.11
N PRO B 255 -2.73 -5.42 14.16
CA PRO B 255 -3.41 -4.47 13.28
C PRO B 255 -4.30 -5.14 12.23
N GLY B 256 -4.21 -6.45 12.09
CA GLY B 256 -5.02 -7.14 11.08
C GLY B 256 -6.32 -7.75 11.61
N CYS B 257 -6.90 -7.16 12.63
CA CYS B 257 -8.17 -7.63 13.15
C CYS B 257 -9.16 -6.58 12.75
N PRO B 258 -10.34 -7.01 12.26
CA PRO B 258 -11.32 -5.99 11.83
C PRO B 258 -11.53 -4.93 12.92
N ALA B 259 -11.75 -5.38 14.16
CA ALA B 259 -12.01 -4.46 15.26
C ALA B 259 -10.72 -4.12 16.00
N ILE B 260 -10.04 -3.07 15.57
CA ILE B 260 -8.81 -2.63 16.23
C ILE B 260 -9.12 -1.43 17.10
N GLY B 261 -8.51 -1.39 18.28
CA GLY B 261 -8.55 -0.18 19.09
C GLY B 261 -7.36 -0.18 20.02
N PRO B 262 -7.12 0.95 20.70
CA PRO B 262 -6.02 1.03 21.67
C PRO B 262 -6.48 0.45 23.00
N GLY B 263 -5.54 0.07 23.85
CA GLY B 263 -5.88 -0.42 25.19
C GLY B 263 -6.09 -1.92 25.28
N GLY B 264 -5.47 -2.68 24.39
CA GLY B 264 -5.59 -4.12 24.40
C GLY B 264 -4.45 -4.84 25.10
N LEU B 265 -4.46 -6.18 25.03
CA LEU B 265 -3.42 -7.00 25.62
C LEU B 265 -2.19 -6.91 24.72
N TYR B 266 -1.03 -7.27 25.23
CA TYR B 266 0.15 -7.36 24.36
C TYR B 266 0.46 -8.83 24.10
N THR B 267 1.05 -9.13 22.95
CA THR B 267 1.15 -10.52 22.51
C THR B 267 1.94 -11.35 23.56
N ASP B 268 2.99 -10.75 24.11
CA ASP B 268 3.74 -11.27 25.26
C ASP B 268 2.83 -11.93 26.29
N GLU B 269 1.92 -11.14 26.85
CA GLU B 269 1.05 -11.62 27.91
C GLU B 269 0.18 -12.74 27.41
N LEU B 270 -0.36 -12.58 26.20
CA LEU B 270 -1.28 -13.58 25.63
C LEU B 270 -0.58 -14.90 25.45
N LEU B 271 0.62 -14.86 24.92
CA LEU B 271 1.38 -16.09 24.69
C LEU B 271 1.53 -16.86 26.00
N GLU B 272 1.99 -16.13 27.02
CA GLU B 272 2.26 -16.73 28.33
C GLU B 272 0.96 -17.27 28.95
N ALA B 273 -0.13 -16.53 28.80
CA ALA B 273 -1.43 -17.00 29.28
C ALA B 273 -1.91 -18.29 28.58
N VAL B 274 -1.81 -18.35 27.26
CA VAL B 274 -2.26 -19.54 26.52
C VAL B 274 -1.45 -20.77 26.89
N LYS B 275 -0.13 -20.62 26.97
CA LYS B 275 0.74 -21.72 27.41
C LYS B 275 0.36 -22.21 28.81
N TYR B 276 0.05 -21.28 29.72
CA TYR B 276 -0.30 -21.68 31.09
C TYR B 276 -1.60 -22.48 31.10
N ILE B 277 -2.61 -21.94 30.42
CA ILE B 277 -3.89 -22.63 30.31
C ILE B 277 -3.77 -24.00 29.64
N ALA B 278 -3.00 -24.07 28.56
CA ALA B 278 -2.79 -25.32 27.82
C ALA B 278 -1.97 -26.35 28.61
N GLN B 279 -1.56 -25.97 29.81
CA GLN B 279 -0.79 -26.86 30.67
C GLN B 279 -1.76 -27.64 31.53
N GLN B 280 -2.99 -27.16 31.62
CA GLN B 280 -3.97 -27.72 32.53
C GLN B 280 -4.52 -29.05 32.04
N PRO B 281 -5.04 -29.86 32.97
CA PRO B 281 -5.65 -31.15 32.65
C PRO B 281 -6.90 -30.99 31.78
N ASN B 282 -7.05 -31.86 30.78
CA ASN B 282 -8.25 -31.88 29.98
C ASN B 282 -8.49 -30.61 29.14
N VAL B 283 -7.41 -30.05 28.59
CA VAL B 283 -7.57 -29.04 27.56
C VAL B 283 -8.09 -29.72 26.28
N ALA B 284 -9.35 -29.47 25.92
CA ALA B 284 -9.98 -30.17 24.81
C ALA B 284 -9.65 -29.59 23.44
N GLY B 285 -9.17 -28.34 23.42
CA GLY B 285 -8.81 -27.73 22.15
C GLY B 285 -8.58 -26.24 22.24
N ILE B 286 -8.22 -25.65 21.11
CA ILE B 286 -8.03 -24.21 20.99
C ILE B 286 -8.46 -23.76 19.59
N GLU B 287 -9.09 -22.59 19.50
CA GLU B 287 -9.39 -21.97 18.22
C GLU B 287 -8.89 -20.53 18.20
N ILE B 288 -8.41 -20.12 17.03
CA ILE B 288 -7.97 -18.75 16.82
C ILE B 288 -8.84 -18.06 15.77
N VAL B 289 -9.53 -17.00 16.16
CA VAL B 289 -10.44 -16.33 15.24
C VAL B 289 -10.13 -14.82 15.05
N GLU B 290 -10.71 -14.27 13.98
CA GLU B 290 -10.72 -12.82 13.72
C GLU B 290 -9.39 -12.21 13.23
N VAL B 291 -8.50 -13.05 12.70
CA VAL B 291 -7.34 -12.53 11.98
C VAL B 291 -7.76 -12.24 10.55
N ASP B 292 -7.51 -11.02 10.08
CA ASP B 292 -7.86 -10.68 8.71
C ASP B 292 -6.65 -10.22 7.93
N PRO B 293 -6.07 -11.12 7.13
CA PRO B 293 -4.81 -10.92 6.39
C PRO B 293 -4.88 -9.73 5.44
N THR B 294 -6.08 -9.45 4.93
CA THR B 294 -6.25 -8.37 3.97
C THR B 294 -6.18 -7.00 4.65
N LEU B 295 -6.24 -6.98 5.97
CA LEU B 295 -6.18 -5.74 6.72
C LEU B 295 -4.81 -5.61 7.39
N ASP B 296 -4.00 -6.67 7.30
CA ASP B 296 -2.80 -6.78 8.14
C ASP B 296 -1.64 -5.93 7.62
N PHE B 297 -0.63 -5.70 8.46
CA PHE B 297 0.65 -5.20 7.95
C PHE B 297 1.56 -6.39 7.78
N ARG B 298 2.04 -6.59 6.56
CA ARG B 298 2.69 -7.83 6.19
C ARG B 298 1.78 -8.94 6.72
N ASP B 299 2.33 -9.90 7.44
CA ASP B 299 1.48 -10.93 8.05
C ASP B 299 1.66 -10.99 9.57
N MSE B 300 1.90 -9.82 10.15
CA MSE B 300 2.15 -9.67 11.58
C MSE B 300 1.17 -10.42 12.41
O MSE B 300 1.55 -11.12 13.34
CB MSE B 300 2.11 -8.21 12.01
CG MSE B 300 3.37 -7.43 11.72
SE MSE B 300 3.13 -5.56 12.32
CE MSE B 300 2.55 -5.95 14.14
N THR B 301 -0.12 -10.24 12.11
CA THR B 301 -1.14 -10.80 12.98
C THR B 301 -1.27 -12.33 12.78
N SER B 302 -1.08 -12.81 11.54
CA SER B 302 -1.03 -14.26 11.33
C SER B 302 0.18 -14.85 12.06
N ARG B 303 1.30 -14.13 12.09
CA ARG B 303 2.47 -14.62 12.82
C ARG B 303 2.19 -14.72 14.32
N ALA B 304 1.54 -13.71 14.89
CA ALA B 304 1.17 -13.78 16.31
C ALA B 304 0.24 -14.97 16.55
N ALA B 305 -0.64 -15.25 15.60
CA ALA B 305 -1.57 -16.39 15.71
C ALA B 305 -0.77 -17.68 15.70
N ALA B 306 0.19 -17.77 14.79
CA ALA B 306 1.04 -18.95 14.70
C ALA B 306 1.79 -19.17 16.02
N HIS B 307 2.25 -18.07 16.64
CA HIS B 307 2.92 -18.19 17.92
C HIS B 307 1.98 -18.58 19.05
N VAL B 308 0.74 -18.13 18.99
CA VAL B 308 -0.26 -18.54 19.95
C VAL B 308 -0.42 -20.06 19.91
N LEU B 309 -0.42 -20.59 18.70
CA LEU B 309 -0.51 -22.03 18.53
C LEU B 309 0.74 -22.72 19.05
N LEU B 310 1.90 -22.15 18.78
CA LEU B 310 3.14 -22.76 19.23
C LEU B 310 3.17 -22.86 20.74
N HIS B 311 2.73 -21.81 21.43
CA HIS B 311 2.76 -21.78 22.88
C HIS B 311 1.72 -22.70 23.48
N ALA B 312 0.61 -22.87 22.77
CA ALA B 312 -0.41 -23.83 23.17
C ALA B 312 0.16 -25.25 23.13
N LEU B 313 0.85 -25.60 22.04
CA LEU B 313 1.44 -26.94 21.93
C LEU B 313 2.45 -27.13 23.05
N LYS B 314 3.29 -26.11 23.24
CA LYS B 314 4.29 -26.08 24.32
C LYS B 314 3.71 -26.34 25.71
N GLY B 315 2.55 -25.75 26.00
CA GLY B 315 1.84 -26.03 27.23
C GLY B 315 1.36 -27.47 27.31
N MSE B 316 0.78 -27.97 26.22
CA MSE B 316 0.32 -29.35 26.19
C MSE B 316 1.48 -30.31 26.36
O MSE B 316 1.41 -31.26 27.12
CB MSE B 316 -0.44 -29.66 24.90
CG MSE B 316 -1.75 -28.88 24.72
SE MSE B 316 -2.42 -29.05 22.91
CE MSE B 316 -3.65 -27.53 22.80
N LYS B 317 2.57 -30.05 25.64
CA LYS B 317 3.77 -30.87 25.73
C LYS B 317 4.21 -30.95 27.18
N LEU B 318 3.88 -29.89 27.91
CA LEU B 318 4.42 -29.65 29.22
C LEU B 318 3.44 -30.07 30.31
N SER B 319 2.37 -30.74 29.92
CA SER B 319 1.29 -31.05 30.84
C SER B 319 1.23 -32.51 31.24
N PRO B 320 0.75 -32.78 32.47
CA PRO B 320 0.54 -34.14 32.98
C PRO B 320 -0.56 -34.87 32.20
N ASP C 5 -41.36 3.78 5.79
CA ASP C 5 -41.91 4.08 4.48
C ASP C 5 -42.80 2.94 4.02
N LYS C 6 -43.34 3.07 2.80
CA LYS C 6 -44.01 1.95 2.16
C LYS C 6 -42.95 1.10 1.47
N TYR C 7 -41.70 1.36 1.81
CA TYR C 7 -40.55 0.60 1.30
C TYR C 7 -39.69 0.16 2.48
N PRO C 8 -40.11 -0.91 3.16
CA PRO C 8 -39.47 -1.39 4.39
C PRO C 8 -37.98 -1.65 4.20
N PHE C 9 -37.56 -1.95 2.97
CA PHE C 9 -36.16 -2.34 2.75
C PHE C 9 -35.33 -1.25 2.07
N LEU C 10 -35.90 -0.06 1.99
CA LEU C 10 -35.18 1.11 1.50
C LEU C 10 -34.60 1.92 2.65
N ARG C 11 -33.28 2.12 2.65
CA ARG C 11 -32.66 2.93 3.70
C ARG C 11 -31.88 4.10 3.12
N GLU C 12 -31.44 5.00 4.00
CA GLU C 12 -30.65 6.13 3.53
C GLU C 12 -29.25 5.73 3.06
N ALA C 13 -28.85 6.26 1.92
CA ALA C 13 -27.55 5.96 1.35
C ALA C 13 -26.51 5.81 2.43
N GLY C 14 -25.78 4.71 2.40
CA GLY C 14 -24.62 4.54 3.26
C GLY C 14 -24.88 4.08 4.68
N SER C 15 -26.11 3.63 4.95
CA SER C 15 -26.48 3.13 6.28
C SER C 15 -25.62 1.94 6.72
N SER C 16 -25.42 1.84 8.03
CA SER C 16 -24.61 0.78 8.62
C SER C 16 -25.51 -0.29 9.27
N PHE C 17 -24.90 -1.40 9.68
CA PHE C 17 -25.63 -2.42 10.43
C PHE C 17 -26.24 -1.80 11.66
N LYS C 18 -27.55 -1.89 11.81
CA LYS C 18 -28.19 -1.36 13.00
C LYS C 18 -28.45 -2.48 14.01
N ASP C 19 -27.89 -2.31 15.22
CA ASP C 19 -28.17 -3.23 16.30
C ASP C 19 -28.96 -2.49 17.36
N ARG C 20 -30.20 -2.91 17.56
CA ARG C 20 -31.13 -2.29 18.50
C ARG C 20 -30.61 -2.25 19.92
N ASP C 21 -29.83 -3.26 20.30
CA ASP C 21 -29.29 -3.37 21.66
C ASP C 21 -27.99 -2.62 21.85
N VAL C 22 -27.59 -1.86 20.84
CA VAL C 22 -26.31 -1.14 20.88
C VAL C 22 -26.50 0.35 20.73
N THR C 23 -25.75 1.11 21.50
CA THR C 23 -25.77 2.56 21.34
C THR C 23 -24.37 3.11 21.05
N LYS C 24 -24.16 3.50 19.81
CA LYS C 24 -22.90 4.07 19.36
C LYS C 24 -22.92 5.58 19.53
N MSE C 25 -21.75 6.19 19.42
CA MSE C 25 -21.66 7.64 19.52
C MSE C 25 -22.45 8.30 18.40
O MSE C 25 -22.95 9.42 18.55
CB MSE C 25 -20.20 8.10 19.49
CG MSE C 25 -19.46 7.78 20.79
SE MSE C 25 -20.20 8.81 22.30
CE MSE C 25 -19.74 10.58 21.68
N SER C 26 -22.54 7.60 17.26
CA SER C 26 -23.33 8.08 16.12
C SER C 26 -24.81 8.25 16.47
N ASP C 27 -25.28 7.49 17.47
CA ASP C 27 -26.66 7.59 17.90
C ASP C 27 -26.85 8.78 18.83
N LEU C 28 -25.75 9.34 19.31
CA LEU C 28 -25.81 10.42 20.28
C LEU C 28 -25.29 11.75 19.75
N ILE C 29 -24.50 11.69 18.69
CA ILE C 29 -23.98 12.90 18.06
C ILE C 29 -25.03 13.49 17.12
N ALA C 30 -25.23 14.81 17.21
CA ALA C 30 -26.24 15.50 16.41
C ALA C 30 -25.67 16.79 15.85
N THR C 31 -25.95 17.06 14.58
CA THR C 31 -25.44 18.29 13.97
C THR C 31 -26.10 19.45 14.69
N TRP C 32 -25.35 20.52 14.92
CA TRP C 32 -25.83 21.62 15.73
C TRP C 32 -26.97 22.31 15.02
N ASP C 33 -28.05 22.56 15.76
CA ASP C 33 -29.26 23.15 15.21
C ASP C 33 -29.43 24.60 15.67
N GLY C 34 -28.52 25.09 16.49
CA GLY C 34 -28.62 26.46 16.95
C GLY C 34 -29.15 26.56 18.35
N GLN C 35 -29.46 25.42 18.97
CA GLN C 35 -29.87 25.44 20.38
C GLN C 35 -28.72 25.87 21.28
N ASP C 36 -29.04 26.12 22.54
CA ASP C 36 -28.04 26.48 23.53
C ASP C 36 -27.10 25.29 23.73
N ILE C 37 -25.81 25.56 23.83
CA ILE C 37 -24.82 24.50 24.00
C ILE C 37 -24.41 24.40 25.46
N LYS C 38 -24.78 23.30 26.11
CA LYS C 38 -24.35 23.07 27.49
C LYS C 38 -23.49 21.81 27.54
N GLY C 39 -22.24 21.97 27.97
CA GLY C 39 -21.35 20.83 28.03
C GLY C 39 -20.50 20.71 26.79
N PRO C 40 -19.84 19.55 26.62
CA PRO C 40 -18.97 19.35 25.45
C PRO C 40 -19.74 19.41 24.13
N ALA C 41 -19.06 19.87 23.10
CA ALA C 41 -19.56 19.83 21.73
C ALA C 41 -18.35 19.84 20.82
N LEU C 42 -18.43 19.08 19.72
CA LEU C 42 -17.32 18.90 18.81
C LEU C 42 -17.22 20.09 17.88
N ILE C 43 -16.00 20.51 17.57
CA ILE C 43 -15.77 21.46 16.50
C ILE C 43 -14.54 21.05 15.71
N GLY C 44 -14.61 21.14 14.39
CA GLY C 44 -13.50 20.69 13.56
C GLY C 44 -12.71 21.88 13.05
N VAL C 45 -11.40 21.71 12.88
CA VAL C 45 -10.54 22.80 12.41
C VAL C 45 -9.55 22.28 11.36
N PRO C 46 -10.05 21.98 10.14
CA PRO C 46 -9.31 21.20 9.13
C PRO C 46 -8.21 22.01 8.45
N LEU C 47 -7.20 22.42 9.21
CA LEU C 47 -6.12 23.25 8.69
C LEU C 47 -4.79 22.50 8.75
N SER C 48 -4.13 22.30 7.62
CA SER C 48 -2.83 21.63 7.65
C SER C 48 -1.78 22.19 6.69
N LYS C 49 -2.12 23.23 5.96
CA LYS C 49 -1.11 23.86 5.10
C LYS C 49 -0.11 24.67 5.92
N SER C 50 -0.48 24.96 7.15
CA SER C 50 0.40 25.68 8.07
C SER C 50 1.50 24.74 8.55
N SER C 51 1.46 23.50 8.08
CA SER C 51 2.42 22.52 8.56
C SER C 51 3.79 22.65 7.88
N ILE C 52 4.83 22.53 8.69
CA ILE C 52 6.19 22.58 8.18
C ILE C 52 6.42 21.40 7.24
N SER C 53 6.03 20.22 7.70
CA SER C 53 6.11 19.01 6.89
C SER C 53 4.80 18.81 6.12
N HIS C 54 4.89 18.23 4.93
CA HIS C 54 3.69 17.97 4.16
C HIS C 54 2.71 17.16 5.02
N SER C 55 1.46 17.61 5.10
CA SER C 55 0.52 17.00 6.03
C SER C 55 -0.92 16.99 5.55
N GLY C 56 -1.59 15.88 5.80
CA GLY C 56 -3.01 15.75 5.50
C GLY C 56 -3.86 15.85 6.75
N ALA C 57 -3.35 16.54 7.76
CA ALA C 57 -4.08 16.71 9.01
C ALA C 57 -5.42 17.42 8.81
N SER C 58 -5.61 18.06 7.67
CA SER C 58 -6.90 18.67 7.38
C SER C 58 -8.00 17.63 7.18
N PHE C 59 -7.62 16.38 6.92
CA PHE C 59 -8.60 15.30 6.79
C PHE C 59 -8.90 14.67 8.14
N ALA C 60 -8.18 15.05 9.17
CA ALA C 60 -8.33 14.37 10.47
C ALA C 60 -9.69 14.60 11.13
N PRO C 61 -10.22 15.83 11.05
CA PRO C 61 -11.54 16.00 11.68
C PRO C 61 -12.55 14.99 11.12
N GLY C 62 -12.54 14.77 9.81
CA GLY C 62 -13.37 13.74 9.21
C GLY C 62 -13.05 12.33 9.68
N THR C 63 -11.80 11.90 9.60
CA THR C 63 -11.49 10.54 10.04
C THR C 63 -11.68 10.32 11.55
N ILE C 64 -11.39 11.32 12.38
CA ILE C 64 -11.67 11.20 13.83
C ILE C 64 -13.17 11.13 14.16
N ARG C 65 -13.97 11.99 13.53
CA ARG C 65 -15.44 11.89 13.62
C ARG C 65 -15.91 10.47 13.29
N GLN C 66 -15.41 9.95 12.18
CA GLN C 66 -15.84 8.64 11.74
C GLN C 66 -15.51 7.56 12.77
N ALA C 67 -14.28 7.55 13.26
CA ALA C 67 -13.86 6.59 14.28
C ALA C 67 -14.61 6.79 15.60
N LEU C 68 -14.89 8.04 15.97
CA LEU C 68 -15.68 8.31 17.19
C LEU C 68 -17.11 7.75 17.03
N LYS C 69 -17.71 8.04 15.87
CA LYS C 69 -19.11 7.70 15.64
C LYS C 69 -19.33 6.20 15.65
N HIS C 70 -18.35 5.44 15.18
CA HIS C 70 -18.46 3.99 15.14
C HIS C 70 -18.11 3.31 16.47
N SER C 71 -17.73 4.09 17.47
CA SER C 71 -17.44 3.55 18.79
C SER C 71 -18.71 3.45 19.65
N SER C 72 -18.70 2.52 20.60
CA SER C 72 -19.68 2.48 21.68
C SER C 72 -19.55 3.67 22.61
N ALA C 73 -20.68 4.17 23.09
CA ALA C 73 -20.73 5.27 24.03
C ALA C 73 -20.69 4.77 25.47
N TYR C 74 -20.75 3.45 25.63
CA TYR C 74 -20.93 2.88 26.96
C TYR C 74 -19.60 2.58 27.66
N SER C 75 -19.44 3.14 28.87
CA SER C 75 -18.29 2.88 29.72
C SER C 75 -18.62 1.80 30.75
N ALA C 76 -18.00 0.64 30.63
CA ALA C 76 -18.21 -0.42 31.61
C ALA C 76 -17.81 0.05 32.99
N GLU C 77 -16.80 0.92 33.05
CA GLU C 77 -16.30 1.47 34.30
C GLU C 77 -17.28 2.43 34.96
N LEU C 78 -17.92 3.27 34.16
CA LEU C 78 -18.94 4.18 34.67
C LEU C 78 -20.31 3.50 34.85
N GLY C 79 -20.54 2.42 34.12
CA GLY C 79 -21.82 1.72 34.14
C GLY C 79 -22.91 2.56 33.48
N GLU C 80 -22.47 3.53 32.69
CA GLU C 80 -23.38 4.39 31.95
C GLU C 80 -22.67 4.96 30.73
N HIS C 81 -23.43 5.68 29.91
CA HIS C 81 -22.90 6.27 28.70
C HIS C 81 -22.17 7.57 28.99
N VAL C 82 -21.04 7.80 28.32
CA VAL C 82 -20.22 8.97 28.59
C VAL C 82 -20.96 10.23 28.18
N VAL C 83 -22.06 10.01 27.47
CA VAL C 83 -23.04 11.03 27.15
C VAL C 83 -24.31 10.27 26.79
N SER C 84 -25.36 10.37 27.61
CA SER C 84 -26.61 9.65 27.31
C SER C 84 -27.72 10.60 26.87
N GLU C 85 -27.39 11.88 26.83
CA GLU C 85 -28.27 12.92 26.30
C GLU C 85 -27.93 13.13 24.82
N LEU C 86 -27.10 14.13 24.53
CA LEU C 86 -26.57 14.30 23.19
C LEU C 86 -25.27 15.08 23.14
N LEU C 87 -24.56 14.91 22.03
CA LEU C 87 -23.31 15.60 21.81
C LEU C 87 -23.40 16.30 20.47
N TYR C 88 -23.51 17.63 20.53
CA TYR C 88 -23.55 18.44 19.32
C TYR C 88 -22.25 18.39 18.54
N ASP C 89 -22.38 18.46 17.23
CA ASP C 89 -21.23 18.70 16.37
C ASP C 89 -21.47 20.09 15.76
N LEU C 90 -20.65 21.05 16.17
CA LEU C 90 -20.81 22.43 15.75
C LEU C 90 -20.46 22.65 14.30
N GLY C 91 -19.75 21.69 13.72
CA GLY C 91 -19.33 21.84 12.33
C GLY C 91 -17.83 22.12 12.22
N ASP C 92 -17.41 22.63 11.06
CA ASP C 92 -16.00 22.90 10.82
C ASP C 92 -15.81 24.38 10.70
N ILE C 93 -14.63 24.85 11.09
CA ILE C 93 -14.25 26.22 10.87
C ILE C 93 -13.80 26.37 9.43
N ASP C 94 -14.23 27.44 8.79
CA ASP C 94 -13.88 27.72 7.41
C ASP C 94 -12.41 28.02 7.31
N ILE C 95 -11.75 27.25 6.46
CA ILE C 95 -10.34 27.36 6.27
C ILE C 95 -10.14 27.89 4.87
N HIS C 96 -9.50 29.05 4.76
CA HIS C 96 -9.17 29.55 3.44
C HIS C 96 -8.15 28.61 2.78
N VAL C 97 -8.39 28.25 1.53
CA VAL C 97 -7.49 27.34 0.84
C VAL C 97 -6.10 27.93 0.63
N THR C 98 -6.00 29.25 0.69
CA THR C 98 -4.74 29.94 0.38
C THR C 98 -4.10 30.68 1.54
N ASP C 99 -4.89 31.47 2.27
CA ASP C 99 -4.35 32.39 3.26
C ASP C 99 -4.45 31.86 4.69
N ILE C 100 -3.32 31.43 5.26
CA ILE C 100 -3.37 30.81 6.58
C ILE C 100 -3.43 31.84 7.71
N VAL C 101 -2.85 33.02 7.47
CA VAL C 101 -2.99 34.10 8.45
C VAL C 101 -4.46 34.45 8.61
N LYS C 102 -5.17 34.47 7.49
CA LYS C 102 -6.60 34.70 7.48
C LYS C 102 -7.32 33.53 8.13
N SER C 103 -6.87 32.32 7.80
CA SER C 103 -7.43 31.11 8.39
C SER C 103 -7.33 31.11 9.93
N HIS C 104 -6.23 31.64 10.47
CA HIS C 104 -6.13 31.76 11.92
C HIS C 104 -7.15 32.73 12.53
N HIS C 105 -7.40 33.86 11.85
CA HIS C 105 -8.41 34.80 12.38
C HIS C 105 -9.79 34.16 12.35
N HIS C 106 -10.09 33.47 11.26
CA HIS C 106 -11.35 32.71 11.19
C HIS C 106 -11.54 31.88 12.45
N ILE C 107 -10.51 31.14 12.82
CA ILE C 107 -10.53 30.25 13.98
C ILE C 107 -10.71 31.02 15.27
N PHE C 108 -9.91 32.05 15.46
CA PHE C 108 -10.02 32.84 16.67
C PHE C 108 -11.41 33.49 16.80
N GLN C 109 -11.82 34.20 15.74
CA GLN C 109 -13.12 34.89 15.77
C GLN C 109 -14.25 33.94 16.12
N THR C 110 -14.32 32.82 15.39
CA THR C 110 -15.35 31.81 15.59
C THR C 110 -15.38 31.24 17.01
N MSE C 111 -14.22 30.84 17.54
CA MSE C 111 -14.13 30.32 18.90
C MSE C 111 -14.56 31.39 19.90
O MSE C 111 -15.31 31.14 20.83
CB MSE C 111 -12.71 29.85 19.28
CG MSE C 111 -12.12 28.72 18.44
SE MSE C 111 -12.98 27.00 18.74
CE MSE C 111 -12.74 26.89 20.69
N HIS C 112 -14.04 32.60 19.71
CA HIS C 112 -14.35 33.66 20.65
C HIS C 112 -15.84 33.95 20.74
N ALA C 113 -16.51 34.06 19.60
CA ALA C 113 -17.96 34.29 19.56
C ALA C 113 -18.77 33.09 20.09
N LEU C 114 -18.36 31.87 19.74
CA LEU C 114 -19.02 30.68 20.27
C LEU C 114 -18.88 30.63 21.78
N LEU C 115 -17.66 30.85 22.25
CA LEU C 115 -17.38 30.87 23.68
C LEU C 115 -18.17 31.99 24.39
N SER C 116 -18.20 33.18 23.79
CA SER C 116 -18.92 34.31 24.40
C SER C 116 -20.42 34.11 24.37
N ASP C 117 -20.94 33.48 23.31
CA ASP C 117 -22.38 33.30 23.16
C ASP C 117 -22.92 32.10 23.94
N HIS C 118 -22.04 31.16 24.27
CA HIS C 118 -22.44 29.93 24.95
C HIS C 118 -21.44 29.57 26.04
N PRO C 119 -21.58 30.21 27.20
CA PRO C 119 -20.62 30.15 28.30
C PRO C 119 -20.40 28.75 28.88
N ASP C 120 -21.31 27.82 28.61
CA ASP C 120 -21.19 26.47 29.13
C ASP C 120 -20.64 25.46 28.12
N TRP C 121 -20.33 25.92 26.90
CA TRP C 121 -19.73 25.04 25.91
C TRP C 121 -18.30 24.71 26.30
N VAL C 122 -17.98 23.43 26.32
CA VAL C 122 -16.61 23.00 26.54
C VAL C 122 -16.15 22.42 25.20
N PRO C 123 -15.24 23.13 24.53
CA PRO C 123 -14.87 22.70 23.17
C PRO C 123 -14.13 21.35 23.17
N LEU C 124 -14.51 20.49 22.24
CA LEU C 124 -13.75 19.28 21.93
C LEU C 124 -13.26 19.52 20.52
N ILE C 125 -12.03 20.01 20.40
CA ILE C 125 -11.53 20.55 19.15
C ILE C 125 -10.74 19.51 18.36
N LEU C 126 -11.10 19.33 17.10
CA LEU C 126 -10.42 18.36 16.25
C LEU C 126 -9.60 19.06 15.18
N GLY C 127 -8.28 18.99 15.30
CA GLY C 127 -7.39 19.58 14.29
C GLY C 127 -7.27 18.62 13.14
N GLY C 128 -6.53 19.00 12.08
CA GLY C 128 -5.75 20.22 12.08
C GLY C 128 -4.35 20.00 12.64
N ASP C 129 -3.40 20.82 12.21
CA ASP C 129 -2.02 20.72 12.70
C ASP C 129 -1.82 21.52 14.01
N ASN C 130 -0.66 21.42 14.64
CA ASN C 130 -0.53 22.03 15.96
C ASN C 130 -0.61 23.57 15.93
N SER C 131 -0.62 24.16 14.74
CA SER C 131 -0.63 25.61 14.63
C SER C 131 -1.96 26.24 15.06
N ILE C 132 -3.03 25.46 15.07
CA ILE C 132 -4.31 25.99 15.51
C ILE C 132 -4.32 26.37 17.00
N SER C 133 -3.31 25.92 17.74
CA SER C 133 -3.30 26.10 19.20
C SER C 133 -3.22 27.57 19.64
N TYR C 134 -2.48 28.37 18.89
CA TYR C 134 -2.47 29.79 19.15
C TYR C 134 -3.89 30.37 19.17
N SER C 135 -4.64 30.12 18.11
CA SER C 135 -5.98 30.71 17.96
C SER C 135 -7.00 30.12 18.91
N THR C 136 -6.96 28.82 19.16
CA THR C 136 -7.90 28.23 20.11
C THR C 136 -7.62 28.67 21.55
N ILE C 137 -6.34 28.70 21.92
CA ILE C 137 -5.98 28.98 23.28
C ILE C 137 -6.21 30.47 23.55
N LYS C 138 -5.94 31.31 22.54
CA LYS C 138 -6.22 32.73 22.65
C LYS C 138 -7.71 32.98 22.90
N ALA C 139 -8.58 32.23 22.22
CA ALA C 139 -10.02 32.37 22.45
C ALA C 139 -10.46 31.90 23.84
N ILE C 140 -9.90 30.81 24.33
CA ILE C 140 -10.21 30.34 25.68
C ILE C 140 -9.68 31.33 26.73
N ALA C 141 -8.47 31.82 26.54
CA ALA C 141 -7.86 32.73 27.51
C ALA C 141 -8.61 34.05 27.57
N GLN C 142 -8.89 34.62 26.40
CA GLN C 142 -9.55 35.92 26.31
C GLN C 142 -11.06 35.78 26.43
N THR C 143 -11.53 34.62 26.87
CA THR C 143 -12.97 34.44 27.08
C THR C 143 -13.22 33.91 28.48
N LYS C 144 -12.33 33.05 28.95
CA LYS C 144 -12.54 32.41 30.25
C LYS C 144 -11.77 33.09 31.37
N GLY C 145 -10.53 33.47 31.09
CA GLY C 145 -9.68 34.06 32.10
C GLY C 145 -8.32 33.40 32.10
N THR C 146 -7.72 33.30 33.27
CA THR C 146 -6.35 32.77 33.35
C THR C 146 -6.31 31.27 33.18
N THR C 147 -5.58 30.81 32.17
CA THR C 147 -5.68 29.43 31.73
C THR C 147 -4.38 28.66 31.86
N ALA C 148 -4.45 27.52 32.53
CA ALA C 148 -3.36 26.57 32.50
C ALA C 148 -3.49 25.77 31.19
N VAL C 149 -2.36 25.50 30.55
CA VAL C 149 -2.35 24.64 29.37
C VAL C 149 -1.54 23.39 29.66
N ILE C 150 -2.18 22.23 29.56
CA ILE C 150 -1.46 20.98 29.67
C ILE C 150 -1.24 20.48 28.25
N GLN C 151 0.00 20.57 27.81
CA GLN C 151 0.36 20.33 26.43
C GLN C 151 1.10 19.00 26.37
N PHE C 152 0.44 17.95 25.88
CA PHE C 152 1.06 16.66 25.66
C PHE C 152 1.79 16.76 24.34
N ASP C 153 3.09 16.49 24.33
CA ASP C 153 3.85 16.80 23.16
C ASP C 153 5.28 16.29 23.23
N ALA C 154 5.82 15.81 22.11
CA ALA C 154 7.25 15.50 22.00
C ALA C 154 8.10 16.76 21.86
N HIS C 155 7.48 17.85 21.41
CA HIS C 155 8.22 19.04 21.02
C HIS C 155 7.76 20.23 21.85
N HIS C 156 8.66 21.18 22.05
CA HIS C 156 8.32 22.43 22.76
C HIS C 156 7.32 23.29 21.98
N ASP C 157 7.44 23.29 20.65
CA ASP C 157 6.59 24.12 19.78
C ASP C 157 6.73 25.62 20.08
N VAL C 158 7.97 26.05 20.28
CA VAL C 158 8.27 27.47 20.42
C VAL C 158 9.24 27.90 19.33
N ARG C 159 9.01 27.44 18.10
CA ARG C 159 9.85 27.85 16.98
C ARG C 159 9.69 29.33 16.71
N ASN C 160 10.75 29.98 16.26
CA ASN C 160 10.64 31.36 15.81
C ASN C 160 9.65 31.46 14.66
N THR C 161 9.07 32.64 14.47
CA THR C 161 7.99 32.80 13.51
C THR C 161 8.44 33.37 12.16
N GLU C 162 9.68 33.87 12.11
CA GLU C 162 10.19 34.55 10.93
C GLU C 162 10.42 33.60 9.76
N ASP C 163 10.88 32.39 10.08
CA ASP C 163 11.31 31.46 9.04
C ASP C 163 10.15 30.97 8.18
N GLY C 164 9.13 30.37 8.81
CA GLY C 164 8.02 29.80 8.09
C GLY C 164 6.66 30.48 8.21
N GLY C 165 6.55 31.56 8.99
CA GLY C 165 5.26 32.15 9.29
C GLY C 165 4.67 31.45 10.51
N PRO C 166 3.33 31.56 10.74
CA PRO C 166 2.75 30.90 11.90
C PRO C 166 2.52 29.43 11.61
N THR C 167 3.62 28.69 11.44
CA THR C 167 3.55 27.26 11.18
C THR C 167 3.08 26.53 12.44
N ASN C 168 2.89 25.22 12.29
CA ASN C 168 2.46 24.36 13.39
C ASN C 168 3.53 24.24 14.48
N GLY C 169 4.75 24.71 14.17
CA GLY C 169 5.84 24.69 15.13
C GLY C 169 5.94 25.94 16.04
N THR C 170 5.17 26.98 15.73
CA THR C 170 5.28 28.28 16.41
C THR C 170 4.29 28.64 17.53
N PRO C 171 3.18 27.89 17.67
CA PRO C 171 2.05 28.36 18.48
C PRO C 171 2.37 28.82 19.90
N PHE C 172 3.27 28.16 20.62
CA PHE C 172 3.50 28.51 22.02
C PHE C 172 4.50 29.64 22.17
N ARG C 173 5.31 29.87 21.15
CA ARG C 173 6.12 31.07 21.14
C ARG C 173 5.23 32.28 20.97
N ARG C 174 4.26 32.17 20.05
CA ARG C 174 3.29 33.24 19.81
C ARG C 174 2.46 33.52 21.07
N LEU C 175 1.93 32.47 21.68
CA LEU C 175 1.18 32.60 22.93
C LEU C 175 1.99 33.27 24.05
N LEU C 176 3.19 32.78 24.29
CA LEU C 176 4.03 33.27 25.40
C LEU C 176 4.57 34.69 25.17
N ASP C 177 5.11 34.93 23.98
CA ASP C 177 5.55 36.26 23.58
C ASP C 177 4.45 37.31 23.66
N GLU C 178 3.22 36.96 23.27
CA GLU C 178 2.15 37.94 23.29
C GLU C 178 1.45 37.98 24.65
N GLU C 179 1.96 37.17 25.58
CA GLU C 179 1.43 37.13 26.95
C GLU C 179 -0.03 36.67 27.03
N ILE C 180 -0.45 35.82 26.11
CA ILE C 180 -1.76 35.19 26.16
C ILE C 180 -1.84 34.28 27.38
N ILE C 181 -0.73 33.63 27.67
CA ILE C 181 -0.63 32.75 28.83
C ILE C 181 0.77 32.91 29.39
N GLU C 182 0.98 32.48 30.62
CA GLU C 182 2.29 32.55 31.25
C GLU C 182 3.04 31.24 31.13
N GLY C 183 4.35 31.31 31.00
CA GLY C 183 5.18 30.12 30.97
C GLY C 183 4.95 29.15 32.13
N GLN C 184 4.80 29.69 33.34
CA GLN C 184 4.65 28.88 34.55
C GLN C 184 3.27 28.22 34.56
N HIS C 185 2.39 28.69 33.69
CA HIS C 185 1.09 28.05 33.52
C HIS C 185 1.07 27.01 32.40
N LEU C 186 2.20 26.81 31.72
CA LEU C 186 2.28 25.82 30.64
C LEU C 186 2.94 24.58 31.19
N ILE C 187 2.22 23.46 31.16
CA ILE C 187 2.76 22.17 31.53
C ILE C 187 2.99 21.32 30.28
N GLN C 188 4.24 21.01 30.01
CA GLN C 188 4.58 20.25 28.82
C GLN C 188 4.89 18.83 29.25
N LEU C 189 4.06 17.89 28.78
CA LEU C 189 4.21 16.46 29.11
C LEU C 189 4.65 15.60 27.90
N GLY C 190 5.80 14.95 28.04
CA GLY C 190 6.32 14.04 27.05
C GLY C 190 7.46 14.52 26.16
N ILE C 191 8.04 15.68 26.48
CA ILE C 191 9.15 16.24 25.71
C ILE C 191 10.26 15.21 25.57
N ARG C 192 10.64 14.93 24.33
CA ARG C 192 11.37 13.72 24.02
C ARG C 192 12.82 13.99 23.60
N GLU C 193 13.71 13.15 24.06
CA GLU C 193 15.11 13.27 23.70
C GLU C 193 15.28 13.23 22.18
N PHE C 194 16.10 14.13 21.66
CA PHE C 194 16.40 14.23 20.23
C PHE C 194 15.26 14.78 19.37
N SER C 195 14.17 15.20 19.99
CA SER C 195 13.11 15.89 19.26
C SER C 195 13.22 17.42 19.29
N ASN C 196 14.19 17.96 20.03
CA ASN C 196 14.18 19.40 20.26
C ASN C 196 15.51 20.12 20.04
N SER C 197 15.45 21.45 19.96
CA SER C 197 16.63 22.28 19.76
C SER C 197 17.10 22.91 21.07
N GLN C 198 18.39 23.15 21.17
CA GLN C 198 18.93 23.86 22.31
C GLN C 198 18.27 25.23 22.53
N ALA C 199 18.20 26.01 21.46
CA ALA C 199 17.69 27.37 21.56
C ALA C 199 16.24 27.37 22.00
N TYR C 200 15.50 26.37 21.54
CA TYR C 200 14.09 26.33 21.86
C TYR C 200 13.86 25.85 23.29
N GLU C 201 14.67 24.91 23.74
CA GLU C 201 14.59 24.47 25.12
C GLU C 201 14.87 25.66 26.02
N ALA C 202 15.93 26.40 25.70
CA ALA C 202 16.34 27.53 26.52
C ALA C 202 15.24 28.59 26.50
N TYR C 203 14.60 28.79 25.35
CA TYR C 203 13.50 29.72 25.32
C TYR C 203 12.43 29.32 26.36
N ALA C 204 12.13 28.03 26.42
CA ALA C 204 11.09 27.54 27.33
C ALA C 204 11.48 27.77 28.78
N LYS C 205 12.70 27.40 29.14
CA LYS C 205 13.18 27.61 30.50
C LYS C 205 13.15 29.09 30.91
N LYS C 206 13.48 29.98 29.98
CA LYS C 206 13.45 31.42 30.24
C LYS C 206 12.07 31.86 30.67
N HIS C 207 11.03 31.30 30.03
CA HIS C 207 9.67 31.66 30.37
C HIS C 207 9.12 30.81 31.51
N ASN C 208 10.01 30.06 32.16
CA ASN C 208 9.63 29.22 33.30
C ASN C 208 8.58 28.13 32.96
N VAL C 209 8.59 27.65 31.72
CA VAL C 209 7.71 26.55 31.33
C VAL C 209 7.97 25.32 32.18
N ASN C 210 6.91 24.62 32.60
CA ASN C 210 7.08 23.36 33.32
C ASN C 210 7.33 22.18 32.37
N ILE C 211 8.59 21.79 32.22
CA ILE C 211 8.99 20.77 31.26
C ILE C 211 9.17 19.38 31.89
N HIS C 212 8.39 18.40 31.44
CA HIS C 212 8.55 17.04 31.94
C HIS C 212 8.86 16.11 30.78
N THR C 213 10.08 15.58 30.79
CA THR C 213 10.56 14.80 29.68
C THR C 213 10.01 13.37 29.76
N MSE C 214 10.16 12.65 28.66
CA MSE C 214 9.86 11.22 28.62
C MSE C 214 10.71 10.50 29.67
O MSE C 214 10.22 9.59 30.34
CB MSE C 214 10.14 10.67 27.20
CG MSE C 214 9.06 11.00 26.16
SE MSE C 214 7.30 10.37 26.76
CE MSE C 214 7.87 8.57 27.28
N ASP C 215 11.96 10.90 29.84
CA ASP C 215 12.81 10.31 30.88
C ASP C 215 12.25 10.51 32.29
N MSE C 216 11.91 11.74 32.63
CA MSE C 216 11.33 12.02 33.93
C MSE C 216 10.04 11.20 34.07
O MSE C 216 9.80 10.58 35.12
CB MSE C 216 11.05 13.51 34.10
CG MSE C 216 12.30 14.43 33.94
SE MSE C 216 11.83 16.34 33.79
CE MSE C 216 13.51 17.00 33.05
N ILE C 217 9.26 11.17 33.01
CA ILE C 217 7.99 10.47 33.05
C ILE C 217 8.16 8.96 33.19
N ARG C 218 9.11 8.38 32.47
CA ARG C 218 9.35 6.96 32.60
C ARG C 218 9.95 6.61 33.96
N GLU C 219 10.53 7.60 34.63
CA GLU C 219 11.11 7.34 35.95
C GLU C 219 10.05 7.37 37.05
N LYS C 220 9.07 8.26 36.91
CA LYS C 220 8.08 8.49 37.97
C LYS C 220 6.66 7.95 37.69
N GLY C 221 6.32 7.77 36.41
CA GLY C 221 4.97 7.39 35.99
C GLY C 221 4.25 8.65 35.53
N LEU C 222 3.35 8.54 34.55
CA LEU C 222 2.77 9.75 34.00
C LEU C 222 1.80 10.36 35.00
N ILE C 223 0.98 9.51 35.61
CA ILE C 223 0.02 10.01 36.56
C ILE C 223 0.71 10.61 37.79
N PRO C 224 1.67 9.88 38.39
CA PRO C 224 2.35 10.53 39.51
C PRO C 224 2.98 11.86 39.13
N THR C 225 3.60 11.99 37.94
CA THR C 225 4.16 13.32 37.64
C THR C 225 3.06 14.36 37.46
N ILE C 226 1.91 13.91 36.97
CA ILE C 226 0.77 14.83 36.86
C ILE C 226 0.24 15.27 38.24
N LYS C 227 0.10 14.33 39.17
CA LYS C 227 -0.38 14.65 40.53
C LYS C 227 0.54 15.62 41.28
N GLU C 228 1.77 15.72 40.79
CA GLU C 228 2.84 16.47 41.44
C GLU C 228 2.91 17.92 40.94
N ILE C 229 2.73 18.12 39.64
CA ILE C 229 2.80 19.48 39.07
C ILE C 229 1.44 20.18 38.99
N LEU C 230 0.38 19.41 38.73
CA LEU C 230 -0.93 20.01 38.45
C LEU C 230 -1.44 20.94 39.56
N PRO C 231 -1.45 20.47 40.81
CA PRO C 231 -2.03 21.31 41.89
C PRO C 231 -1.36 22.68 41.98
N VAL C 232 -0.06 22.73 41.71
CA VAL C 232 0.66 23.99 41.68
C VAL C 232 0.12 24.94 40.61
N VAL C 233 -0.06 24.42 39.41
CA VAL C 233 -0.56 25.25 38.32
C VAL C 233 -2.03 25.63 38.55
N GLN C 234 -2.81 24.74 39.15
CA GLN C 234 -4.21 25.04 39.41
C GLN C 234 -4.30 26.17 40.44
N ASP C 235 -3.35 26.19 41.37
CA ASP C 235 -3.35 27.19 42.41
C ASP C 235 -3.25 28.58 41.78
N LYS C 236 -2.60 28.67 40.63
CA LYS C 236 -2.43 29.97 39.99
C LYS C 236 -3.23 30.20 38.73
N THR C 237 -4.23 29.37 38.47
CA THR C 237 -5.08 29.57 37.30
C THR C 237 -6.55 29.33 37.61
N ASP C 238 -7.41 29.79 36.70
CA ASP C 238 -8.85 29.60 36.84
C ASP C 238 -9.39 28.43 35.99
N PHE C 239 -8.75 28.15 34.86
CA PHE C 239 -9.22 27.11 33.95
C PHE C 239 -8.08 26.25 33.43
N ILE C 240 -8.42 25.02 33.05
CA ILE C 240 -7.47 24.11 32.41
C ILE C 240 -7.87 23.85 30.95
N PHE C 241 -6.90 23.87 30.05
CA PHE C 241 -7.10 23.50 28.66
C PHE C 241 -6.12 22.37 28.31
N ILE C 242 -6.63 21.31 27.70
CA ILE C 242 -5.81 20.15 27.32
C ILE C 242 -5.52 20.17 25.82
N SER C 243 -4.24 20.26 25.47
CA SER C 243 -3.83 20.25 24.08
C SER C 243 -3.10 18.94 23.88
N VAL C 244 -3.77 17.98 23.25
CA VAL C 244 -3.15 16.68 22.97
C VAL C 244 -2.55 16.68 21.57
N ASP C 245 -1.23 16.65 21.48
CA ASP C 245 -0.61 16.48 20.17
C ASP C 245 -0.23 15.04 20.07
N MSE C 246 -0.81 14.36 19.09
CA MSE C 246 -0.70 12.91 19.04
C MSE C 246 0.72 12.40 18.81
O MSE C 246 0.99 11.24 19.08
CB MSE C 246 -1.71 12.35 18.02
CG MSE C 246 -3.15 12.68 18.43
SE MSE C 246 -3.77 11.67 20.00
CE MSE C 246 -4.03 9.95 19.05
N ASP C 247 1.63 13.24 18.32
CA ASP C 247 3.01 12.80 18.17
C ASP C 247 3.77 12.67 19.50
N VAL C 248 3.09 12.94 20.61
CA VAL C 248 3.64 12.60 21.90
C VAL C 248 3.66 11.06 22.04
N LEU C 249 2.83 10.37 21.28
CA LEU C 249 2.75 8.91 21.33
C LEU C 249 3.88 8.27 20.55
N ASP C 250 4.33 7.11 21.03
CA ASP C 250 5.32 6.30 20.32
C ASP C 250 4.89 6.02 18.90
N GLN C 251 5.83 5.97 17.97
CA GLN C 251 5.47 5.74 16.58
C GLN C 251 4.67 4.44 16.40
N SER C 252 4.95 3.44 17.23
CA SER C 252 4.29 2.13 17.08
C SER C 252 2.82 2.23 17.48
N HIS C 253 2.47 3.27 18.25
CA HIS C 253 1.09 3.49 18.68
C HIS C 253 0.35 4.58 17.92
N ALA C 254 1.09 5.45 17.24
CA ALA C 254 0.51 6.52 16.44
C ALA C 254 1.33 6.71 15.18
N PRO C 255 1.26 5.76 14.25
CA PRO C 255 2.01 5.79 12.99
C PRO C 255 1.59 6.97 12.12
N GLY C 256 0.36 7.43 12.28
CA GLY C 256 -0.14 8.51 11.43
C GLY C 256 0.17 9.94 11.83
N CYS C 257 1.23 10.16 12.60
CA CYS C 257 1.64 11.54 12.92
C CYS C 257 2.79 11.93 12.00
N PRO C 258 2.80 13.18 11.54
CA PRO C 258 3.94 13.50 10.67
C PRO C 258 5.29 13.25 11.38
N ALA C 259 5.42 13.62 12.64
CA ALA C 259 6.69 13.42 13.32
C ALA C 259 6.62 12.20 14.22
N ILE C 260 7.11 11.08 13.72
CA ILE C 260 7.09 9.84 14.46
C ILE C 260 8.51 9.52 14.83
N GLY C 261 8.69 8.84 15.95
CA GLY C 261 9.99 8.34 16.35
C GLY C 261 9.77 7.41 17.52
N PRO C 262 10.80 6.65 17.90
CA PRO C 262 10.64 5.76 19.05
C PRO C 262 10.78 6.50 20.39
N GLY C 263 10.34 5.89 21.49
CA GLY C 263 10.50 6.48 22.82
C GLY C 263 9.44 7.46 23.25
N GLY C 264 8.20 7.32 22.77
CA GLY C 264 7.12 8.17 23.24
C GLY C 264 6.14 7.46 24.17
N LEU C 265 5.03 8.13 24.48
CA LEU C 265 3.97 7.57 25.32
C LEU C 265 3.29 6.39 24.63
N TYR C 266 2.69 5.50 25.42
CA TYR C 266 1.80 4.46 24.89
C TYR C 266 0.37 4.91 25.10
N THR C 267 -0.53 4.49 24.22
CA THR C 267 -1.88 5.08 24.16
C THR C 267 -2.66 4.89 25.46
N ASP C 268 -2.53 3.73 26.09
CA ASP C 268 -3.27 3.49 27.33
C ASP C 268 -2.81 4.46 28.44
N GLU C 269 -1.51 4.73 28.51
CA GLU C 269 -0.93 5.76 29.38
C GLU C 269 -1.60 7.09 29.17
N LEU C 270 -1.65 7.52 27.91
CA LEU C 270 -2.23 8.80 27.54
C LEU C 270 -3.71 8.86 27.91
N LEU C 271 -4.45 7.80 27.58
CA LEU C 271 -5.88 7.74 27.84
C LEU C 271 -6.15 7.95 29.33
N GLU C 272 -5.41 7.23 30.17
CA GLU C 272 -5.61 7.35 31.62
C GLU C 272 -5.32 8.77 32.10
N ALA C 273 -4.22 9.34 31.59
CA ALA C 273 -3.81 10.70 31.93
C ALA C 273 -4.86 11.73 31.55
N VAL C 274 -5.44 11.59 30.36
CA VAL C 274 -6.41 12.55 29.88
C VAL C 274 -7.70 12.45 30.68
N LYS C 275 -8.11 11.23 31.00
CA LYS C 275 -9.29 11.06 31.81
C LYS C 275 -9.07 11.66 33.20
N TYR C 276 -7.87 11.48 33.77
CA TYR C 276 -7.54 12.01 35.10
C TYR C 276 -7.62 13.53 35.14
N ILE C 277 -7.04 14.19 34.14
CA ILE C 277 -7.10 15.63 34.03
C ILE C 277 -8.52 16.15 33.77
N ALA C 278 -9.27 15.44 32.91
CA ALA C 278 -10.62 15.86 32.55
C ALA C 278 -11.57 15.83 33.74
N GLN C 279 -11.18 15.10 34.79
CA GLN C 279 -11.94 15.05 36.03
C GLN C 279 -11.83 16.32 36.89
N GLN C 280 -10.82 17.15 36.64
CA GLN C 280 -10.52 18.31 37.48
C GLN C 280 -11.59 19.40 37.37
N PRO C 281 -11.63 20.31 38.36
CA PRO C 281 -12.52 21.48 38.25
C PRO C 281 -12.10 22.36 37.08
N ASN C 282 -13.07 22.92 36.37
CA ASN C 282 -12.81 23.97 35.40
C ASN C 282 -11.95 23.58 34.19
N VAL C 283 -12.14 22.37 33.69
CA VAL C 283 -11.56 22.02 32.40
C VAL C 283 -12.34 22.79 31.34
N ALA C 284 -11.66 23.70 30.65
CA ALA C 284 -12.34 24.57 29.69
C ALA C 284 -12.42 23.98 28.28
N GLY C 285 -11.57 22.99 27.97
CA GLY C 285 -11.61 22.38 26.65
C GLY C 285 -10.50 21.41 26.34
N ILE C 286 -10.64 20.72 25.21
CA ILE C 286 -9.58 19.86 24.75
C ILE C 286 -9.46 19.95 23.23
N GLU C 287 -8.24 19.88 22.73
CA GLU C 287 -7.99 19.83 21.30
C GLU C 287 -7.09 18.65 21.03
N ILE C 288 -7.23 18.08 19.83
CA ILE C 288 -6.38 16.98 19.35
C ILE C 288 -5.77 17.39 18.03
N VAL C 289 -4.44 17.39 17.97
CA VAL C 289 -3.75 17.87 16.78
C VAL C 289 -2.72 16.86 16.22
N GLU C 290 -2.37 17.06 14.95
CA GLU C 290 -1.32 16.31 14.29
C GLU C 290 -1.69 14.87 13.92
N VAL C 291 -2.99 14.55 13.88
CA VAL C 291 -3.38 13.28 13.31
C VAL C 291 -3.30 13.47 11.78
N ASP C 292 -2.56 12.61 11.09
CA ASP C 292 -2.52 12.68 9.63
C ASP C 292 -2.94 11.37 8.99
N PRO C 293 -4.21 11.25 8.57
CA PRO C 293 -4.78 10.03 8.03
C PRO C 293 -4.07 9.55 6.78
N THR C 294 -3.49 10.47 6.01
CA THR C 294 -2.84 10.07 4.77
C THR C 294 -1.53 9.35 5.09
N LEU C 295 -1.07 9.41 6.33
CA LEU C 295 0.16 8.71 6.69
C LEU C 295 -0.11 7.52 7.61
N ASP C 296 -1.37 7.31 7.96
CA ASP C 296 -1.70 6.34 9.01
C ASP C 296 -1.70 4.89 8.47
N PHE C 297 -1.67 3.92 9.36
CA PHE C 297 -2.02 2.55 9.01
C PHE C 297 -3.49 2.32 9.37
N ARG C 298 -4.29 1.99 8.35
CA ARG C 298 -5.73 1.95 8.47
C ARG C 298 -6.13 3.29 9.05
N ASP C 299 -6.94 3.31 10.11
CA ASP C 299 -7.15 4.56 10.86
C ASP C 299 -6.74 4.47 12.35
N MSE C 300 -5.69 3.70 12.64
CA MSE C 300 -5.22 3.50 14.01
C MSE C 300 -5.11 4.79 14.80
O MSE C 300 -5.55 4.89 15.93
CB MSE C 300 -3.84 2.86 14.01
CG MSE C 300 -3.86 1.40 13.64
SE MSE C 300 -2.04 0.70 13.76
CE MSE C 300 -1.52 1.43 15.49
N THR C 301 -4.49 5.78 14.18
CA THR C 301 -4.24 7.02 14.88
C THR C 301 -5.51 7.81 15.07
N SER C 302 -6.41 7.79 14.10
CA SER C 302 -7.71 8.44 14.29
C SER C 302 -8.54 7.68 15.33
N ARG C 303 -8.38 6.35 15.41
CA ARG C 303 -9.06 5.58 16.46
C ARG C 303 -8.50 5.98 17.85
N ALA C 304 -7.17 5.99 17.96
CA ALA C 304 -6.53 6.48 19.18
C ALA C 304 -7.06 7.86 19.59
N ALA C 305 -7.16 8.78 18.63
CA ALA C 305 -7.68 10.13 18.92
C ALA C 305 -9.13 10.12 19.38
N ALA C 306 -9.94 9.23 18.78
CA ALA C 306 -11.34 9.09 19.14
C ALA C 306 -11.47 8.64 20.58
N HIS C 307 -10.59 7.74 21.01
CA HIS C 307 -10.57 7.29 22.41
C HIS C 307 -10.07 8.36 23.37
N VAL C 308 -9.17 9.21 22.93
CA VAL C 308 -8.80 10.35 23.77
C VAL C 308 -10.04 11.17 24.17
N LEU C 309 -10.91 11.45 23.20
CA LEU C 309 -12.16 12.19 23.42
C LEU C 309 -13.12 11.39 24.28
N LEU C 310 -13.18 10.09 24.04
CA LEU C 310 -14.07 9.25 24.84
C LEU C 310 -13.65 9.28 26.30
N HIS C 311 -12.35 9.19 26.56
CA HIS C 311 -11.82 9.22 27.93
C HIS C 311 -11.91 10.62 28.58
N ALA C 312 -11.74 11.69 27.81
CA ALA C 312 -12.03 13.02 28.32
C ALA C 312 -13.50 13.14 28.77
N LEU C 313 -14.43 12.75 27.89
CA LEU C 313 -15.86 12.75 28.19
C LEU C 313 -16.14 11.94 29.44
N LYS C 314 -15.47 10.80 29.56
CA LYS C 314 -15.63 9.95 30.73
C LYS C 314 -15.23 10.69 32.01
N GLY C 315 -14.07 11.33 31.99
CA GLY C 315 -13.58 12.10 33.13
C GLY C 315 -14.45 13.31 33.48
N MSE C 316 -14.94 14.00 32.46
CA MSE C 316 -15.82 15.13 32.69
C MSE C 316 -17.11 14.66 33.35
O MSE C 316 -17.73 15.39 34.13
CB MSE C 316 -16.15 15.83 31.36
CG MSE C 316 -14.98 16.54 30.74
SE MSE C 316 -15.46 17.19 28.96
CE MSE C 316 -13.68 17.44 28.18
N LYS C 317 -17.53 13.44 33.03
CA LYS C 317 -18.73 12.87 33.61
C LYS C 317 -18.46 12.52 35.06
N LEU C 318 -17.21 12.18 35.36
CA LEU C 318 -16.81 11.74 36.70
C LEU C 318 -16.54 12.86 37.68
N SER C 319 -16.45 14.11 37.21
CA SER C 319 -16.05 15.22 38.09
C SER C 319 -17.16 15.71 39.02
N PRO C 320 -16.86 15.78 40.33
CA PRO C 320 -17.78 16.24 41.37
C PRO C 320 -18.32 17.65 41.10
N SER D 1 -8.49 -43.39 2.69
CA SER D 1 -9.06 -42.43 1.76
C SER D 1 -10.58 -42.45 1.75
N ASN D 2 -11.17 -43.50 2.31
CA ASN D 2 -12.59 -43.49 2.65
C ASN D 2 -12.77 -43.12 4.12
N ALA D 3 -11.69 -43.24 4.88
CA ALA D 3 -11.69 -42.80 6.27
C ALA D 3 -11.93 -41.29 6.31
N MSE D 4 -11.34 -40.59 5.34
CA MSE D 4 -11.50 -39.15 5.25
C MSE D 4 -12.73 -38.77 4.43
O MSE D 4 -13.34 -37.71 4.66
CB MSE D 4 -10.25 -38.52 4.63
CG MSE D 4 -9.93 -39.05 3.24
SE MSE D 4 -8.23 -38.36 2.55
CE MSE D 4 -8.42 -38.92 0.69
N ASP D 5 -13.11 -39.64 3.50
CA ASP D 5 -14.23 -39.35 2.61
C ASP D 5 -15.57 -39.52 3.30
N LYS D 6 -15.57 -40.16 4.47
CA LYS D 6 -16.79 -40.25 5.26
C LYS D 6 -17.15 -38.88 5.85
N TYR D 7 -16.19 -37.95 5.79
CA TYR D 7 -16.44 -36.55 6.10
C TYR D 7 -16.67 -35.81 4.79
N PRO D 8 -17.93 -35.69 4.39
CA PRO D 8 -18.28 -35.11 3.09
C PRO D 8 -17.82 -33.67 3.03
N PHE D 9 -17.89 -32.96 4.15
CA PHE D 9 -17.59 -31.53 4.18
C PHE D 9 -16.15 -31.20 4.61
N LEU D 10 -15.25 -32.16 4.49
CA LEU D 10 -13.85 -31.95 4.82
C LEU D 10 -13.05 -32.04 3.54
N ARG D 11 -12.30 -30.98 3.26
CA ARG D 11 -11.57 -30.86 2.01
C ARG D 11 -10.11 -30.58 2.32
N GLU D 12 -9.23 -30.72 1.34
CA GLU D 12 -7.83 -30.48 1.63
C GLU D 12 -7.56 -28.97 1.78
N ALA D 13 -6.52 -28.63 2.53
CA ALA D 13 -6.28 -27.25 2.92
C ALA D 13 -6.02 -26.39 1.69
N GLY D 14 -6.67 -25.23 1.65
CA GLY D 14 -6.44 -24.28 0.57
C GLY D 14 -7.41 -24.45 -0.60
N SER D 15 -8.32 -25.41 -0.50
CA SER D 15 -9.28 -25.62 -1.58
C SER D 15 -10.05 -24.33 -1.89
N SER D 16 -10.42 -24.15 -3.16
CA SER D 16 -11.23 -23.01 -3.55
C SER D 16 -12.59 -23.47 -4.08
N PHE D 17 -13.41 -22.51 -4.47
CA PHE D 17 -14.71 -22.82 -5.02
C PHE D 17 -14.58 -23.79 -6.17
N LYS D 18 -15.27 -24.92 -6.05
CA LYS D 18 -15.27 -25.92 -7.11
C LYS D 18 -16.56 -25.80 -7.93
N ASP D 19 -16.41 -25.60 -9.23
CA ASP D 19 -17.54 -25.63 -10.17
C ASP D 19 -17.39 -26.80 -11.15
N ARG D 20 -18.33 -27.72 -11.11
CA ARG D 20 -18.25 -28.95 -11.87
C ARG D 20 -18.30 -28.72 -13.38
N ASP D 21 -18.82 -27.56 -13.79
CA ASP D 21 -18.99 -27.26 -15.20
C ASP D 21 -17.80 -26.47 -15.74
N VAL D 22 -16.84 -26.23 -14.86
CA VAL D 22 -15.67 -25.45 -15.23
C VAL D 22 -14.42 -26.32 -15.33
N THR D 23 -13.58 -26.02 -16.31
CA THR D 23 -12.26 -26.61 -16.36
C THR D 23 -11.23 -25.49 -16.39
N LYS D 24 -10.50 -25.35 -15.29
CA LYS D 24 -9.45 -24.36 -15.16
C LYS D 24 -8.11 -25.05 -15.30
N MSE D 25 -7.04 -24.28 -15.50
CA MSE D 25 -5.73 -24.88 -15.69
C MSE D 25 -5.37 -25.74 -14.48
O MSE D 25 -4.67 -26.75 -14.61
CB MSE D 25 -4.67 -23.80 -15.95
CG MSE D 25 -4.78 -23.17 -17.33
SE MSE D 25 -4.56 -24.48 -18.81
CE MSE D 25 -2.63 -24.77 -18.63
N SER D 26 -5.85 -25.36 -13.31
CA SER D 26 -5.59 -26.14 -12.11
C SER D 26 -6.09 -27.57 -12.21
N ASP D 27 -7.09 -27.81 -13.07
CA ASP D 27 -7.64 -29.16 -13.23
C ASP D 27 -6.78 -29.97 -14.18
N LEU D 28 -5.84 -29.31 -14.86
CA LEU D 28 -5.08 -29.97 -15.93
C LEU D 28 -3.58 -30.03 -15.69
N ILE D 29 -3.12 -29.35 -14.64
CA ILE D 29 -1.70 -29.30 -14.33
C ILE D 29 -1.40 -30.30 -13.23
N ALA D 30 -0.46 -31.20 -13.49
CA ALA D 30 -0.06 -32.18 -12.50
C ALA D 30 1.42 -32.02 -12.16
N THR D 31 1.74 -32.18 -10.88
CA THR D 31 3.11 -32.29 -10.47
C THR D 31 3.75 -33.40 -11.30
N TRP D 32 4.96 -33.17 -11.78
CA TRP D 32 5.62 -34.16 -12.61
C TRP D 32 6.24 -35.19 -11.71
N ASP D 33 5.89 -36.44 -11.93
CA ASP D 33 6.72 -37.54 -11.47
C ASP D 33 7.55 -37.89 -12.71
N GLY D 34 8.47 -38.82 -12.62
CA GLY D 34 9.42 -39.04 -13.70
C GLY D 34 8.90 -39.29 -15.10
N GLN D 35 7.58 -39.48 -15.24
CA GLN D 35 6.99 -39.97 -16.49
C GLN D 35 7.35 -39.19 -17.76
N ASP D 36 7.13 -39.82 -18.91
CA ASP D 36 7.57 -39.28 -20.21
C ASP D 36 6.86 -37.99 -20.63
N ILE D 37 7.65 -36.97 -20.91
CA ILE D 37 7.12 -35.66 -21.26
C ILE D 37 6.87 -35.54 -22.74
N LYS D 38 5.61 -35.34 -23.10
CA LYS D 38 5.23 -35.15 -24.48
C LYS D 38 4.62 -33.77 -24.59
N GLY D 39 5.28 -32.89 -25.33
CA GLY D 39 4.80 -31.54 -25.55
C GLY D 39 5.15 -30.55 -24.46
N PRO D 40 4.33 -29.52 -24.32
CA PRO D 40 4.55 -28.44 -23.33
C PRO D 40 4.56 -28.97 -21.91
N ALA D 41 5.48 -28.42 -21.10
CA ALA D 41 5.51 -28.69 -19.66
C ALA D 41 6.18 -27.52 -18.98
N LEU D 42 5.62 -27.09 -17.85
CA LEU D 42 6.12 -25.93 -17.09
C LEU D 42 7.37 -26.21 -16.27
N ILE D 43 8.27 -25.23 -16.23
CA ILE D 43 9.43 -25.28 -15.35
C ILE D 43 9.77 -23.88 -14.81
N GLY D 44 9.98 -23.78 -13.50
CA GLY D 44 10.31 -22.51 -12.86
C GLY D 44 11.80 -22.30 -12.69
N VAL D 45 12.22 -21.04 -12.83
CA VAL D 45 13.64 -20.65 -12.65
C VAL D 45 13.67 -19.38 -11.81
N PRO D 46 13.56 -19.51 -10.49
CA PRO D 46 13.42 -18.38 -9.56
C PRO D 46 14.74 -17.68 -9.26
N LEU D 47 15.44 -17.19 -10.28
CA LEU D 47 16.69 -16.45 -10.08
C LEU D 47 16.43 -14.96 -10.26
N SER D 48 16.83 -14.16 -9.28
CA SER D 48 16.69 -12.71 -9.41
C SER D 48 17.82 -11.95 -8.75
N LYS D 49 18.80 -12.65 -8.19
CA LYS D 49 19.90 -11.95 -7.52
C LYS D 49 20.95 -11.44 -8.51
N SER D 50 20.84 -11.88 -9.76
CA SER D 50 21.73 -11.41 -10.82
C SER D 50 21.31 -10.03 -11.32
N SER D 51 20.08 -9.65 -11.00
CA SER D 51 19.55 -8.35 -11.38
C SER D 51 20.42 -7.19 -10.92
N ILE D 52 20.70 -6.29 -11.85
CA ILE D 52 21.28 -4.99 -11.54
C ILE D 52 20.41 -4.32 -10.48
N SER D 53 19.15 -4.08 -10.82
CA SER D 53 18.16 -3.56 -9.89
C SER D 53 17.96 -4.51 -8.72
N HIS D 54 17.36 -4.02 -7.65
CA HIS D 54 16.80 -4.88 -6.63
C HIS D 54 15.54 -5.56 -7.20
N SER D 55 15.50 -6.90 -7.20
CA SER D 55 14.44 -7.66 -7.88
C SER D 55 13.78 -8.77 -7.06
N GLY D 56 12.45 -8.83 -7.10
CA GLY D 56 11.70 -9.95 -6.55
C GLY D 56 11.25 -10.95 -7.61
N ALA D 57 11.95 -10.98 -8.73
CA ALA D 57 11.58 -11.89 -9.82
C ALA D 57 11.67 -13.35 -9.41
N SER D 58 12.43 -13.65 -8.36
CA SER D 58 12.45 -15.04 -7.88
C SER D 58 11.04 -15.49 -7.41
N PHE D 59 10.11 -14.57 -7.19
CA PHE D 59 8.76 -14.95 -6.74
C PHE D 59 7.78 -15.14 -7.90
N ALA D 60 8.17 -14.69 -9.10
CA ALA D 60 7.31 -14.73 -10.26
C ALA D 60 6.83 -16.14 -10.64
N PRO D 61 7.71 -17.15 -10.57
CA PRO D 61 7.17 -18.45 -10.99
C PRO D 61 5.98 -18.87 -10.13
N GLY D 62 6.05 -18.60 -8.83
CA GLY D 62 4.92 -18.88 -7.95
C GLY D 62 3.66 -18.10 -8.32
N THR D 63 3.80 -16.80 -8.61
CA THR D 63 2.64 -15.96 -8.89
C THR D 63 2.10 -16.17 -10.29
N ILE D 64 2.98 -16.41 -11.26
CA ILE D 64 2.51 -16.74 -12.59
C ILE D 64 1.77 -18.09 -12.57
N ARG D 65 2.26 -19.05 -11.78
CA ARG D 65 1.56 -20.34 -11.70
C ARG D 65 0.19 -20.14 -11.12
N GLN D 66 0.09 -19.29 -10.11
CA GLN D 66 -1.16 -19.07 -9.44
C GLN D 66 -2.16 -18.42 -10.39
N ALA D 67 -1.71 -17.43 -11.17
CA ALA D 67 -2.58 -16.76 -12.14
C ALA D 67 -3.01 -17.76 -13.21
N LEU D 68 -2.07 -18.60 -13.64
CA LEU D 68 -2.37 -19.58 -14.67
C LEU D 68 -3.39 -20.59 -14.16
N LYS D 69 -3.14 -21.18 -12.99
CA LYS D 69 -4.03 -22.21 -12.46
C LYS D 69 -5.44 -21.71 -12.27
N HIS D 70 -5.59 -20.40 -12.09
CA HIS D 70 -6.91 -19.86 -11.84
C HIS D 70 -7.64 -19.43 -13.10
N SER D 71 -6.97 -19.53 -14.25
CA SER D 71 -7.60 -19.20 -15.53
C SER D 71 -8.34 -20.41 -16.08
N SER D 72 -9.42 -20.15 -16.79
CA SER D 72 -10.07 -21.17 -17.60
C SER D 72 -9.09 -21.67 -18.64
N ALA D 73 -9.11 -22.99 -18.84
CA ALA D 73 -8.38 -23.65 -19.92
C ALA D 73 -9.09 -23.58 -21.27
N TYR D 74 -10.32 -23.05 -21.27
CA TYR D 74 -11.14 -23.11 -22.48
C TYR D 74 -10.93 -21.91 -23.40
N SER D 75 -10.65 -22.20 -24.66
CA SER D 75 -10.59 -21.19 -25.71
C SER D 75 -11.88 -21.21 -26.54
N ALA D 76 -12.52 -20.06 -26.66
CA ALA D 76 -13.76 -19.97 -27.42
C ALA D 76 -13.41 -19.96 -28.90
N GLU D 77 -12.18 -19.58 -29.23
CA GLU D 77 -11.74 -19.52 -30.61
C GLU D 77 -11.26 -20.90 -31.11
N LEU D 78 -11.09 -21.84 -30.19
CA LEU D 78 -10.67 -23.19 -30.51
C LEU D 78 -11.85 -24.12 -30.33
N GLY D 79 -12.83 -23.69 -29.55
CA GLY D 79 -13.93 -24.55 -29.18
C GLY D 79 -13.44 -25.74 -28.39
N GLU D 80 -12.31 -25.57 -27.69
CA GLU D 80 -11.77 -26.63 -26.85
C GLU D 80 -10.69 -26.12 -25.90
N HIS D 81 -10.34 -26.95 -24.93
CA HIS D 81 -9.27 -26.61 -24.01
C HIS D 81 -7.92 -26.56 -24.73
N VAL D 82 -7.01 -25.71 -24.24
CA VAL D 82 -5.70 -25.54 -24.87
C VAL D 82 -4.75 -26.66 -24.48
N VAL D 83 -5.08 -27.38 -23.42
CA VAL D 83 -4.37 -28.60 -23.07
C VAL D 83 -5.31 -29.78 -23.30
N SER D 84 -4.94 -30.67 -24.21
CA SER D 84 -5.81 -31.80 -24.52
C SER D 84 -5.77 -32.87 -23.43
N GLU D 85 -4.58 -33.23 -22.98
CA GLU D 85 -4.43 -34.25 -21.95
C GLU D 85 -4.15 -33.64 -20.57
N LEU D 86 -2.89 -33.45 -20.24
CA LEU D 86 -2.51 -32.76 -19.02
C LEU D 86 -1.20 -32.04 -19.27
N LEU D 87 -0.88 -31.10 -18.39
CA LEU D 87 0.35 -30.32 -18.52
C LEU D 87 1.17 -30.56 -17.27
N TYR D 88 2.37 -31.09 -17.43
CA TYR D 88 3.23 -31.32 -16.27
C TYR D 88 3.88 -30.04 -15.74
N ASP D 89 4.04 -29.98 -14.43
CA ASP D 89 4.85 -28.98 -13.80
C ASP D 89 6.09 -29.73 -13.31
N LEU D 90 7.20 -29.49 -13.99
CA LEU D 90 8.42 -30.25 -13.71
C LEU D 90 9.03 -29.90 -12.36
N GLY D 91 8.70 -28.71 -11.85
CA GLY D 91 9.29 -28.21 -10.63
C GLY D 91 10.03 -26.91 -10.87
N ASP D 92 10.89 -26.55 -9.91
CA ASP D 92 11.74 -25.38 -10.04
C ASP D 92 13.21 -25.83 -10.10
N ILE D 93 13.99 -25.14 -10.93
CA ILE D 93 15.41 -25.38 -10.95
C ILE D 93 15.99 -24.79 -9.69
N ASP D 94 16.77 -25.60 -8.99
CA ASP D 94 17.38 -25.15 -7.74
C ASP D 94 18.30 -23.95 -7.96
N ILE D 95 18.14 -22.93 -7.12
CA ILE D 95 18.94 -21.72 -7.25
C ILE D 95 19.81 -21.56 -6.01
N HIS D 96 21.10 -21.31 -6.21
CA HIS D 96 21.99 -21.08 -5.08
C HIS D 96 21.68 -19.76 -4.39
N VAL D 97 21.47 -19.81 -3.07
CA VAL D 97 21.23 -18.59 -2.31
C VAL D 97 22.31 -17.54 -2.60
N THR D 98 23.56 -18.01 -2.68
CA THR D 98 24.75 -17.16 -2.72
C THR D 98 25.36 -16.91 -4.10
N ASP D 99 25.82 -17.99 -4.75
CA ASP D 99 26.64 -17.90 -5.97
C ASP D 99 25.84 -17.94 -7.27
N ILE D 100 25.80 -16.81 -7.98
CA ILE D 100 25.02 -16.66 -9.19
C ILE D 100 25.52 -17.56 -10.32
N VAL D 101 26.84 -17.70 -10.42
CA VAL D 101 27.44 -18.53 -11.45
C VAL D 101 27.04 -19.98 -11.26
N LYS D 102 26.96 -20.39 -10.01
CA LYS D 102 26.54 -21.75 -9.69
C LYS D 102 25.10 -21.92 -10.15
N SER D 103 24.26 -20.92 -9.86
CA SER D 103 22.86 -20.94 -10.26
C SER D 103 22.69 -21.15 -11.76
N HIS D 104 23.49 -20.44 -12.54
CA HIS D 104 23.45 -20.58 -13.99
C HIS D 104 23.80 -21.99 -14.45
N HIS D 105 24.79 -22.61 -13.82
CA HIS D 105 25.13 -23.98 -14.15
C HIS D 105 23.99 -24.95 -13.81
N HIS D 106 23.34 -24.74 -12.67
CA HIS D 106 22.16 -25.51 -12.34
C HIS D 106 21.19 -25.47 -13.53
N ILE D 107 20.94 -24.25 -14.01
CA ILE D 107 19.99 -24.04 -15.09
C ILE D 107 20.40 -24.76 -16.36
N PHE D 108 21.64 -24.56 -16.78
CA PHE D 108 22.10 -25.18 -18.01
C PHE D 108 22.07 -26.70 -17.92
N GLN D 109 22.48 -27.25 -16.78
CA GLN D 109 22.61 -28.70 -16.66
C GLN D 109 21.27 -29.39 -16.62
N THR D 110 20.34 -28.80 -15.89
CA THR D 110 19.03 -29.39 -15.70
C THR D 110 18.31 -29.36 -17.03
N MSE D 111 18.35 -28.19 -17.65
CA MSE D 111 17.73 -27.95 -18.94
C MSE D 111 18.30 -28.93 -19.98
O MSE D 111 17.56 -29.53 -20.77
CB MSE D 111 18.00 -26.51 -19.35
CG MSE D 111 16.87 -25.81 -20.06
SE MSE D 111 15.35 -25.42 -18.90
CE MSE D 111 14.04 -25.13 -20.30
N HIS D 112 19.61 -29.08 -19.98
CA HIS D 112 20.26 -29.97 -20.93
C HIS D 112 19.83 -31.43 -20.70
N ALA D 113 19.97 -31.89 -19.46
CA ALA D 113 19.56 -33.26 -19.14
C ALA D 113 18.11 -33.49 -19.54
N LEU D 114 17.24 -32.55 -19.15
CA LEU D 114 15.81 -32.65 -19.40
C LEU D 114 15.46 -32.74 -20.90
N LEU D 115 16.00 -31.83 -21.70
CA LEU D 115 15.77 -31.82 -23.14
C LEU D 115 16.22 -33.14 -23.77
N SER D 116 17.38 -33.63 -23.33
CA SER D 116 17.96 -34.82 -23.90
C SER D 116 17.13 -36.03 -23.51
N ASP D 117 16.85 -36.17 -22.23
CA ASP D 117 16.08 -37.32 -21.75
C ASP D 117 14.67 -37.36 -22.34
N HIS D 118 14.07 -36.20 -22.58
CA HIS D 118 12.70 -36.12 -23.10
C HIS D 118 12.65 -35.21 -24.31
N PRO D 119 13.04 -35.74 -25.48
CA PRO D 119 13.22 -34.95 -26.71
C PRO D 119 11.93 -34.34 -27.22
N ASP D 120 10.79 -34.77 -26.68
CA ASP D 120 9.53 -34.19 -27.09
C ASP D 120 9.05 -33.09 -26.14
N TRP D 121 9.88 -32.73 -25.17
CA TRP D 121 9.54 -31.62 -24.26
C TRP D 121 9.71 -30.25 -24.92
N VAL D 122 8.67 -29.43 -24.80
CA VAL D 122 8.73 -28.05 -25.22
C VAL D 122 8.59 -27.20 -23.98
N PRO D 123 9.70 -26.62 -23.51
CA PRO D 123 9.70 -25.87 -22.25
C PRO D 123 8.80 -24.63 -22.22
N LEU D 124 8.03 -24.50 -21.14
CA LEU D 124 7.36 -23.26 -20.78
C LEU D 124 8.09 -22.78 -19.55
N ILE D 125 9.06 -21.90 -19.77
CA ILE D 125 9.95 -21.46 -18.69
C ILE D 125 9.44 -20.21 -17.98
N LEU D 126 9.26 -20.32 -16.67
CA LEU D 126 8.89 -19.16 -15.84
C LEU D 126 10.11 -18.58 -15.11
N GLY D 127 10.58 -17.42 -15.55
CA GLY D 127 11.60 -16.69 -14.82
C GLY D 127 11.01 -16.08 -13.55
N GLY D 128 11.85 -15.51 -12.69
CA GLY D 128 13.27 -15.36 -12.96
C GLY D 128 13.57 -14.09 -13.73
N ASP D 129 14.79 -13.60 -13.61
CA ASP D 129 15.15 -12.34 -14.25
C ASP D 129 15.75 -12.60 -15.63
N ASN D 130 16.16 -11.54 -16.32
CA ASN D 130 16.57 -11.68 -17.70
C ASN D 130 17.84 -12.52 -17.88
N SER D 131 18.64 -12.61 -16.82
CA SER D 131 19.94 -13.28 -16.94
C SER D 131 19.82 -14.76 -17.28
N ILE D 132 18.66 -15.38 -17.01
CA ILE D 132 18.51 -16.83 -17.22
C ILE D 132 18.53 -17.21 -18.69
N SER D 133 18.32 -16.22 -19.57
CA SER D 133 18.22 -16.49 -21.01
C SER D 133 19.52 -17.04 -21.60
N TYR D 134 20.63 -16.77 -20.93
CA TYR D 134 21.88 -17.35 -21.40
C TYR D 134 21.85 -18.86 -21.22
N SER D 135 21.56 -19.32 -20.01
CA SER D 135 21.58 -20.77 -19.74
C SER D 135 20.47 -21.56 -20.48
N THR D 136 19.29 -20.98 -20.59
CA THR D 136 18.18 -21.72 -21.20
C THR D 136 18.42 -21.93 -22.69
N ILE D 137 18.68 -20.83 -23.39
CA ILE D 137 18.99 -20.86 -24.82
C ILE D 137 20.20 -21.73 -25.16
N LYS D 138 21.27 -21.61 -24.39
CA LYS D 138 22.43 -22.47 -24.62
C LYS D 138 22.06 -23.95 -24.57
N ALA D 139 21.14 -24.32 -23.68
CA ALA D 139 20.70 -25.70 -23.55
C ALA D 139 19.90 -26.08 -24.78
N ILE D 140 19.00 -25.20 -25.20
CA ILE D 140 18.26 -25.42 -26.43
C ILE D 140 19.25 -25.62 -27.57
N ALA D 141 20.11 -24.62 -27.76
CA ALA D 141 21.05 -24.62 -28.87
C ALA D 141 21.93 -25.86 -28.91
N GLN D 142 22.37 -26.31 -27.74
CA GLN D 142 23.31 -27.42 -27.73
C GLN D 142 22.65 -28.78 -27.55
N THR D 143 21.32 -28.81 -27.58
CA THR D 143 20.61 -30.08 -27.50
C THR D 143 19.73 -30.25 -28.74
N LYS D 144 19.32 -29.15 -29.32
CA LYS D 144 18.36 -29.17 -30.41
C LYS D 144 19.02 -28.91 -31.77
N GLY D 145 19.82 -27.85 -31.84
CA GLY D 145 20.50 -27.49 -33.07
C GLY D 145 20.46 -25.99 -33.29
N THR D 146 20.77 -25.57 -34.52
CA THR D 146 20.76 -24.15 -34.86
C THR D 146 19.43 -23.49 -34.53
N THR D 147 19.46 -22.55 -33.59
CA THR D 147 18.24 -21.99 -33.04
C THR D 147 18.10 -20.50 -33.36
N ALA D 148 16.91 -20.09 -33.74
CA ALA D 148 16.59 -18.67 -33.87
C ALA D 148 15.96 -18.22 -32.56
N VAL D 149 16.23 -16.97 -32.17
CA VAL D 149 15.62 -16.43 -30.95
C VAL D 149 14.77 -15.22 -31.31
N ILE D 150 13.50 -15.28 -30.92
CA ILE D 150 12.64 -14.11 -30.98
C ILE D 150 12.58 -13.52 -29.58
N GLN D 151 13.23 -12.36 -29.42
CA GLN D 151 13.37 -11.68 -28.13
C GLN D 151 12.42 -10.48 -28.09
N PHE D 152 11.36 -10.57 -27.28
CA PHE D 152 10.51 -9.42 -27.03
C PHE D 152 11.16 -8.59 -25.92
N ASP D 153 11.51 -7.36 -26.23
CA ASP D 153 12.30 -6.57 -25.31
C ASP D 153 12.35 -5.08 -25.66
N ALA D 154 12.28 -4.23 -24.62
CA ALA D 154 12.59 -2.82 -24.79
C ALA D 154 14.10 -2.63 -24.95
N HIS D 155 14.90 -3.59 -24.50
CA HIS D 155 16.35 -3.43 -24.41
C HIS D 155 17.11 -4.49 -25.18
N HIS D 156 18.30 -4.13 -25.67
CA HIS D 156 19.15 -5.03 -26.45
C HIS D 156 19.66 -6.19 -25.60
N ASP D 157 19.95 -5.90 -24.34
CA ASP D 157 20.53 -6.88 -23.41
C ASP D 157 21.84 -7.46 -23.86
N VAL D 158 22.72 -6.59 -24.37
CA VAL D 158 24.06 -6.98 -24.73
C VAL D 158 25.10 -6.27 -23.86
N ARG D 159 24.77 -6.07 -22.57
CA ARG D 159 25.65 -5.35 -21.65
C ARG D 159 27.01 -6.02 -21.47
N ASN D 160 28.05 -5.22 -21.26
CA ASN D 160 29.38 -5.78 -21.00
C ASN D 160 29.36 -6.59 -19.70
N THR D 161 30.19 -7.63 -19.63
CA THR D 161 30.10 -8.62 -18.55
C THR D 161 30.95 -8.37 -17.28
N GLU D 162 31.95 -7.49 -17.38
CA GLU D 162 32.95 -7.37 -16.31
C GLU D 162 32.54 -6.44 -15.17
N ASP D 163 31.68 -5.47 -15.46
CA ASP D 163 31.28 -4.50 -14.45
C ASP D 163 30.37 -5.11 -13.38
N GLY D 164 29.38 -5.89 -13.80
CA GLY D 164 28.44 -6.49 -12.87
C GLY D 164 28.57 -7.99 -12.74
N GLY D 165 29.13 -8.63 -13.77
CA GLY D 165 29.17 -10.09 -13.84
C GLY D 165 28.10 -10.59 -14.79
N PRO D 166 27.66 -11.86 -14.63
CA PRO D 166 26.50 -12.31 -15.42
C PRO D 166 25.25 -11.56 -14.97
N THR D 167 25.25 -10.25 -15.18
CA THR D 167 24.15 -9.42 -14.72
C THR D 167 22.95 -9.53 -15.63
N ASN D 168 21.88 -8.90 -15.15
CA ASN D 168 20.59 -8.87 -15.81
C ASN D 168 20.69 -8.65 -17.30
N GLY D 169 21.52 -7.69 -17.69
CA GLY D 169 21.56 -7.21 -19.06
C GLY D 169 22.56 -7.87 -19.97
N THR D 170 23.18 -8.97 -19.54
CA THR D 170 24.28 -9.53 -20.32
C THR D 170 23.97 -10.79 -21.17
N PRO D 171 22.75 -11.35 -21.06
CA PRO D 171 22.58 -12.69 -21.61
C PRO D 171 22.98 -12.77 -23.08
N PHE D 172 22.54 -11.79 -23.86
CA PHE D 172 22.73 -11.89 -25.30
C PHE D 172 24.14 -11.55 -25.79
N ARG D 173 24.87 -10.76 -25.02
CA ARG D 173 26.29 -10.57 -25.31
C ARG D 173 27.03 -11.88 -25.09
N ARG D 174 26.70 -12.57 -24.01
CA ARG D 174 27.29 -13.85 -23.71
C ARG D 174 26.97 -14.84 -24.83
N LEU D 175 25.71 -14.88 -25.24
CA LEU D 175 25.30 -15.78 -26.32
C LEU D 175 26.05 -15.44 -27.62
N LEU D 176 25.99 -14.19 -28.06
CA LEU D 176 26.67 -13.78 -29.30
C LEU D 176 28.19 -14.01 -29.27
N ASP D 177 28.84 -13.54 -28.20
CA ASP D 177 30.28 -13.66 -28.08
C ASP D 177 30.73 -15.12 -28.15
N GLU D 178 29.97 -16.01 -27.50
CA GLU D 178 30.36 -17.40 -27.38
C GLU D 178 29.91 -18.23 -28.57
N GLU D 179 29.18 -17.58 -29.47
CA GLU D 179 28.69 -18.18 -30.71
C GLU D 179 27.66 -19.28 -30.47
N ILE D 180 26.89 -19.16 -29.40
CA ILE D 180 25.86 -20.14 -29.09
C ILE D 180 24.73 -19.97 -30.10
N ILE D 181 24.38 -18.73 -30.40
CA ILE D 181 23.49 -18.43 -31.51
C ILE D 181 24.16 -17.39 -32.36
N GLU D 182 23.63 -17.17 -33.55
CA GLU D 182 24.21 -16.18 -34.45
C GLU D 182 23.40 -14.90 -34.41
N GLY D 183 24.06 -13.76 -34.56
CA GLY D 183 23.40 -12.47 -34.52
C GLY D 183 22.23 -12.31 -35.48
N GLN D 184 22.40 -12.81 -36.70
CA GLN D 184 21.35 -12.64 -37.70
C GLN D 184 20.18 -13.60 -37.49
N HIS D 185 20.28 -14.49 -36.52
CA HIS D 185 19.18 -15.39 -36.16
C HIS D 185 18.44 -14.89 -34.95
N LEU D 186 18.76 -13.67 -34.54
CA LEU D 186 18.17 -13.04 -33.36
C LEU D 186 17.26 -11.95 -33.88
N ILE D 187 15.98 -12.04 -33.53
CA ILE D 187 15.02 -10.98 -33.85
C ILE D 187 14.57 -10.27 -32.56
N GLN D 188 14.98 -9.01 -32.42
CA GLN D 188 14.61 -8.23 -31.24
C GLN D 188 13.41 -7.39 -31.58
N LEU D 189 12.33 -7.58 -30.83
CA LEU D 189 11.07 -6.90 -31.13
C LEU D 189 10.71 -5.98 -29.97
N GLY D 190 10.50 -4.71 -30.26
CA GLY D 190 10.06 -3.74 -29.26
C GLY D 190 11.13 -2.83 -28.70
N ILE D 191 12.32 -2.83 -29.32
CA ILE D 191 13.44 -2.02 -28.82
C ILE D 191 12.97 -0.57 -28.71
N ARG D 192 13.12 0.03 -27.54
CA ARG D 192 12.38 1.25 -27.25
C ARG D 192 13.28 2.47 -27.19
N GLU D 193 12.83 3.57 -27.78
CA GLU D 193 13.51 4.85 -27.72
C GLU D 193 13.79 5.29 -26.27
N PHE D 194 15.04 5.60 -25.98
CA PHE D 194 15.51 6.01 -24.65
C PHE D 194 15.64 4.88 -23.63
N SER D 195 15.56 3.64 -24.09
CA SER D 195 15.82 2.48 -23.24
C SER D 195 17.22 1.85 -23.45
N ASN D 196 18.02 2.43 -24.34
CA ASN D 196 19.29 1.81 -24.74
C ASN D 196 20.47 2.74 -24.90
N SER D 197 21.67 2.17 -24.95
CA SER D 197 22.91 2.93 -25.08
C SER D 197 23.46 2.87 -26.49
N GLN D 198 24.18 3.92 -26.89
CA GLN D 198 24.75 4.02 -28.23
C GLN D 198 25.67 2.84 -28.52
N ALA D 199 26.52 2.52 -27.55
CA ALA D 199 27.49 1.45 -27.66
C ALA D 199 26.82 0.10 -27.89
N TYR D 200 25.79 -0.17 -27.11
CA TYR D 200 25.14 -1.46 -27.14
C TYR D 200 24.33 -1.65 -28.42
N GLU D 201 23.74 -0.56 -28.91
CA GLU D 201 23.07 -0.60 -30.21
C GLU D 201 24.11 -0.90 -31.28
N ALA D 202 25.28 -0.26 -31.18
CA ALA D 202 26.34 -0.53 -32.13
C ALA D 202 26.77 -1.99 -32.07
N TYR D 203 26.83 -2.54 -30.86
CA TYR D 203 27.31 -3.91 -30.70
C TYR D 203 26.35 -4.91 -31.33
N ALA D 204 25.06 -4.62 -31.29
CA ALA D 204 24.06 -5.49 -31.88
C ALA D 204 24.07 -5.38 -33.40
N LYS D 205 24.45 -4.22 -33.91
CA LYS D 205 24.52 -4.01 -35.34
C LYS D 205 25.74 -4.71 -35.94
N LYS D 206 26.87 -4.60 -35.26
CA LYS D 206 28.09 -5.25 -35.69
C LYS D 206 27.77 -6.73 -35.91
N HIS D 207 27.01 -7.27 -34.98
CA HIS D 207 26.71 -8.70 -34.94
C HIS D 207 25.53 -9.06 -35.84
N ASN D 208 25.00 -8.09 -36.57
CA ASN D 208 23.89 -8.31 -37.50
C ASN D 208 22.61 -8.82 -36.82
N VAL D 209 22.29 -8.22 -35.68
CA VAL D 209 21.02 -8.52 -35.03
C VAL D 209 19.89 -7.81 -35.78
N ASN D 210 18.75 -8.49 -35.90
CA ASN D 210 17.58 -7.91 -36.51
C ASN D 210 16.81 -7.08 -35.50
N ILE D 211 16.93 -5.77 -35.61
CA ILE D 211 16.34 -4.88 -34.65
C ILE D 211 15.06 -4.23 -35.15
N HIS D 212 13.98 -4.40 -34.41
CA HIS D 212 12.70 -3.77 -34.74
C HIS D 212 12.22 -2.89 -33.58
N THR D 213 12.39 -1.58 -33.74
CA THR D 213 12.01 -0.63 -32.71
C THR D 213 10.50 -0.55 -32.55
N MSE D 214 10.08 0.09 -31.45
CA MSE D 214 8.68 0.37 -31.19
C MSE D 214 8.16 1.29 -32.29
O MSE D 214 7.00 1.21 -32.66
CB MSE D 214 8.53 1.07 -29.84
CG MSE D 214 8.56 0.12 -28.64
SE MSE D 214 7.18 -1.29 -28.74
CE MSE D 214 5.62 -0.19 -29.10
N ASP D 215 9.05 2.15 -32.81
CA ASP D 215 8.67 3.11 -33.84
C ASP D 215 8.29 2.35 -35.10
N MSE D 216 9.14 1.41 -35.49
CA MSE D 216 8.91 0.59 -36.69
C MSE D 216 7.65 -0.26 -36.52
O MSE D 216 6.84 -0.36 -37.44
CB MSE D 216 10.11 -0.32 -36.96
CG MSE D 216 11.37 0.43 -37.41
SE MSE D 216 13.01 -0.60 -37.12
CE MSE D 216 12.55 -2.16 -38.20
N ILE D 217 7.51 -0.85 -35.34
CA ILE D 217 6.39 -1.73 -35.04
C ILE D 217 5.09 -0.94 -35.08
N ARG D 218 5.13 0.32 -34.64
CA ARG D 218 3.92 1.13 -34.59
C ARG D 218 3.45 1.57 -35.97
N GLU D 219 4.38 1.83 -36.89
CA GLU D 219 3.97 2.20 -38.22
C GLU D 219 3.64 0.98 -39.08
N LYS D 220 4.36 -0.11 -38.88
CA LYS D 220 4.21 -1.30 -39.72
C LYS D 220 3.24 -2.32 -39.10
N GLY D 221 3.13 -2.30 -37.77
CA GLY D 221 2.29 -3.25 -37.06
C GLY D 221 3.08 -4.46 -36.62
N LEU D 222 2.83 -4.94 -35.40
CA LEU D 222 3.61 -6.05 -34.86
C LEU D 222 3.54 -7.34 -35.70
N ILE D 223 2.33 -7.82 -36.01
CA ILE D 223 2.21 -9.06 -36.76
C ILE D 223 2.81 -8.96 -38.18
N PRO D 224 2.50 -7.89 -38.93
CA PRO D 224 3.19 -7.72 -40.21
C PRO D 224 4.71 -7.62 -40.06
N THR D 225 5.18 -6.95 -39.02
CA THR D 225 6.62 -6.86 -38.79
C THR D 225 7.25 -8.24 -38.68
N ILE D 226 6.57 -9.14 -37.97
CA ILE D 226 7.07 -10.51 -37.79
C ILE D 226 7.00 -11.35 -39.07
N LYS D 227 5.94 -11.18 -39.85
CA LYS D 227 5.83 -11.90 -41.12
C LYS D 227 6.95 -11.49 -42.05
N GLU D 228 7.32 -10.21 -41.99
CA GLU D 228 8.36 -9.67 -42.82
C GLU D 228 9.73 -10.26 -42.49
N ILE D 229 9.98 -10.57 -41.21
CA ILE D 229 11.30 -11.02 -40.80
C ILE D 229 11.43 -12.51 -40.48
N LEU D 230 10.37 -13.11 -39.93
CA LEU D 230 10.49 -14.49 -39.45
C LEU D 230 10.84 -15.50 -40.55
N PRO D 231 10.14 -15.43 -41.71
CA PRO D 231 10.43 -16.36 -42.81
C PRO D 231 11.90 -16.40 -43.20
N VAL D 232 12.54 -15.24 -43.24
CA VAL D 232 13.94 -15.20 -43.63
C VAL D 232 14.79 -15.96 -42.63
N VAL D 233 14.47 -15.79 -41.35
CA VAL D 233 15.24 -16.37 -40.28
C VAL D 233 15.03 -17.88 -40.15
N GLN D 234 13.77 -18.31 -40.29
CA GLN D 234 13.40 -19.73 -40.29
C GLN D 234 14.17 -20.52 -41.32
N ASP D 235 14.52 -19.85 -42.42
CA ASP D 235 15.18 -20.48 -43.55
C ASP D 235 16.64 -20.78 -43.24
N LYS D 236 17.17 -20.13 -42.21
CA LYS D 236 18.56 -20.30 -41.84
C LYS D 236 18.71 -21.11 -40.55
N THR D 237 17.59 -21.59 -40.02
CA THR D 237 17.60 -22.23 -38.69
C THR D 237 16.68 -23.45 -38.61
N ASP D 238 16.93 -24.28 -37.60
CA ASP D 238 16.17 -25.50 -37.41
C ASP D 238 15.06 -25.35 -36.38
N PHE D 239 15.26 -24.47 -35.40
CA PHE D 239 14.27 -24.26 -34.33
C PHE D 239 14.14 -22.79 -33.98
N ILE D 240 13.02 -22.44 -33.36
CA ILE D 240 12.83 -21.09 -32.85
C ILE D 240 12.58 -21.15 -31.35
N PHE D 241 13.14 -20.19 -30.61
CA PHE D 241 12.91 -20.06 -29.19
C PHE D 241 12.33 -18.68 -28.93
N ILE D 242 11.26 -18.63 -28.16
CA ILE D 242 10.57 -17.39 -27.89
C ILE D 242 10.95 -16.90 -26.51
N SER D 243 11.60 -15.74 -26.44
CA SER D 243 11.92 -15.13 -25.15
C SER D 243 11.11 -13.88 -24.92
N VAL D 244 10.20 -13.95 -23.96
CA VAL D 244 9.39 -12.79 -23.65
C VAL D 244 9.87 -12.09 -22.38
N ASP D 245 10.42 -10.89 -22.57
CA ASP D 245 10.79 -10.04 -21.46
C ASP D 245 9.61 -9.09 -21.29
N MSE D 246 8.93 -9.21 -20.16
CA MSE D 246 7.66 -8.54 -19.98
C MSE D 246 7.79 -7.02 -20.01
O MSE D 246 6.81 -6.32 -20.21
CB MSE D 246 6.94 -9.01 -18.71
CG MSE D 246 6.45 -10.47 -18.78
SE MSE D 246 5.08 -10.83 -20.16
CE MSE D 246 3.59 -9.96 -19.22
N ASP D 247 9.02 -6.51 -19.84
CA ASP D 247 9.16 -5.06 -19.83
C ASP D 247 9.09 -4.46 -21.24
N VAL D 248 8.93 -5.30 -22.25
CA VAL D 248 8.57 -4.83 -23.58
C VAL D 248 7.19 -4.15 -23.54
N LEU D 249 6.38 -4.53 -22.55
CA LEU D 249 5.04 -3.97 -22.41
C LEU D 249 5.13 -2.59 -21.79
N ASP D 250 4.17 -1.75 -22.17
CA ASP D 250 4.03 -0.42 -21.63
C ASP D 250 3.74 -0.46 -20.14
N GLN D 251 4.29 0.51 -19.41
CA GLN D 251 4.14 0.49 -17.95
C GLN D 251 2.68 0.40 -17.53
N SER D 252 1.78 0.99 -18.29
CA SER D 252 0.35 0.91 -17.89
C SER D 252 -0.21 -0.50 -17.96
N HIS D 253 0.41 -1.38 -18.78
CA HIS D 253 -0.04 -2.77 -18.95
C HIS D 253 0.78 -3.76 -18.12
N ALA D 254 2.01 -3.40 -17.78
CA ALA D 254 2.84 -4.23 -16.90
C ALA D 254 3.56 -3.39 -15.84
N PRO D 255 2.84 -2.92 -14.80
CA PRO D 255 3.48 -2.07 -13.79
C PRO D 255 4.45 -2.85 -12.93
N GLY D 256 4.42 -4.18 -13.02
CA GLY D 256 5.26 -5.00 -12.18
C GLY D 256 6.60 -5.43 -12.77
N CYS D 257 7.10 -4.74 -13.79
CA CYS D 257 8.45 -5.03 -14.29
C CYS D 257 9.45 -4.05 -13.68
N PRO D 258 10.65 -4.53 -13.34
CA PRO D 258 11.61 -3.58 -12.78
C PRO D 258 11.78 -2.34 -13.66
N ALA D 259 12.13 -2.51 -14.93
CA ALA D 259 12.35 -1.35 -15.79
C ALA D 259 11.08 -0.92 -16.52
N ILE D 260 10.25 -0.10 -15.87
CA ILE D 260 9.02 0.42 -16.48
C ILE D 260 9.26 1.77 -17.14
N GLY D 261 8.44 2.08 -18.13
CA GLY D 261 8.41 3.36 -18.79
C GLY D 261 7.30 3.35 -19.82
N PRO D 262 6.95 4.53 -20.34
CA PRO D 262 5.93 4.66 -21.39
C PRO D 262 6.50 4.30 -22.75
N GLY D 263 5.63 4.10 -23.73
CA GLY D 263 6.03 3.84 -25.11
C GLY D 263 6.23 2.39 -25.49
N GLY D 264 5.54 1.48 -24.80
CA GLY D 264 5.73 0.06 -25.06
C GLY D 264 4.54 -0.65 -25.67
N LEU D 265 4.66 -1.96 -25.83
CA LEU D 265 3.61 -2.78 -26.38
C LEU D 265 2.38 -2.85 -25.45
N TYR D 266 1.21 -3.11 -26.01
CA TYR D 266 0.06 -3.36 -25.16
C TYR D 266 -0.17 -4.88 -25.10
N THR D 267 -0.72 -5.40 -24.01
CA THR D 267 -0.73 -6.86 -23.81
C THR D 267 -1.45 -7.65 -24.93
N ASP D 268 -2.59 -7.17 -25.39
CA ASP D 268 -3.33 -7.87 -26.44
C ASP D 268 -2.52 -7.99 -27.74
N GLU D 269 -1.76 -6.94 -28.06
CA GLU D 269 -0.78 -6.97 -29.14
C GLU D 269 0.25 -8.08 -28.93
N LEU D 270 0.79 -8.18 -27.72
CA LEU D 270 1.77 -9.23 -27.41
C LEU D 270 1.12 -10.61 -27.51
N LEU D 271 -0.06 -10.76 -26.92
CA LEU D 271 -0.70 -12.08 -26.88
C LEU D 271 -0.90 -12.59 -28.31
N GLU D 272 -1.33 -11.71 -29.21
CA GLU D 272 -1.61 -12.11 -30.58
C GLU D 272 -0.32 -12.55 -31.26
N ALA D 273 0.77 -11.83 -30.99
CA ALA D 273 2.06 -12.12 -31.62
C ALA D 273 2.63 -13.46 -31.15
N VAL D 274 2.61 -13.67 -29.84
CA VAL D 274 2.95 -14.97 -29.27
C VAL D 274 2.11 -16.13 -29.88
N LYS D 275 0.80 -15.95 -30.02
CA LYS D 275 -0.03 -17.02 -30.60
C LYS D 275 0.40 -17.30 -32.06
N TYR D 276 0.61 -16.25 -32.84
CA TYR D 276 1.15 -16.39 -34.18
C TYR D 276 2.44 -17.21 -34.22
N ILE D 277 3.48 -16.74 -33.54
CA ILE D 277 4.77 -17.44 -33.55
C ILE D 277 4.64 -18.89 -33.07
N ALA D 278 3.82 -19.10 -32.05
CA ALA D 278 3.65 -20.43 -31.46
C ALA D 278 3.12 -21.48 -32.43
N GLN D 279 2.49 -21.02 -33.53
CA GLN D 279 1.93 -21.93 -34.54
C GLN D 279 2.97 -22.37 -35.56
N GLN D 280 4.09 -21.66 -35.60
CA GLN D 280 5.12 -21.88 -36.59
C GLN D 280 5.84 -23.20 -36.32
N PRO D 281 6.56 -23.72 -37.32
CA PRO D 281 7.22 -25.03 -37.15
C PRO D 281 8.45 -24.98 -36.23
N ASN D 282 8.60 -26.02 -35.41
CA ASN D 282 9.80 -26.25 -34.62
C ASN D 282 10.05 -25.18 -33.54
N VAL D 283 8.96 -24.70 -32.94
CA VAL D 283 9.06 -23.88 -31.75
C VAL D 283 9.60 -24.74 -30.63
N ALA D 284 10.79 -24.43 -30.17
CA ALA D 284 11.49 -25.29 -29.20
C ALA D 284 11.15 -24.95 -27.75
N GLY D 285 10.62 -23.75 -27.51
CA GLY D 285 10.34 -23.32 -26.14
C GLY D 285 9.94 -21.85 -26.04
N ILE D 286 9.46 -21.49 -24.85
CA ILE D 286 9.17 -20.11 -24.56
C ILE D 286 9.55 -19.85 -23.10
N GLU D 287 10.08 -18.66 -22.85
CA GLU D 287 10.40 -18.26 -21.49
C GLU D 287 9.81 -16.88 -21.25
N ILE D 288 9.42 -16.63 -20.01
CA ILE D 288 8.95 -15.32 -19.62
C ILE D 288 9.84 -14.78 -18.51
N VAL D 289 10.37 -13.60 -18.72
CA VAL D 289 11.25 -13.00 -17.73
C VAL D 289 10.81 -11.62 -17.33
N GLU D 290 11.37 -11.16 -16.20
CA GLU D 290 11.30 -9.80 -15.73
C GLU D 290 9.95 -9.41 -15.12
N VAL D 291 9.17 -10.40 -14.73
CA VAL D 291 8.01 -10.12 -13.89
C VAL D 291 8.44 -9.99 -12.42
N ASP D 292 8.05 -8.89 -11.78
CA ASP D 292 8.39 -8.72 -10.36
C ASP D 292 7.12 -8.49 -9.52
N PRO D 293 6.62 -9.56 -8.92
CA PRO D 293 5.41 -9.48 -8.10
C PRO D 293 5.48 -8.44 -6.99
N THR D 294 6.66 -8.17 -6.41
CA THR D 294 6.77 -7.20 -5.30
C THR D 294 6.61 -5.77 -5.82
N LEU D 295 6.69 -5.59 -7.13
CA LEU D 295 6.56 -4.26 -7.69
C LEU D 295 5.17 -4.10 -8.35
N ASP D 296 4.36 -5.18 -8.34
CA ASP D 296 3.14 -5.22 -9.19
C ASP D 296 1.94 -4.56 -8.53
N PHE D 297 0.96 -4.13 -9.33
CA PHE D 297 -0.32 -3.81 -8.76
C PHE D 297 -1.21 -5.04 -8.78
N ARG D 298 -1.70 -5.44 -7.61
CA ARG D 298 -2.31 -6.73 -7.42
C ARG D 298 -1.35 -7.72 -8.06
N ASP D 299 -1.83 -8.55 -8.98
CA ASP D 299 -0.92 -9.44 -9.73
C ASP D 299 -1.12 -9.29 -11.24
N MSE D 300 -1.45 -8.08 -11.67
CA MSE D 300 -1.73 -7.76 -13.06
C MSE D 300 -0.70 -8.29 -14.02
O MSE D 300 -1.05 -8.74 -15.10
CB MSE D 300 -1.75 -6.25 -13.28
CG MSE D 300 -3.07 -5.58 -12.94
SE MSE D 300 -2.88 -3.63 -13.14
CE MSE D 300 -2.35 -3.57 -15.02
N THR D 301 0.57 -8.16 -13.65
CA THR D 301 1.65 -8.50 -14.55
C THR D 301 1.86 -10.01 -14.58
N SER D 302 1.59 -10.68 -13.45
CA SER D 302 1.62 -12.14 -13.44
C SER D 302 0.41 -12.67 -14.24
N ARG D 303 -0.74 -11.99 -14.19
CA ARG D 303 -1.89 -12.43 -15.01
C ARG D 303 -1.58 -12.26 -16.50
N ALA D 304 -1.00 -11.11 -16.86
CA ALA D 304 -0.56 -10.86 -18.24
C ALA D 304 0.38 -11.95 -18.71
N ALA D 305 1.31 -12.34 -17.84
CA ALA D 305 2.26 -13.41 -18.14
C ALA D 305 1.53 -14.76 -18.33
N ALA D 306 0.60 -15.06 -17.44
CA ALA D 306 -0.18 -16.29 -17.55
C ALA D 306 -0.93 -16.33 -18.89
N HIS D 307 -1.44 -15.19 -19.33
CA HIS D 307 -2.13 -15.14 -20.62
C HIS D 307 -1.18 -15.34 -21.80
N VAL D 308 0.07 -14.90 -21.66
CA VAL D 308 1.07 -15.24 -22.66
C VAL D 308 1.22 -16.76 -22.77
N LEU D 309 1.16 -17.44 -21.63
CA LEU D 309 1.25 -18.90 -21.58
C LEU D 309 0.04 -19.53 -22.29
N LEU D 310 -1.15 -19.08 -21.92
CA LEU D 310 -2.38 -19.54 -22.56
C LEU D 310 -2.35 -19.35 -24.07
N HIS D 311 -1.89 -18.20 -24.55
CA HIS D 311 -1.90 -17.92 -25.98
C HIS D 311 -0.80 -18.67 -26.74
N ALA D 312 0.31 -18.94 -26.08
CA ALA D 312 1.31 -19.81 -26.67
C ALA D 312 0.78 -21.22 -26.79
N LEU D 313 0.16 -21.73 -25.73
CA LEU D 313 -0.42 -23.07 -25.75
C LEU D 313 -1.46 -23.15 -26.87
N LYS D 314 -2.25 -22.10 -26.97
CA LYS D 314 -3.27 -22.00 -28.00
C LYS D 314 -2.62 -22.15 -29.38
N GLY D 315 -1.53 -21.42 -29.59
CA GLY D 315 -0.82 -21.46 -30.86
C GLY D 315 -0.28 -22.84 -31.13
N MSE D 316 0.27 -23.49 -30.11
CA MSE D 316 0.77 -24.84 -30.29
C MSE D 316 -0.36 -25.83 -30.65
O MSE D 316 -0.20 -26.65 -31.54
CB MSE D 316 1.55 -25.31 -29.07
CG MSE D 316 2.79 -24.45 -28.78
SE MSE D 316 3.56 -24.79 -27.04
CE MSE D 316 4.40 -26.51 -27.45
N LYS D 317 -1.49 -25.72 -29.96
CA LYS D 317 -2.63 -26.59 -30.23
C LYS D 317 -3.13 -26.39 -31.66
N LEU D 318 -2.94 -25.19 -32.17
CA LEU D 318 -3.44 -24.80 -33.49
C LEU D 318 -2.49 -25.19 -34.62
N SER D 319 -1.21 -25.37 -34.31
CA SER D 319 -0.21 -25.58 -35.35
C SER D 319 -0.33 -26.96 -36.00
N PRO D 320 -0.12 -27.01 -37.32
CA PRO D 320 -0.15 -28.23 -38.15
C PRO D 320 1.04 -29.15 -37.88
N PHE D 321 2.07 -28.62 -37.22
CA PHE D 321 3.37 -29.28 -37.16
C PHE D 321 3.57 -30.17 -35.94
N ASP E 5 -24.14 35.48 8.85
CA ASP E 5 -24.97 35.30 10.04
C ASP E 5 -24.19 35.63 11.31
N LYS E 6 -24.43 34.85 12.36
CA LYS E 6 -23.78 35.08 13.65
C LYS E 6 -22.36 34.51 13.67
N TYR E 7 -22.16 33.38 13.01
CA TYR E 7 -20.87 32.72 12.95
C TYR E 7 -20.48 32.49 11.49
N PRO E 8 -19.92 33.51 10.85
CA PRO E 8 -19.65 33.60 9.41
C PRO E 8 -18.73 32.50 8.91
N PHE E 9 -17.77 32.09 9.73
CA PHE E 9 -16.78 31.14 9.28
C PHE E 9 -17.04 29.76 9.84
N LEU E 10 -18.29 29.49 10.19
CA LEU E 10 -18.67 28.18 10.69
C LEU E 10 -19.53 27.47 9.65
N ARG E 11 -19.08 26.32 9.15
CA ARG E 11 -19.87 25.57 8.17
C ARG E 11 -20.07 24.10 8.55
N GLU E 12 -20.94 23.42 7.81
CA GLU E 12 -21.23 22.02 8.10
C GLU E 12 -19.98 21.15 8.13
N ALA E 13 -19.98 20.14 8.98
CA ALA E 13 -18.88 19.20 9.05
C ALA E 13 -18.64 18.66 7.66
N GLY E 14 -17.38 18.61 7.26
CA GLY E 14 -17.00 17.97 6.02
C GLY E 14 -17.22 18.78 4.75
N SER E 15 -17.66 20.03 4.89
CA SER E 15 -17.95 20.85 3.73
C SER E 15 -16.70 21.11 2.90
N SER E 16 -16.88 21.26 1.59
CA SER E 16 -15.76 21.41 0.67
C SER E 16 -15.67 22.83 0.13
N PHE E 17 -14.53 23.11 -0.51
CA PHE E 17 -14.39 24.32 -1.30
C PHE E 17 -15.62 24.46 -2.18
N LYS E 18 -16.35 25.55 -2.01
CA LYS E 18 -17.42 25.83 -2.94
C LYS E 18 -16.91 26.86 -3.95
N ASP E 19 -17.24 26.63 -5.22
CA ASP E 19 -16.94 27.59 -6.27
C ASP E 19 -18.25 27.93 -6.93
N ARG E 20 -18.53 29.21 -7.08
CA ARG E 20 -19.84 29.66 -7.54
C ARG E 20 -20.09 29.46 -9.04
N ASP E 21 -19.04 29.38 -9.84
CA ASP E 21 -19.19 29.27 -11.29
C ASP E 21 -19.06 27.82 -11.77
N VAL E 22 -19.19 26.88 -10.85
CA VAL E 22 -19.06 25.48 -11.17
C VAL E 22 -20.23 24.68 -10.62
N THR E 23 -20.96 24.00 -11.50
CA THR E 23 -22.02 23.12 -11.05
C THR E 23 -21.61 21.66 -11.17
N LYS E 24 -21.41 21.03 -10.02
CA LYS E 24 -21.06 19.62 -9.96
C LYS E 24 -22.29 18.79 -9.63
N MSE E 25 -22.24 17.50 -9.93
CA MSE E 25 -23.36 16.63 -9.63
C MSE E 25 -23.86 16.81 -8.20
O MSE E 25 -25.07 16.76 -7.95
CB MSE E 25 -23.01 15.16 -9.92
CG MSE E 25 -22.88 14.87 -11.41
SE MSE E 25 -24.51 15.28 -12.39
CE MSE E 25 -25.66 13.87 -11.65
N SER E 26 -22.94 17.01 -7.28
CA SER E 26 -23.27 17.17 -5.87
C SER E 26 -24.18 18.37 -5.59
N ASP E 27 -24.32 19.26 -6.57
CA ASP E 27 -25.23 20.39 -6.43
C ASP E 27 -26.62 20.02 -6.98
N LEU E 28 -26.68 18.95 -7.76
CA LEU E 28 -27.93 18.52 -8.39
C LEU E 28 -28.61 17.34 -7.69
N ILE E 29 -27.82 16.42 -7.18
CA ILE E 29 -28.33 15.21 -6.53
C ILE E 29 -29.03 15.55 -5.22
N ALA E 30 -30.23 15.03 -5.02
CA ALA E 30 -30.94 15.32 -3.79
C ALA E 30 -31.44 14.05 -3.11
N THR E 31 -31.10 13.90 -1.84
CA THR E 31 -31.58 12.78 -1.04
C THR E 31 -33.12 12.76 -1.06
N TRP E 32 -33.66 11.68 -1.62
CA TRP E 32 -35.09 11.55 -1.96
C TRP E 32 -36.04 11.71 -0.79
N ASP E 33 -37.12 12.46 -1.04
CA ASP E 33 -38.07 12.83 -0.02
C ASP E 33 -39.28 11.91 -0.03
N GLY E 34 -39.55 11.33 -1.19
CA GLY E 34 -40.71 10.48 -1.37
C GLY E 34 -41.57 11.01 -2.50
N GLN E 35 -41.30 12.24 -2.91
CA GLN E 35 -42.06 12.87 -3.97
C GLN E 35 -42.00 12.05 -5.26
N ASP E 36 -42.97 12.26 -6.13
CA ASP E 36 -43.06 11.55 -7.41
C ASP E 36 -41.76 11.63 -8.19
N ILE E 37 -41.24 10.45 -8.58
CA ILE E 37 -39.98 10.37 -9.31
C ILE E 37 -40.15 10.62 -10.82
N LYS E 38 -39.65 11.75 -11.30
CA LYS E 38 -39.66 12.02 -12.73
C LYS E 38 -38.26 11.80 -13.30
N GLY E 39 -38.12 10.80 -14.16
CA GLY E 39 -36.85 10.52 -14.82
C GLY E 39 -35.89 9.69 -13.97
N PRO E 40 -34.60 9.76 -14.30
CA PRO E 40 -33.54 9.00 -13.62
C PRO E 40 -33.50 9.33 -12.15
N ALA E 41 -33.22 8.32 -11.34
CA ALA E 41 -32.85 8.51 -9.95
C ALA E 41 -31.96 7.35 -9.51
N LEU E 42 -31.02 7.66 -8.63
CA LEU E 42 -30.00 6.72 -8.17
C LEU E 42 -30.58 5.82 -7.09
N ILE E 43 -30.07 4.61 -7.02
CA ILE E 43 -30.37 3.70 -5.92
C ILE E 43 -29.20 2.75 -5.73
N GLY E 44 -28.77 2.59 -4.49
CA GLY E 44 -27.62 1.75 -4.18
C GLY E 44 -27.99 0.34 -3.75
N VAL E 45 -27.15 -0.61 -4.14
CA VAL E 45 -27.31 -2.01 -3.79
C VAL E 45 -26.00 -2.57 -3.30
N PRO E 46 -25.71 -2.38 -2.00
CA PRO E 46 -24.40 -2.74 -1.46
C PRO E 46 -24.32 -4.20 -1.08
N LEU E 47 -24.33 -5.07 -2.10
CA LEU E 47 -24.25 -6.51 -1.86
C LEU E 47 -23.05 -7.11 -2.59
N SER E 48 -22.22 -7.84 -1.86
CA SER E 48 -21.10 -8.53 -2.52
C SER E 48 -20.71 -9.84 -1.84
N LYS E 49 -21.45 -10.24 -0.81
CA LYS E 49 -21.12 -11.53 -0.17
C LYS E 49 -21.58 -12.68 -1.03
N SER E 50 -22.33 -12.33 -2.08
CA SER E 50 -22.83 -13.30 -3.03
C SER E 50 -21.76 -13.61 -4.08
N SER E 51 -20.63 -12.92 -4.01
CA SER E 51 -19.59 -13.15 -5.02
C SER E 51 -18.82 -14.43 -4.72
N ILE E 52 -18.35 -15.09 -5.75
CA ILE E 52 -17.46 -16.22 -5.59
C ILE E 52 -16.11 -15.78 -5.00
N SER E 53 -15.48 -14.79 -5.63
CA SER E 53 -14.21 -14.21 -5.17
C SER E 53 -14.51 -13.35 -3.95
N HIS E 54 -13.54 -13.27 -3.04
CA HIS E 54 -13.70 -12.32 -1.94
C HIS E 54 -13.88 -10.94 -2.57
N SER E 55 -14.94 -10.24 -2.20
CA SER E 55 -15.23 -8.99 -2.86
C SER E 55 -15.77 -7.88 -1.97
N GLY E 56 -15.26 -6.67 -2.17
CA GLY E 56 -15.72 -5.48 -1.44
C GLY E 56 -16.65 -4.63 -2.27
N ALA E 57 -17.27 -5.23 -3.29
CA ALA E 57 -18.18 -4.45 -4.15
C ALA E 57 -19.34 -3.80 -3.39
N SER E 58 -19.57 -4.22 -2.15
CA SER E 58 -20.57 -3.54 -1.32
C SER E 58 -20.20 -2.11 -0.97
N PHE E 59 -18.93 -1.74 -1.08
CA PHE E 59 -18.54 -0.35 -0.87
C PHE E 59 -18.70 0.51 -2.09
N ALA E 60 -18.94 -0.09 -3.26
CA ALA E 60 -18.96 0.69 -4.51
C ALA E 60 -20.08 1.72 -4.63
N PRO E 61 -21.25 1.44 -4.04
CA PRO E 61 -22.26 2.49 -4.24
C PRO E 61 -21.82 3.81 -3.59
N GLY E 62 -21.16 3.73 -2.43
CA GLY E 62 -20.59 4.92 -1.83
C GLY E 62 -19.46 5.55 -2.65
N THR E 63 -18.48 4.74 -3.07
CA THR E 63 -17.35 5.32 -3.81
C THR E 63 -17.77 5.88 -5.17
N ILE E 64 -18.70 5.21 -5.83
CA ILE E 64 -19.21 5.70 -7.12
C ILE E 64 -20.03 6.98 -6.92
N ARG E 65 -20.87 7.01 -5.89
CA ARG E 65 -21.52 8.25 -5.51
C ARG E 65 -20.49 9.37 -5.29
N GLN E 66 -19.47 9.09 -4.48
CA GLN E 66 -18.46 10.11 -4.17
C GLN E 66 -17.82 10.63 -5.46
N ALA E 67 -17.40 9.72 -6.33
CA ALA E 67 -16.84 10.09 -7.62
C ALA E 67 -17.83 10.89 -8.46
N LEU E 68 -19.09 10.45 -8.49
CA LEU E 68 -20.08 11.14 -9.31
C LEU E 68 -20.29 12.57 -8.80
N LYS E 69 -20.37 12.72 -7.49
CA LYS E 69 -20.69 13.99 -6.88
C LYS E 69 -19.64 15.05 -7.16
N HIS E 70 -18.39 14.63 -7.30
CA HIS E 70 -17.30 15.56 -7.54
C HIS E 70 -17.09 15.81 -9.03
N SER E 71 -17.92 15.22 -9.86
CA SER E 71 -17.81 15.41 -11.29
C SER E 71 -18.63 16.60 -11.77
N SER E 72 -18.15 17.28 -12.79
CA SER E 72 -18.91 18.38 -13.36
C SER E 72 -20.17 17.81 -13.99
N ALA E 73 -21.27 18.55 -13.90
CA ALA E 73 -22.53 18.13 -14.52
C ALA E 73 -22.62 18.62 -15.96
N TYR E 74 -21.64 19.44 -16.34
CA TYR E 74 -21.68 20.11 -17.63
C TYR E 74 -21.05 19.30 -18.74
N SER E 75 -21.82 19.04 -19.76
CA SER E 75 -21.32 18.36 -20.94
C SER E 75 -20.98 19.38 -21.99
N ALA E 76 -19.70 19.52 -22.30
CA ALA E 76 -19.31 20.48 -23.31
C ALA E 76 -20.02 20.18 -24.64
N GLU E 77 -20.00 18.92 -25.05
CA GLU E 77 -20.56 18.51 -26.34
C GLU E 77 -22.06 18.78 -26.43
N LEU E 78 -22.67 19.03 -25.28
CA LEU E 78 -24.11 19.23 -25.18
C LEU E 78 -24.41 20.70 -25.03
N GLY E 79 -23.44 21.44 -24.48
CA GLY E 79 -23.62 22.84 -24.20
C GLY E 79 -24.56 23.03 -23.04
N GLU E 80 -24.92 21.94 -22.39
CA GLU E 80 -25.75 22.03 -21.19
C GLU E 80 -25.41 20.92 -20.22
N HIS E 81 -25.93 21.05 -19.01
CA HIS E 81 -25.77 20.03 -17.98
C HIS E 81 -26.58 18.78 -18.34
N VAL E 82 -26.05 17.60 -18.04
CA VAL E 82 -26.79 16.37 -18.34
C VAL E 82 -28.01 16.21 -17.43
N VAL E 83 -28.01 16.87 -16.27
CA VAL E 83 -29.17 16.91 -15.40
C VAL E 83 -29.67 18.35 -15.33
N SER E 84 -30.98 18.55 -15.50
CA SER E 84 -31.55 19.90 -15.53
C SER E 84 -32.01 20.40 -14.16
N GLU E 85 -33.01 19.74 -13.58
CA GLU E 85 -33.51 20.17 -12.29
C GLU E 85 -32.72 19.55 -11.16
N LEU E 86 -33.17 18.39 -10.68
CA LEU E 86 -32.43 17.65 -9.68
C LEU E 86 -32.48 16.15 -9.97
N LEU E 87 -31.48 15.42 -9.50
CA LEU E 87 -31.45 13.99 -9.64
C LEU E 87 -31.60 13.36 -8.25
N TYR E 88 -32.70 12.66 -8.02
CA TYR E 88 -32.90 12.03 -6.73
C TYR E 88 -31.91 10.89 -6.44
N ASP E 89 -31.54 10.78 -5.18
CA ASP E 89 -30.82 9.62 -4.70
C ASP E 89 -31.77 8.84 -3.79
N LEU E 90 -32.28 7.72 -4.30
CA LEU E 90 -33.34 7.01 -3.61
C LEU E 90 -32.85 6.38 -2.30
N GLY E 91 -31.55 6.19 -2.18
CA GLY E 91 -30.98 5.57 -0.99
C GLY E 91 -30.40 4.22 -1.30
N ASP E 92 -30.17 3.41 -0.28
CA ASP E 92 -29.63 2.08 -0.49
C ASP E 92 -30.67 1.01 -0.18
N ILE E 93 -30.61 -0.09 -0.91
CA ILE E 93 -31.43 -1.22 -0.55
C ILE E 93 -30.84 -1.92 0.65
N ASP E 94 -31.69 -2.20 1.63
CA ASP E 94 -31.24 -2.89 2.83
C ASP E 94 -30.69 -4.27 2.49
N ILE E 95 -29.43 -4.50 2.86
CA ILE E 95 -28.79 -5.78 2.62
C ILE E 95 -28.62 -6.46 3.94
N HIS E 96 -29.09 -7.70 4.02
CA HIS E 96 -28.93 -8.48 5.24
C HIS E 96 -27.45 -8.78 5.47
N VAL E 97 -27.01 -8.73 6.73
CA VAL E 97 -25.60 -8.99 7.04
C VAL E 97 -25.18 -10.37 6.53
N THR E 98 -26.11 -11.33 6.65
CA THR E 98 -25.77 -12.74 6.61
C THR E 98 -26.49 -13.60 5.55
N ASP E 99 -27.75 -13.29 5.29
CA ASP E 99 -28.61 -14.10 4.42
C ASP E 99 -28.69 -13.54 2.98
N ILE E 100 -27.95 -14.14 2.06
CA ILE E 100 -27.83 -13.64 0.68
C ILE E 100 -29.14 -13.78 -0.11
N VAL E 101 -29.85 -14.86 0.13
CA VAL E 101 -31.16 -15.05 -0.51
C VAL E 101 -32.14 -13.95 -0.07
N LYS E 102 -32.29 -13.76 1.25
CA LYS E 102 -33.13 -12.68 1.75
C LYS E 102 -32.79 -11.31 1.09
N SER E 103 -31.49 -11.06 0.87
CA SER E 103 -31.07 -9.80 0.24
C SER E 103 -31.63 -9.64 -1.16
N HIS E 104 -31.59 -10.73 -1.94
CA HIS E 104 -32.16 -10.72 -3.27
C HIS E 104 -33.67 -10.43 -3.19
N HIS E 105 -34.37 -11.08 -2.27
CA HIS E 105 -35.79 -10.76 -2.09
C HIS E 105 -36.01 -9.27 -1.78
N HIS E 106 -35.17 -8.70 -0.92
CA HIS E 106 -35.26 -7.27 -0.58
C HIS E 106 -35.11 -6.41 -1.82
N ILE E 107 -34.14 -6.78 -2.65
CA ILE E 107 -33.88 -6.08 -3.89
C ILE E 107 -35.12 -6.15 -4.79
N PHE E 108 -35.58 -7.36 -5.09
CA PHE E 108 -36.73 -7.46 -6.00
C PHE E 108 -37.98 -6.74 -5.47
N GLN E 109 -38.26 -6.89 -4.20
CA GLN E 109 -39.46 -6.33 -3.61
C GLN E 109 -39.40 -4.81 -3.63
N THR E 110 -38.27 -4.26 -3.18
CA THR E 110 -38.07 -2.82 -3.20
C THR E 110 -38.16 -2.26 -4.61
N MSE E 111 -37.49 -2.95 -5.53
CA MSE E 111 -37.42 -2.50 -6.91
C MSE E 111 -38.82 -2.58 -7.52
O MSE E 111 -39.33 -1.63 -8.08
CB MSE E 111 -36.43 -3.40 -7.66
CG MSE E 111 -35.67 -2.73 -8.78
SE MSE E 111 -34.26 -1.49 -8.21
CE MSE E 111 -34.16 -0.52 -9.90
N HIS E 112 -39.46 -3.75 -7.39
CA HIS E 112 -40.81 -3.94 -7.90
C HIS E 112 -41.78 -2.84 -7.47
N ALA E 113 -41.78 -2.52 -6.19
CA ALA E 113 -42.65 -1.48 -5.62
C ALA E 113 -42.35 -0.07 -6.17
N LEU E 114 -41.07 0.28 -6.27
CA LEU E 114 -40.70 1.60 -6.73
C LEU E 114 -41.08 1.84 -8.18
N LEU E 115 -40.89 0.82 -9.01
CA LEU E 115 -41.21 0.92 -10.42
C LEU E 115 -42.73 0.91 -10.63
N SER E 116 -43.48 0.43 -9.63
CA SER E 116 -44.94 0.36 -9.71
C SER E 116 -45.58 1.67 -9.26
N ASP E 117 -44.96 2.29 -8.26
CA ASP E 117 -45.47 3.53 -7.68
C ASP E 117 -44.95 4.74 -8.45
N HIS E 118 -43.85 4.56 -9.16
CA HIS E 118 -43.29 5.64 -9.97
C HIS E 118 -42.88 5.13 -11.34
N PRO E 119 -43.88 5.03 -12.23
CA PRO E 119 -43.80 4.54 -13.61
C PRO E 119 -42.87 5.36 -14.47
N ASP E 120 -42.51 6.54 -14.00
CA ASP E 120 -41.60 7.37 -14.76
C ASP E 120 -40.15 7.23 -14.33
N TRP E 121 -39.92 6.50 -13.23
CA TRP E 121 -38.56 6.32 -12.71
C TRP E 121 -37.67 5.49 -13.62
N VAL E 122 -36.52 6.05 -13.98
CA VAL E 122 -35.51 5.31 -14.73
C VAL E 122 -34.36 5.01 -13.78
N PRO E 123 -34.27 3.75 -13.34
CA PRO E 123 -33.25 3.32 -12.38
C PRO E 123 -31.80 3.58 -12.83
N LEU E 124 -31.04 4.28 -12.01
CA LEU E 124 -29.59 4.30 -12.18
C LEU E 124 -29.06 3.48 -11.05
N ILE E 125 -28.75 2.22 -11.31
CA ILE E 125 -28.44 1.28 -10.25
C ILE E 125 -26.94 1.13 -10.00
N LEU E 126 -26.54 1.33 -8.74
CA LEU E 126 -25.17 1.17 -8.31
C LEU E 126 -25.02 -0.10 -7.46
N GLY E 127 -24.49 -1.16 -8.03
CA GLY E 127 -24.10 -2.31 -7.23
C GLY E 127 -22.75 -2.09 -6.54
N GLY E 128 -22.25 -3.09 -5.84
CA GLY E 128 -22.88 -4.40 -5.77
C GLY E 128 -22.28 -5.31 -6.83
N ASP E 129 -22.33 -6.60 -6.59
CA ASP E 129 -21.79 -7.56 -7.55
C ASP E 129 -22.85 -7.94 -8.59
N ASN E 130 -22.48 -8.80 -9.52
CA ASN E 130 -23.33 -9.15 -10.63
C ASN E 130 -24.58 -9.95 -10.22
N SER E 131 -24.57 -10.55 -9.02
CA SER E 131 -25.70 -11.36 -8.57
C SER E 131 -26.99 -10.56 -8.53
N ILE E 132 -26.90 -9.24 -8.41
CA ILE E 132 -28.13 -8.43 -8.32
C ILE E 132 -28.93 -8.41 -9.61
N SER E 133 -28.28 -8.71 -10.73
CA SER E 133 -28.89 -8.53 -12.05
C SER E 133 -30.18 -9.35 -12.24
N TYR E 134 -30.29 -10.48 -11.55
CA TYR E 134 -31.51 -11.26 -11.56
C TYR E 134 -32.66 -10.46 -10.97
N SER E 135 -32.49 -10.01 -9.73
CA SER E 135 -33.52 -9.26 -9.03
C SER E 135 -33.88 -7.93 -9.70
N THR E 136 -32.87 -7.22 -10.21
CA THR E 136 -33.11 -5.94 -10.88
C THR E 136 -33.83 -6.12 -12.22
N ILE E 137 -33.34 -7.01 -13.06
CA ILE E 137 -33.98 -7.23 -14.35
C ILE E 137 -35.38 -7.85 -14.20
N LYS E 138 -35.51 -8.92 -13.42
CA LYS E 138 -36.80 -9.50 -13.20
C LYS E 138 -37.78 -8.41 -12.82
N ALA E 139 -37.35 -7.50 -11.95
CA ALA E 139 -38.23 -6.43 -11.50
C ALA E 139 -38.62 -5.53 -12.67
N ILE E 140 -37.68 -5.21 -13.54
CA ILE E 140 -37.98 -4.42 -14.73
C ILE E 140 -38.97 -5.17 -15.63
N ALA E 141 -38.68 -6.44 -15.88
CA ALA E 141 -39.49 -7.27 -16.78
C ALA E 141 -40.91 -7.52 -16.26
N GLN E 142 -41.05 -7.73 -14.96
CA GLN E 142 -42.35 -8.04 -14.37
C GLN E 142 -43.09 -6.79 -13.92
N THR E 143 -42.60 -5.63 -14.36
CA THR E 143 -43.25 -4.38 -14.00
C THR E 143 -43.36 -3.48 -15.21
N LYS E 144 -42.60 -3.79 -16.25
CA LYS E 144 -42.45 -2.87 -17.36
C LYS E 144 -42.97 -3.45 -18.66
N GLY E 145 -42.58 -4.69 -18.94
CA GLY E 145 -42.90 -5.29 -20.22
C GLY E 145 -41.78 -6.17 -20.75
N THR E 146 -41.94 -6.65 -21.98
CA THR E 146 -40.91 -7.46 -22.59
C THR E 146 -39.61 -6.68 -22.62
N THR E 147 -38.56 -7.24 -22.05
CA THR E 147 -37.35 -6.47 -21.83
C THR E 147 -36.15 -7.03 -22.56
N ALA E 148 -35.48 -6.16 -23.30
CA ALA E 148 -34.22 -6.46 -23.96
C ALA E 148 -33.08 -6.10 -23.01
N VAL E 149 -32.06 -6.94 -22.94
CA VAL E 149 -30.93 -6.62 -22.08
C VAL E 149 -29.62 -6.56 -22.83
N ILE E 150 -28.90 -5.47 -22.65
CA ILE E 150 -27.56 -5.31 -23.16
C ILE E 150 -26.56 -5.49 -22.03
N GLN E 151 -25.92 -6.65 -22.04
CA GLN E 151 -24.97 -7.02 -21.01
C GLN E 151 -23.52 -6.74 -21.44
N PHE E 152 -22.91 -5.68 -20.91
CA PHE E 152 -21.47 -5.50 -21.08
C PHE E 152 -20.74 -6.39 -20.09
N ASP E 153 -19.99 -7.35 -20.59
CA ASP E 153 -19.39 -8.34 -19.72
C ASP E 153 -18.31 -9.14 -20.41
N ALA E 154 -17.29 -9.53 -19.65
CA ALA E 154 -16.27 -10.44 -20.17
C ALA E 154 -16.76 -11.89 -20.02
N HIS E 155 -17.75 -12.10 -19.14
CA HIS E 155 -18.25 -13.43 -18.78
C HIS E 155 -19.72 -13.62 -19.13
N HIS E 156 -20.12 -14.86 -19.45
CA HIS E 156 -21.50 -15.16 -19.81
C HIS E 156 -22.41 -14.95 -18.59
N ASP E 157 -21.90 -15.30 -17.41
CA ASP E 157 -22.71 -15.31 -16.19
C ASP E 157 -23.94 -16.23 -16.26
N VAL E 158 -23.72 -17.45 -16.73
CA VAL E 158 -24.75 -18.48 -16.67
C VAL E 158 -24.29 -19.72 -15.89
N ARG E 159 -23.55 -19.49 -14.82
CA ARG E 159 -23.13 -20.58 -13.93
C ARG E 159 -24.29 -21.36 -13.32
N ASN E 160 -24.10 -22.66 -13.15
CA ASN E 160 -25.10 -23.49 -12.47
C ASN E 160 -25.30 -22.97 -11.05
N THR E 161 -26.52 -23.09 -10.54
CA THR E 161 -26.84 -22.52 -9.23
C THR E 161 -26.65 -23.50 -8.08
N GLU E 162 -26.36 -24.76 -8.39
CA GLU E 162 -26.23 -25.80 -7.38
C GLU E 162 -24.91 -25.72 -6.58
N ASP E 163 -23.81 -25.44 -7.27
CA ASP E 163 -22.49 -25.41 -6.66
C ASP E 163 -22.26 -24.29 -5.61
N GLY E 164 -23.03 -23.22 -5.69
CA GLY E 164 -22.81 -22.13 -4.77
C GLY E 164 -24.01 -21.24 -4.49
N GLY E 165 -25.22 -21.70 -4.83
CA GLY E 165 -26.38 -20.86 -4.66
C GLY E 165 -26.42 -19.73 -5.69
N PRO E 166 -27.20 -18.67 -5.43
CA PRO E 166 -27.36 -17.55 -6.36
C PRO E 166 -26.17 -16.58 -6.37
N THR E 167 -25.00 -17.06 -6.76
CA THR E 167 -23.81 -16.23 -6.71
C THR E 167 -23.77 -15.24 -7.84
N ASN E 168 -22.71 -14.43 -7.85
CA ASN E 168 -22.58 -13.38 -8.87
C ASN E 168 -22.43 -13.88 -10.30
N GLY E 169 -21.99 -15.14 -10.46
CA GLY E 169 -21.86 -15.75 -11.77
C GLY E 169 -23.13 -16.41 -12.35
N THR E 170 -24.25 -16.33 -11.64
CA THR E 170 -25.48 -17.05 -12.04
C THR E 170 -26.65 -16.24 -12.61
N PRO E 171 -26.61 -14.89 -12.54
CA PRO E 171 -27.90 -14.22 -12.77
C PRO E 171 -28.57 -14.55 -14.10
N PHE E 172 -27.81 -14.72 -15.17
CA PHE E 172 -28.47 -14.92 -16.46
C PHE E 172 -28.93 -16.37 -16.67
N ARG E 173 -28.40 -17.32 -15.89
CA ARG E 173 -29.00 -18.64 -15.87
C ARG E 173 -30.37 -18.58 -15.22
N ARG E 174 -30.42 -17.92 -14.07
CA ARG E 174 -31.66 -17.80 -13.34
C ARG E 174 -32.71 -17.08 -14.19
N LEU E 175 -32.30 -16.00 -14.85
CA LEU E 175 -33.16 -15.21 -15.71
C LEU E 175 -33.65 -16.03 -16.91
N LEU E 176 -32.75 -16.79 -17.52
CA LEU E 176 -33.12 -17.57 -18.71
C LEU E 176 -33.95 -18.81 -18.35
N ASP E 177 -33.49 -19.58 -17.38
CA ASP E 177 -34.21 -20.77 -16.94
C ASP E 177 -35.67 -20.43 -16.61
N GLU E 178 -35.89 -19.27 -16.03
CA GLU E 178 -37.22 -18.93 -15.53
C GLU E 178 -38.02 -18.18 -16.58
N GLU E 179 -37.39 -18.00 -17.73
CA GLU E 179 -38.00 -17.33 -18.87
C GLU E 179 -38.43 -15.89 -18.57
N ILE E 180 -37.71 -15.22 -17.68
CA ILE E 180 -37.92 -13.80 -17.38
C ILE E 180 -37.58 -12.99 -18.62
N ILE E 181 -36.53 -13.42 -19.31
CA ILE E 181 -36.16 -12.83 -20.60
C ILE E 181 -35.86 -13.96 -21.56
N GLU E 182 -35.89 -13.64 -22.84
CA GLU E 182 -35.54 -14.61 -23.88
C GLU E 182 -34.08 -14.43 -24.24
N GLY E 183 -33.40 -15.53 -24.52
CA GLY E 183 -31.99 -15.47 -24.90
C GLY E 183 -31.74 -14.56 -26.08
N GLN E 184 -32.62 -14.61 -27.08
CA GLN E 184 -32.41 -13.83 -28.29
C GLN E 184 -32.71 -12.36 -28.05
N HIS E 185 -33.13 -12.03 -26.84
CA HIS E 185 -33.16 -10.63 -26.44
C HIS E 185 -31.97 -10.26 -25.57
N LEU E 186 -31.10 -11.22 -25.30
CA LEU E 186 -29.89 -10.94 -24.50
C LEU E 186 -28.72 -10.65 -25.44
N ILE E 187 -28.16 -9.45 -25.34
CA ILE E 187 -26.99 -9.03 -26.11
C ILE E 187 -25.74 -8.94 -25.21
N GLN E 188 -24.80 -9.87 -25.42
CA GLN E 188 -23.58 -9.92 -24.62
C GLN E 188 -22.42 -9.27 -25.37
N LEU E 189 -21.96 -8.12 -24.86
CA LEU E 189 -20.82 -7.41 -25.44
C LEU E 189 -19.54 -7.58 -24.61
N GLY E 190 -18.52 -8.14 -25.25
CA GLY E 190 -17.19 -8.14 -24.68
C GLY E 190 -16.74 -9.49 -24.20
N ILE E 191 -17.51 -10.55 -24.51
CA ILE E 191 -17.16 -11.90 -24.08
C ILE E 191 -15.71 -12.21 -24.44
N ARG E 192 -14.96 -12.65 -23.44
CA ARG E 192 -13.51 -12.59 -23.54
C ARG E 192 -12.86 -13.95 -23.63
N GLU E 193 -11.99 -14.09 -24.61
CA GLU E 193 -11.17 -15.27 -24.75
C GLU E 193 -10.50 -15.60 -23.45
N PHE E 194 -10.77 -16.81 -22.96
CA PHE E 194 -10.19 -17.34 -21.73
C PHE E 194 -10.90 -16.91 -20.45
N SER E 195 -12.02 -16.20 -20.58
CA SER E 195 -12.80 -15.82 -19.40
C SER E 195 -14.01 -16.75 -19.13
N ASN E 196 -14.19 -17.75 -20.00
CA ASN E 196 -15.42 -18.56 -19.96
C ASN E 196 -15.23 -20.09 -20.05
N SER E 197 -16.32 -20.83 -19.83
CA SER E 197 -16.29 -22.28 -19.95
C SER E 197 -17.04 -22.79 -21.16
N GLN E 198 -16.60 -23.93 -21.68
CA GLN E 198 -17.28 -24.60 -22.77
C GLN E 198 -18.77 -24.81 -22.50
N ALA E 199 -19.10 -25.46 -21.39
CA ALA E 199 -20.48 -25.77 -21.06
C ALA E 199 -21.33 -24.52 -20.86
N TYR E 200 -20.69 -23.44 -20.43
CA TYR E 200 -21.45 -22.23 -20.19
C TYR E 200 -21.73 -21.47 -21.49
N GLU E 201 -20.81 -21.59 -22.44
CA GLU E 201 -20.96 -20.99 -23.74
C GLU E 201 -22.04 -21.76 -24.50
N ALA E 202 -22.12 -23.06 -24.26
CA ALA E 202 -23.14 -23.88 -24.90
C ALA E 202 -24.50 -23.49 -24.36
N TYR E 203 -24.63 -23.44 -23.03
CA TYR E 203 -25.90 -23.01 -22.44
C TYR E 203 -26.39 -21.70 -23.06
N ALA E 204 -25.46 -20.77 -23.25
CA ALA E 204 -25.79 -19.50 -23.87
C ALA E 204 -26.24 -19.66 -25.33
N LYS E 205 -25.57 -20.53 -26.07
CA LYS E 205 -25.92 -20.75 -27.46
C LYS E 205 -27.25 -21.50 -27.60
N LYS E 206 -27.44 -22.54 -26.79
CA LYS E 206 -28.69 -23.31 -26.75
C LYS E 206 -29.86 -22.33 -26.70
N HIS E 207 -29.67 -21.26 -25.92
CA HIS E 207 -30.71 -20.27 -25.67
C HIS E 207 -30.77 -19.16 -26.71
N ASN E 208 -29.97 -19.28 -27.77
CA ASN E 208 -29.92 -18.26 -28.80
C ASN E 208 -29.46 -16.87 -28.32
N VAL E 209 -28.60 -16.83 -27.32
CA VAL E 209 -28.08 -15.54 -26.87
C VAL E 209 -27.25 -14.89 -27.96
N ASN E 210 -27.36 -13.58 -28.12
CA ASN E 210 -26.51 -12.86 -29.07
C ASN E 210 -25.12 -12.56 -28.47
N ILE E 211 -24.12 -13.34 -28.87
CA ILE E 211 -22.81 -13.29 -28.27
C ILE E 211 -21.80 -12.55 -29.13
N HIS E 212 -21.26 -11.46 -28.61
CA HIS E 212 -20.23 -10.74 -29.34
C HIS E 212 -18.92 -10.70 -28.56
N THR E 213 -17.92 -11.39 -29.08
CA THR E 213 -16.65 -11.53 -28.39
C THR E 213 -15.82 -10.25 -28.53
N MSE E 214 -14.77 -10.14 -27.74
CA MSE E 214 -13.78 -9.09 -27.89
C MSE E 214 -13.16 -9.17 -29.28
O MSE E 214 -12.93 -8.16 -29.92
CB MSE E 214 -12.69 -9.23 -26.82
CG MSE E 214 -13.10 -8.73 -25.45
SE MSE E 214 -13.67 -6.88 -25.46
CE MSE E 214 -12.17 -6.03 -26.44
N ASP E 215 -12.89 -10.40 -29.73
CA ASP E 215 -12.35 -10.60 -31.08
C ASP E 215 -13.26 -10.00 -32.16
N MSE E 216 -14.54 -10.37 -32.13
CA MSE E 216 -15.48 -9.83 -33.12
C MSE E 216 -15.57 -8.32 -32.95
O MSE E 216 -15.57 -7.57 -33.93
CB MSE E 216 -16.87 -10.45 -32.99
CG MSE E 216 -16.94 -11.98 -33.09
SE MSE E 216 -18.66 -12.68 -32.40
CE MSE E 216 -18.24 -14.59 -32.37
N ILE E 217 -15.63 -7.85 -31.71
CA ILE E 217 -15.80 -6.43 -31.44
C ILE E 217 -14.61 -5.64 -31.95
N ARG E 218 -13.42 -6.20 -31.78
CA ARG E 218 -12.18 -5.57 -32.25
C ARG E 218 -12.11 -5.48 -33.76
N GLU E 219 -12.79 -6.39 -34.45
CA GLU E 219 -12.85 -6.37 -35.91
C GLU E 219 -13.87 -5.39 -36.46
N LYS E 220 -15.08 -5.41 -35.92
CA LYS E 220 -16.16 -4.61 -36.49
C LYS E 220 -16.31 -3.25 -35.81
N GLY E 221 -15.89 -3.16 -34.56
CA GLY E 221 -16.09 -1.94 -33.80
C GLY E 221 -17.22 -2.14 -32.83
N LEU E 222 -17.21 -1.38 -31.74
CA LEU E 222 -18.21 -1.57 -30.69
C LEU E 222 -19.51 -0.92 -31.11
N ILE E 223 -19.41 0.30 -31.63
CA ILE E 223 -20.60 1.01 -32.07
C ILE E 223 -21.26 0.37 -33.30
N PRO E 224 -20.44 0.00 -34.30
CA PRO E 224 -20.98 -0.73 -35.45
C PRO E 224 -21.66 -2.02 -34.99
N THR E 225 -20.97 -2.80 -34.17
CA THR E 225 -21.53 -4.04 -33.64
C THR E 225 -22.90 -3.81 -33.02
N ILE E 226 -23.06 -2.68 -32.36
CA ILE E 226 -24.33 -2.37 -31.70
C ILE E 226 -25.43 -1.94 -32.69
N LYS E 227 -25.10 -0.97 -33.55
CA LYS E 227 -26.04 -0.46 -34.55
C LYS E 227 -26.67 -1.58 -35.34
N GLU E 228 -26.02 -2.74 -35.31
CA GLU E 228 -26.34 -3.86 -36.17
C GLU E 228 -27.23 -4.91 -35.51
N ILE E 229 -27.08 -5.08 -34.19
CA ILE E 229 -27.82 -6.12 -33.48
C ILE E 229 -28.98 -5.54 -32.69
N LEU E 230 -28.86 -4.29 -32.29
CA LEU E 230 -29.84 -3.68 -31.41
C LEU E 230 -31.23 -3.47 -32.07
N PRO E 231 -31.27 -2.90 -33.28
CA PRO E 231 -32.55 -2.63 -33.96
C PRO E 231 -33.40 -3.88 -34.04
N VAL E 232 -32.76 -5.00 -34.35
CA VAL E 232 -33.41 -6.30 -34.42
C VAL E 232 -34.12 -6.67 -33.12
N VAL E 233 -33.41 -6.51 -32.00
CA VAL E 233 -33.93 -6.89 -30.70
C VAL E 233 -35.02 -5.92 -30.22
N GLN E 234 -34.92 -4.66 -30.63
CA GLN E 234 -35.90 -3.64 -30.26
C GLN E 234 -37.27 -3.92 -30.88
N ASP E 235 -37.25 -4.62 -32.00
CA ASP E 235 -38.48 -5.03 -32.70
C ASP E 235 -39.28 -5.95 -31.81
N LYS E 236 -38.55 -6.80 -31.10
CA LYS E 236 -39.15 -7.89 -30.40
C LYS E 236 -39.44 -7.50 -28.96
N THR E 237 -39.15 -6.24 -28.60
CA THR E 237 -39.28 -5.83 -27.20
C THR E 237 -39.86 -4.43 -26.97
N ASP E 238 -40.25 -4.20 -25.71
CA ASP E 238 -40.85 -2.95 -25.26
C ASP E 238 -39.88 -2.02 -24.51
N PHE E 239 -38.82 -2.61 -23.96
CA PHE E 239 -37.83 -1.83 -23.23
C PHE E 239 -36.44 -2.44 -23.37
N ILE E 240 -35.42 -1.59 -23.34
CA ILE E 240 -34.04 -2.09 -23.21
C ILE E 240 -33.46 -1.67 -21.86
N PHE E 241 -32.73 -2.60 -21.23
CA PHE E 241 -32.09 -2.36 -19.95
C PHE E 241 -30.59 -2.63 -20.12
N ILE E 242 -29.76 -1.73 -19.60
CA ILE E 242 -28.30 -1.81 -19.81
C ILE E 242 -27.59 -2.34 -18.57
N SER E 243 -26.93 -3.49 -18.71
CA SER E 243 -26.19 -4.07 -17.61
C SER E 243 -24.68 -3.92 -17.85
N VAL E 244 -24.04 -3.02 -17.10
CA VAL E 244 -22.61 -2.81 -17.27
C VAL E 244 -21.83 -3.48 -16.16
N ASP E 245 -21.23 -4.61 -16.46
CA ASP E 245 -20.26 -5.21 -15.57
C ASP E 245 -18.88 -4.63 -15.93
N MSE E 246 -18.28 -3.92 -15.00
CA MSE E 246 -17.08 -3.15 -15.27
C MSE E 246 -15.88 -4.03 -15.60
O MSE E 246 -14.89 -3.56 -16.16
CB MSE E 246 -16.77 -2.20 -14.11
CG MSE E 246 -17.85 -1.15 -13.94
SE MSE E 246 -17.88 0.17 -15.39
CE MSE E 246 -16.25 1.15 -14.85
N ASP E 247 -15.97 -5.31 -15.29
CA ASP E 247 -14.85 -6.18 -15.62
C ASP E 247 -14.80 -6.50 -17.12
N VAL E 248 -15.71 -5.90 -17.88
CA VAL E 248 -15.60 -5.91 -19.33
C VAL E 248 -14.40 -5.08 -19.76
N LEU E 249 -13.97 -4.15 -18.90
CA LEU E 249 -12.84 -3.29 -19.22
C LEU E 249 -11.51 -4.00 -19.02
N ASP E 250 -10.54 -3.67 -19.87
CA ASP E 250 -9.18 -4.14 -19.70
C ASP E 250 -8.69 -3.84 -18.29
N GLN E 251 -7.85 -4.73 -17.76
CA GLN E 251 -7.39 -4.56 -16.41
C GLN E 251 -6.64 -3.20 -16.22
N SER E 252 -6.01 -2.69 -17.26
CA SER E 252 -5.25 -1.46 -17.06
C SER E 252 -6.18 -0.28 -16.92
N HIS E 253 -7.42 -0.42 -17.40
CA HIS E 253 -8.42 0.63 -17.33
C HIS E 253 -9.34 0.55 -16.13
N ALA E 254 -9.51 -0.67 -15.60
CA ALA E 254 -10.35 -0.89 -14.42
C ALA E 254 -9.68 -1.90 -13.50
N PRO E 255 -8.66 -1.45 -12.75
CA PRO E 255 -7.91 -2.37 -11.89
C PRO E 255 -8.77 -2.83 -10.71
N GLY E 256 -9.80 -2.08 -10.37
CA GLY E 256 -10.61 -2.41 -9.20
C GLY E 256 -11.73 -3.44 -9.37
N CYS E 257 -11.67 -4.30 -10.39
CA CYS E 257 -12.65 -5.38 -10.52
C CYS E 257 -12.07 -6.69 -10.02
N PRO E 258 -12.88 -7.54 -9.35
CA PRO E 258 -12.28 -8.79 -8.87
C PRO E 258 -11.65 -9.60 -10.01
N ALA E 259 -12.37 -9.75 -11.11
CA ALA E 259 -11.86 -10.56 -12.24
C ALA E 259 -11.16 -9.69 -13.28
N ILE E 260 -9.87 -9.43 -13.08
CA ILE E 260 -9.10 -8.61 -13.99
C ILE E 260 -8.29 -9.48 -14.93
N GLY E 261 -8.08 -8.99 -16.14
CA GLY E 261 -7.15 -9.61 -17.07
C GLY E 261 -6.93 -8.68 -18.23
N PRO E 262 -5.99 -9.03 -19.11
CA PRO E 262 -5.75 -8.26 -20.33
C PRO E 262 -6.74 -8.60 -21.46
N GLY E 263 -6.85 -7.72 -22.44
CA GLY E 263 -7.70 -7.92 -23.62
C GLY E 263 -9.16 -7.47 -23.45
N GLY E 264 -9.41 -6.45 -22.62
CA GLY E 264 -10.78 -5.96 -22.45
C GLY E 264 -11.09 -4.70 -23.23
N LEU E 265 -12.29 -4.15 -23.04
CA LEU E 265 -12.60 -2.85 -23.63
C LEU E 265 -11.76 -1.74 -22.99
N TYR E 266 -11.63 -0.61 -23.68
CA TYR E 266 -11.05 0.61 -23.09
C TYR E 266 -12.17 1.56 -22.65
N THR E 267 -11.93 2.36 -21.60
CA THR E 267 -13.03 3.12 -21.02
C THR E 267 -13.72 4.04 -22.01
N ASP E 268 -12.95 4.66 -22.90
CA ASP E 268 -13.53 5.56 -23.91
C ASP E 268 -14.51 4.83 -24.86
N GLU E 269 -14.12 3.66 -25.36
CA GLU E 269 -15.05 2.81 -26.10
C GLU E 269 -16.35 2.62 -25.34
N LEU E 270 -16.23 2.15 -24.10
CA LEU E 270 -17.41 1.84 -23.30
C LEU E 270 -18.31 3.07 -23.14
N LEU E 271 -17.72 4.20 -22.80
CA LEU E 271 -18.48 5.43 -22.58
C LEU E 271 -19.23 5.85 -23.86
N GLU E 272 -18.55 5.80 -25.00
CA GLU E 272 -19.21 6.10 -26.26
C GLU E 272 -20.43 5.18 -26.44
N ALA E 273 -20.23 3.88 -26.22
CA ALA E 273 -21.30 2.92 -26.43
C ALA E 273 -22.47 3.14 -25.47
N VAL E 274 -22.19 3.44 -24.21
CA VAL E 274 -23.27 3.64 -23.26
C VAL E 274 -24.10 4.85 -23.66
N LYS E 275 -23.42 5.87 -24.17
CA LYS E 275 -24.09 7.09 -24.61
C LYS E 275 -25.02 6.73 -25.76
N TYR E 276 -24.48 5.98 -26.72
CA TYR E 276 -25.24 5.62 -27.91
C TYR E 276 -26.54 4.90 -27.56
N ILE E 277 -26.42 3.81 -26.81
CA ILE E 277 -27.58 3.03 -26.38
C ILE E 277 -28.59 3.86 -25.59
N ALA E 278 -28.09 4.79 -24.76
CA ALA E 278 -28.97 5.59 -23.90
C ALA E 278 -29.75 6.65 -24.68
N GLN E 279 -29.41 6.86 -25.94
CA GLN E 279 -30.18 7.74 -26.82
C GLN E 279 -31.46 7.03 -27.28
N GLN E 280 -31.38 5.72 -27.45
CA GLN E 280 -32.50 4.92 -27.93
C GLN E 280 -33.76 5.14 -27.11
N PRO E 281 -34.93 4.89 -27.74
CA PRO E 281 -36.21 5.00 -27.04
C PRO E 281 -36.44 3.80 -26.12
N ASN E 282 -37.03 4.07 -24.96
CA ASN E 282 -37.48 3.01 -24.06
C ASN E 282 -36.36 2.34 -23.26
N VAL E 283 -35.29 3.10 -22.99
CA VAL E 283 -34.27 2.66 -22.05
C VAL E 283 -34.91 2.65 -20.66
N ALA E 284 -35.17 1.46 -20.12
CA ALA E 284 -35.82 1.35 -18.81
C ALA E 284 -34.83 1.54 -17.66
N GLY E 285 -33.54 1.47 -17.94
CA GLY E 285 -32.58 1.65 -16.87
C GLY E 285 -31.16 1.18 -17.15
N ILE E 286 -30.30 1.41 -16.16
CA ILE E 286 -28.92 1.02 -16.26
C ILE E 286 -28.42 0.60 -14.89
N GLU E 287 -27.58 -0.41 -14.86
CA GLU E 287 -26.94 -0.85 -13.64
C GLU E 287 -25.44 -1.03 -13.87
N ILE E 288 -24.66 -0.72 -12.84
CA ILE E 288 -23.21 -0.85 -12.86
C ILE E 288 -22.78 -1.80 -11.76
N VAL E 289 -22.13 -2.89 -12.13
CA VAL E 289 -21.77 -3.88 -11.13
C VAL E 289 -20.28 -4.23 -11.21
N GLU E 290 -19.82 -4.83 -10.12
CA GLU E 290 -18.49 -5.44 -10.03
C GLU E 290 -17.36 -4.44 -9.83
N VAL E 291 -17.68 -3.22 -9.41
CA VAL E 291 -16.64 -2.30 -8.98
C VAL E 291 -16.27 -2.69 -7.56
N ASP E 292 -15.00 -2.98 -7.33
CA ASP E 292 -14.54 -3.30 -5.98
C ASP E 292 -13.53 -2.27 -5.48
N PRO E 293 -14.00 -1.29 -4.70
CA PRO E 293 -13.12 -0.20 -4.28
C PRO E 293 -11.98 -0.69 -3.38
N THR E 294 -12.13 -1.82 -2.71
CA THR E 294 -10.98 -2.32 -1.91
C THR E 294 -9.88 -2.92 -2.75
N LEU E 295 -10.14 -3.14 -4.04
CA LEU E 295 -9.07 -3.63 -4.91
C LEU E 295 -8.54 -2.56 -5.84
N ASP E 296 -9.09 -1.34 -5.76
CA ASP E 296 -8.87 -0.35 -6.80
C ASP E 296 -7.54 0.37 -6.63
N PHE E 297 -7.03 1.01 -7.68
CA PHE E 297 -6.02 2.03 -7.47
C PHE E 297 -6.66 3.41 -7.31
N ARG E 298 -6.44 4.03 -6.16
CA ARG E 298 -7.19 5.23 -5.76
C ARG E 298 -8.66 4.88 -5.92
N ASP E 299 -9.42 5.66 -6.68
CA ASP E 299 -10.80 5.25 -6.99
C ASP E 299 -11.03 5.28 -8.51
N MSE E 300 -10.01 4.90 -9.28
CA MSE E 300 -10.08 4.95 -10.75
C MSE E 300 -11.31 4.27 -11.30
O MSE E 300 -12.00 4.79 -12.18
CB MSE E 300 -8.86 4.26 -11.37
CG MSE E 300 -7.62 5.10 -11.46
SE MSE E 300 -6.11 3.99 -12.11
CE MSE E 300 -6.83 3.35 -13.82
N THR E 301 -11.56 3.07 -10.82
CA THR E 301 -12.66 2.29 -11.36
C THR E 301 -14.00 2.91 -10.97
N SER E 302 -14.08 3.49 -9.77
CA SER E 302 -15.29 4.18 -9.34
C SER E 302 -15.50 5.44 -10.15
N ARG E 303 -14.42 6.07 -10.59
CA ARG E 303 -14.52 7.25 -11.44
C ARG E 303 -14.94 6.84 -12.82
N ALA E 304 -14.37 5.74 -13.29
CA ALA E 304 -14.75 5.21 -14.58
C ALA E 304 -16.25 4.96 -14.53
N ALA E 305 -16.72 4.40 -13.42
CA ALA E 305 -18.13 4.04 -13.31
C ALA E 305 -18.98 5.29 -13.22
N ALA E 306 -18.49 6.30 -12.49
CA ALA E 306 -19.20 7.57 -12.39
C ALA E 306 -19.43 8.12 -13.78
N HIS E 307 -18.41 8.00 -14.63
CA HIS E 307 -18.44 8.54 -15.98
C HIS E 307 -19.40 7.80 -16.91
N VAL E 308 -19.50 6.48 -16.76
CA VAL E 308 -20.50 5.69 -17.47
C VAL E 308 -21.89 6.26 -17.22
N LEU E 309 -22.17 6.52 -15.95
CA LEU E 309 -23.40 7.16 -15.51
C LEU E 309 -23.59 8.50 -16.22
N LEU E 310 -22.51 9.27 -16.38
CA LEU E 310 -22.62 10.59 -17.02
C LEU E 310 -22.88 10.50 -18.50
N HIS E 311 -22.25 9.55 -19.16
CA HIS E 311 -22.48 9.39 -20.59
C HIS E 311 -23.86 8.78 -20.89
N ALA E 312 -24.41 8.02 -19.93
CA ALA E 312 -25.78 7.55 -20.08
C ALA E 312 -26.78 8.68 -19.79
N LEU E 313 -26.48 9.50 -18.79
CA LEU E 313 -27.29 10.70 -18.54
C LEU E 313 -27.29 11.60 -19.78
N LYS E 314 -26.10 11.90 -20.26
CA LYS E 314 -25.94 12.66 -21.51
C LYS E 314 -26.78 12.04 -22.63
N GLY E 315 -26.68 10.73 -22.80
CA GLY E 315 -27.41 10.06 -23.86
C GLY E 315 -28.92 10.16 -23.74
N MSE E 316 -29.43 9.97 -22.53
CA MSE E 316 -30.88 10.06 -22.33
C MSE E 316 -31.37 11.47 -22.65
O MSE E 316 -32.43 11.64 -23.24
CB MSE E 316 -31.24 9.69 -20.88
CG MSE E 316 -31.02 8.24 -20.51
SE MSE E 316 -31.12 8.08 -18.57
CE MSE E 316 -33.02 8.52 -18.39
N LYS E 317 -30.59 12.47 -22.26
CA LYS E 317 -31.04 13.84 -22.43
C LYS E 317 -31.17 14.20 -23.91
N LEU E 318 -30.32 13.61 -24.73
CA LEU E 318 -30.33 13.95 -26.16
C LEU E 318 -31.15 12.96 -27.01
N SER E 319 -32.38 12.70 -26.59
CA SER E 319 -33.34 12.00 -27.43
C SER E 319 -34.75 12.36 -27.00
N PRO E 320 -35.64 12.58 -27.99
CA PRO E 320 -37.08 12.82 -27.76
C PRO E 320 -37.90 11.53 -27.77
N LYS F 6 44.22 3.22 -0.60
CA LYS F 6 43.58 4.07 -1.59
C LYS F 6 42.08 3.88 -1.48
N TYR F 7 41.69 2.91 -0.65
CA TYR F 7 40.28 2.58 -0.42
C TYR F 7 39.58 2.35 -1.75
N PRO F 8 40.14 1.45 -2.55
CA PRO F 8 39.64 1.15 -3.91
C PRO F 8 38.21 0.63 -3.86
N PHE F 9 37.84 0.04 -2.71
CA PHE F 9 36.50 -0.51 -2.54
C PHE F 9 35.61 0.40 -1.75
N LEU F 10 36.13 1.57 -1.39
CA LEU F 10 35.30 2.58 -0.74
C LEU F 10 34.79 3.55 -1.77
N ARG F 11 33.53 3.95 -1.64
CA ARG F 11 32.82 4.66 -2.68
C ARG F 11 31.99 5.77 -2.04
N GLU F 12 31.61 6.77 -2.83
CA GLU F 12 30.75 7.82 -2.27
C GLU F 12 29.37 7.28 -1.87
N ALA F 13 28.88 7.72 -0.72
CA ALA F 13 27.59 7.27 -0.19
C ALA F 13 26.46 7.38 -1.20
N GLY F 14 25.75 6.29 -1.40
CA GLY F 14 24.58 6.28 -2.27
C GLY F 14 24.87 6.00 -3.72
N SER F 15 26.14 6.02 -4.12
CA SER F 15 26.47 5.74 -5.52
C SER F 15 26.17 4.27 -5.85
N SER F 16 25.82 4.02 -7.11
CA SER F 16 25.43 2.67 -7.54
C SER F 16 26.14 2.23 -8.82
N PHE F 17 25.74 1.06 -9.31
CA PHE F 17 26.24 0.48 -10.56
C PHE F 17 26.60 1.55 -11.60
N LYS F 18 27.87 1.59 -11.99
CA LYS F 18 28.28 2.45 -13.10
C LYS F 18 28.65 1.57 -14.29
N ASP F 19 28.40 2.08 -15.49
CA ASP F 19 28.67 1.31 -16.71
C ASP F 19 29.30 2.20 -17.76
N ARG F 20 30.59 2.00 -18.00
CA ARG F 20 31.37 2.75 -18.98
C ARG F 20 30.68 2.97 -20.33
N ASP F 21 29.88 2.00 -20.75
CA ASP F 21 29.26 2.01 -22.08
C ASP F 21 27.85 2.63 -22.07
N VAL F 22 27.43 3.08 -20.89
CA VAL F 22 26.13 3.72 -20.76
C VAL F 22 26.28 5.22 -20.50
N THR F 23 25.53 6.03 -21.23
CA THR F 23 25.41 7.44 -20.89
C THR F 23 24.00 7.78 -20.42
N LYS F 24 23.86 7.97 -19.12
CA LYS F 24 22.59 8.34 -18.51
C LYS F 24 22.53 9.85 -18.38
N MSE F 25 21.35 10.41 -18.17
CA MSE F 25 21.24 11.84 -17.93
C MSE F 25 22.05 12.22 -16.70
O MSE F 25 22.60 13.31 -16.65
CB MSE F 25 19.79 12.28 -17.74
CG MSE F 25 18.98 12.19 -19.02
SE MSE F 25 19.72 13.32 -20.41
CE MSE F 25 19.04 15.04 -19.80
N SER F 26 22.12 11.32 -15.73
CA SER F 26 22.86 11.61 -14.51
C SER F 26 24.33 11.90 -14.82
N ASP F 27 24.78 11.46 -15.99
CA ASP F 27 26.16 11.65 -16.40
C ASP F 27 26.31 13.02 -17.03
N LEU F 28 25.19 13.62 -17.40
CA LEU F 28 25.22 14.87 -18.16
C LEU F 28 24.65 16.06 -17.43
N ILE F 29 23.99 15.83 -16.29
CA ILE F 29 23.42 16.94 -15.54
C ILE F 29 24.42 17.46 -14.51
N ALA F 30 24.66 18.77 -14.51
CA ALA F 30 25.58 19.37 -13.56
C ALA F 30 24.92 20.43 -12.70
N THR F 31 25.28 20.46 -11.43
CA THR F 31 24.79 21.51 -10.54
C THR F 31 25.30 22.84 -11.07
N TRP F 32 24.39 23.81 -11.23
CA TRP F 32 24.76 25.12 -11.78
C TRP F 32 25.61 25.92 -10.81
N ASP F 33 26.68 26.49 -11.33
CA ASP F 33 27.61 27.24 -10.49
C ASP F 33 27.70 28.71 -10.92
N GLY F 34 26.78 29.15 -11.77
CA GLY F 34 26.75 30.53 -12.21
C GLY F 34 27.36 30.76 -13.58
N GLN F 35 27.91 29.71 -14.18
CA GLN F 35 28.40 29.83 -15.53
C GLN F 35 27.26 30.26 -16.46
N ASP F 36 27.58 30.77 -17.64
CA ASP F 36 26.57 31.20 -18.59
C ASP F 36 25.75 30.02 -19.06
N ILE F 37 24.45 30.25 -19.20
CA ILE F 37 23.52 29.21 -19.62
C ILE F 37 23.19 29.30 -21.11
N LYS F 38 23.63 28.31 -21.87
CA LYS F 38 23.26 28.22 -23.27
C LYS F 38 22.34 27.03 -23.48
N GLY F 39 21.11 27.30 -23.93
CA GLY F 39 20.14 26.24 -24.14
C GLY F 39 19.42 25.78 -22.88
N PRO F 40 18.85 24.56 -22.92
CA PRO F 40 18.03 23.99 -21.84
C PRO F 40 18.75 23.95 -20.50
N ALA F 41 18.05 24.29 -19.43
CA ALA F 41 18.56 24.06 -18.09
C ALA F 41 17.37 23.80 -17.17
N LEU F 42 17.55 22.90 -16.22
CA LEU F 42 16.46 22.53 -15.31
C LEU F 42 16.28 23.58 -14.23
N ILE F 43 15.04 23.77 -13.80
CA ILE F 43 14.77 24.52 -12.59
C ILE F 43 13.52 23.95 -11.91
N GLY F 44 13.60 23.76 -10.58
CA GLY F 44 12.53 23.17 -9.80
C GLY F 44 11.63 24.24 -9.20
N VAL F 45 10.33 23.94 -9.15
CA VAL F 45 9.38 24.86 -8.55
C VAL F 45 8.41 24.13 -7.64
N PRO F 46 8.88 23.76 -6.43
CA PRO F 46 8.24 22.81 -5.50
C PRO F 46 7.03 23.39 -4.78
N LEU F 47 6.13 24.05 -5.50
CA LEU F 47 4.96 24.65 -4.88
C LEU F 47 3.71 23.78 -5.02
N SER F 48 3.03 23.45 -3.93
CA SER F 48 1.78 22.72 -4.09
C SER F 48 0.68 23.09 -3.08
N LYS F 49 0.94 24.06 -2.21
CA LYS F 49 -0.12 24.45 -1.28
C LYS F 49 -1.13 25.35 -1.99
N SER F 50 -0.77 25.76 -3.20
CA SER F 50 -1.69 26.51 -4.05
C SER F 50 -2.88 25.67 -4.49
N SER F 51 -2.77 24.36 -4.29
CA SER F 51 -3.75 23.42 -4.80
C SER F 51 -5.08 23.44 -4.04
N ILE F 52 -6.17 23.27 -4.77
CA ILE F 52 -7.48 23.17 -4.15
C ILE F 52 -7.58 21.80 -3.50
N SER F 53 -7.15 20.76 -4.23
CA SER F 53 -7.04 19.41 -3.69
C SER F 53 -5.78 19.30 -2.83
N HIS F 54 -5.82 18.50 -1.77
CA HIS F 54 -4.59 18.22 -1.03
C HIS F 54 -3.57 17.61 -1.97
N SER F 55 -2.43 18.28 -2.14
CA SER F 55 -1.46 17.87 -3.16
C SER F 55 -0.02 17.75 -2.67
N GLY F 56 0.67 16.70 -3.11
CA GLY F 56 2.06 16.48 -2.82
C GLY F 56 2.89 16.85 -4.01
N ALA F 57 2.34 17.67 -4.89
CA ALA F 57 3.07 18.07 -6.10
C ALA F 57 4.40 18.80 -5.83
N SER F 58 4.62 19.27 -4.60
CA SER F 58 5.89 19.91 -4.27
C SER F 58 7.06 18.92 -4.26
N PHE F 59 6.74 17.63 -4.23
CA PHE F 59 7.75 16.58 -4.27
C PHE F 59 8.11 16.19 -5.69
N ALA F 60 7.31 16.63 -6.65
CA ALA F 60 7.51 16.26 -8.07
C ALA F 60 8.90 16.61 -8.59
N PRO F 61 9.38 17.82 -8.31
CA PRO F 61 10.71 18.20 -8.79
C PRO F 61 11.80 17.17 -8.42
N GLY F 62 11.81 16.70 -7.18
CA GLY F 62 12.68 15.59 -6.80
C GLY F 62 12.44 14.28 -7.58
N THR F 63 11.19 13.84 -7.66
CA THR F 63 10.91 12.56 -8.32
C THR F 63 11.13 12.57 -9.83
N ILE F 64 10.79 13.68 -10.46
CA ILE F 64 11.01 13.82 -11.89
C ILE F 64 12.52 13.85 -12.17
N ARG F 65 13.27 14.62 -11.37
CA ARG F 65 14.74 14.63 -11.48
C ARG F 65 15.30 13.23 -11.37
N GLN F 66 14.86 12.50 -10.35
CA GLN F 66 15.37 11.17 -10.11
C GLN F 66 15.10 10.27 -11.33
N ALA F 67 13.87 10.30 -11.84
CA ALA F 67 13.50 9.51 -13.02
C ALA F 67 14.28 9.94 -14.25
N LEU F 68 14.44 11.24 -14.43
CA LEU F 68 15.20 11.74 -15.60
C LEU F 68 16.65 11.27 -15.51
N LYS F 69 17.23 11.34 -14.32
CA LYS F 69 18.65 11.04 -14.14
C LYS F 69 18.95 9.57 -14.39
N HIS F 70 17.96 8.71 -14.16
CA HIS F 70 18.19 7.29 -14.36
C HIS F 70 17.86 6.85 -15.80
N SER F 71 17.49 7.79 -16.64
CA SER F 71 17.16 7.47 -18.04
C SER F 71 18.40 7.62 -18.92
N SER F 72 18.49 6.80 -19.97
CA SER F 72 19.51 6.97 -20.98
C SER F 72 19.30 8.29 -21.74
N ALA F 73 20.39 8.94 -22.11
CA ALA F 73 20.33 10.18 -22.87
C ALA F 73 20.34 9.90 -24.36
N TYR F 74 20.52 8.62 -24.70
CA TYR F 74 20.63 8.21 -26.09
C TYR F 74 19.31 8.06 -26.85
N SER F 75 19.20 8.75 -27.98
CA SER F 75 18.06 8.60 -28.87
C SER F 75 18.44 7.79 -30.10
N ALA F 76 17.68 6.72 -30.36
CA ALA F 76 17.98 5.81 -31.46
C ALA F 76 17.54 6.43 -32.79
N GLU F 77 16.45 7.19 -32.77
CA GLU F 77 15.99 7.88 -33.96
C GLU F 77 17.03 8.87 -34.49
N LEU F 78 17.79 9.46 -33.57
CA LEU F 78 18.78 10.49 -33.90
C LEU F 78 20.19 9.94 -34.02
N GLY F 79 20.39 8.74 -33.47
CA GLY F 79 21.72 8.17 -33.41
C GLY F 79 22.68 9.02 -32.60
N GLU F 80 22.14 9.87 -31.73
CA GLU F 80 22.97 10.66 -30.81
C GLU F 80 22.25 11.01 -29.50
N HIS F 81 23.01 11.49 -28.53
CA HIS F 81 22.44 11.82 -27.23
C HIS F 81 21.68 13.13 -27.35
N VAL F 82 20.67 13.32 -26.51
CA VAL F 82 19.77 14.45 -26.69
C VAL F 82 20.39 15.70 -26.09
N VAL F 83 21.48 15.50 -25.37
CA VAL F 83 22.23 16.57 -24.76
C VAL F 83 23.68 16.40 -25.20
N SER F 84 24.21 17.39 -25.89
CA SER F 84 25.57 17.30 -26.42
C SER F 84 26.64 17.33 -25.33
N GLU F 85 26.66 18.41 -24.56
CA GLU F 85 27.74 18.67 -23.61
C GLU F 85 27.34 18.35 -22.17
N LEU F 86 26.60 19.27 -21.56
CA LEU F 86 26.06 19.07 -20.23
C LEU F 86 24.73 19.81 -20.11
N LEU F 87 24.01 19.54 -19.04
CA LEU F 87 22.73 20.19 -18.80
C LEU F 87 22.69 20.64 -17.36
N TYR F 88 22.77 21.94 -17.15
CA TYR F 88 22.77 22.50 -15.81
C TYR F 88 21.45 22.26 -15.11
N ASP F 89 21.53 21.96 -13.83
CA ASP F 89 20.36 21.97 -12.97
C ASP F 89 20.54 23.21 -12.11
N LEU F 90 19.66 24.18 -12.28
CA LEU F 90 19.85 25.50 -11.66
C LEU F 90 19.41 25.52 -10.20
N GLY F 91 18.67 24.52 -9.77
CA GLY F 91 18.20 24.46 -8.40
C GLY F 91 16.70 24.59 -8.27
N ASP F 92 16.23 24.81 -7.05
CA ASP F 92 14.80 25.02 -6.81
C ASP F 92 14.51 26.45 -6.38
N ILE F 93 13.40 26.98 -6.86
CA ILE F 93 12.92 28.23 -6.35
C ILE F 93 12.47 28.08 -4.90
N ASP F 94 12.90 29.02 -4.06
CA ASP F 94 12.55 28.98 -2.66
C ASP F 94 11.07 29.19 -2.52
N ILE F 95 10.40 28.23 -1.90
CA ILE F 95 8.96 28.30 -1.72
C ILE F 95 8.68 28.56 -0.25
N HIS F 96 7.85 29.56 0.03
CA HIS F 96 7.52 29.82 1.41
C HIS F 96 6.68 28.69 2.01
N VAL F 97 6.74 28.53 3.33
CA VAL F 97 6.04 27.46 4.02
C VAL F 97 4.56 27.80 4.12
N THR F 98 4.27 29.10 4.19
CA THR F 98 2.99 29.60 4.69
C THR F 98 2.28 30.61 3.78
N ASP F 99 3.04 31.54 3.21
CA ASP F 99 2.47 32.59 2.37
C ASP F 99 2.62 32.29 0.87
N ILE F 100 1.50 31.97 0.20
CA ILE F 100 1.51 31.56 -1.21
C ILE F 100 1.79 32.71 -2.17
N VAL F 101 1.37 33.91 -1.81
CA VAL F 101 1.59 35.07 -2.65
C VAL F 101 3.08 35.40 -2.65
N LYS F 102 3.71 35.22 -1.50
CA LYS F 102 5.15 35.36 -1.38
C LYS F 102 5.76 34.44 -2.42
N SER F 103 5.35 33.17 -2.35
CA SER F 103 5.86 32.13 -3.22
C SER F 103 5.75 32.48 -4.71
N HIS F 104 4.65 33.12 -5.13
CA HIS F 104 4.54 33.53 -6.52
C HIS F 104 5.53 34.62 -6.91
N HIS F 105 5.78 35.54 -5.99
CA HIS F 105 6.77 36.60 -6.21
C HIS F 105 8.16 35.97 -6.35
N HIS F 106 8.49 35.03 -5.46
CA HIS F 106 9.76 34.32 -5.57
C HIS F 106 9.92 33.72 -6.98
N ILE F 107 8.85 33.10 -7.48
CA ILE F 107 8.93 32.44 -8.77
C ILE F 107 9.15 33.45 -9.91
N PHE F 108 8.28 34.44 -10.00
CA PHE F 108 8.38 35.40 -11.09
C PHE F 108 9.69 36.20 -11.05
N GLN F 109 10.06 36.65 -9.87
CA GLN F 109 11.26 37.45 -9.73
C GLN F 109 12.51 36.60 -9.99
N THR F 110 12.51 35.34 -9.55
CA THR F 110 13.66 34.50 -9.89
C THR F 110 13.71 34.20 -11.39
N MSE F 111 12.57 33.81 -11.96
CA MSE F 111 12.53 33.49 -13.39
C MSE F 111 12.93 34.70 -14.20
O MSE F 111 13.72 34.61 -15.14
CB MSE F 111 11.13 33.03 -13.79
CG MSE F 111 10.68 31.73 -13.13
SE MSE F 111 11.53 30.20 -13.94
CE MSE F 111 11.03 30.47 -15.81
N HIS F 112 12.37 35.84 -13.85
CA HIS F 112 12.66 37.09 -14.56
C HIS F 112 14.14 37.46 -14.57
N ALA F 113 14.81 37.30 -13.43
CA ALA F 113 16.21 37.71 -13.32
C ALA F 113 17.10 36.78 -14.15
N LEU F 114 16.79 35.48 -14.10
CA LEU F 114 17.55 34.46 -14.83
C LEU F 114 17.40 34.57 -16.35
N LEU F 115 16.17 34.74 -16.83
CA LEU F 115 15.94 34.92 -18.26
C LEU F 115 16.73 36.14 -18.70
N SER F 116 16.72 37.17 -17.85
CA SER F 116 17.44 38.41 -18.10
C SER F 116 18.95 38.21 -18.11
N ASP F 117 19.49 37.61 -17.06
CA ASP F 117 20.94 37.45 -16.95
C ASP F 117 21.49 36.51 -18.00
N HIS F 118 20.63 35.62 -18.49
CA HIS F 118 21.06 34.54 -19.38
C HIS F 118 20.07 34.34 -20.52
N PRO F 119 20.11 35.23 -21.50
CA PRO F 119 19.16 35.30 -22.62
C PRO F 119 19.19 34.05 -23.52
N ASP F 120 20.10 33.12 -23.26
CA ASP F 120 20.10 31.88 -24.05
C ASP F 120 19.55 30.69 -23.27
N TRP F 121 19.16 30.93 -22.02
CA TRP F 121 18.56 29.89 -21.22
C TRP F 121 17.19 29.48 -21.75
N VAL F 122 17.00 28.17 -21.95
CA VAL F 122 15.71 27.62 -22.32
C VAL F 122 15.20 26.84 -21.11
N PRO F 123 14.23 27.41 -20.38
CA PRO F 123 13.77 26.76 -19.15
C PRO F 123 13.09 25.41 -19.36
N LEU F 124 13.54 24.42 -18.60
CA LEU F 124 12.79 23.18 -18.40
C LEU F 124 12.32 23.25 -16.95
N ILE F 125 11.06 23.67 -16.78
CA ILE F 125 10.50 23.92 -15.46
C ILE F 125 9.82 22.67 -14.88
N LEU F 126 10.16 22.31 -13.65
CA LEU F 126 9.52 21.16 -13.01
C LEU F 126 8.66 21.63 -11.85
N GLY F 127 7.34 21.62 -12.05
CA GLY F 127 6.41 21.90 -10.97
C GLY F 127 6.34 20.71 -10.01
N GLY F 128 5.60 20.87 -8.91
CA GLY F 128 4.80 22.06 -8.67
C GLY F 128 3.45 21.91 -9.31
N ASP F 129 2.47 22.63 -8.77
CA ASP F 129 1.10 22.51 -9.26
C ASP F 129 0.86 23.51 -10.36
N ASN F 130 -0.34 23.52 -10.90
CA ASN F 130 -0.64 24.34 -12.05
C ASN F 130 -0.60 25.83 -11.79
N SER F 131 -0.63 26.25 -10.53
CA SER F 131 -0.67 27.69 -10.27
C SER F 131 0.61 28.36 -10.71
N ILE F 132 1.70 27.60 -10.85
CA ILE F 132 2.99 28.21 -11.16
C ILE F 132 3.02 28.81 -12.57
N SER F 133 2.08 28.42 -13.42
CA SER F 133 2.11 28.87 -14.82
C SER F 133 1.95 30.37 -14.96
N TYR F 134 1.19 30.96 -14.05
CA TYR F 134 1.02 32.42 -14.10
C TYR F 134 2.37 33.10 -14.10
N SER F 135 3.22 32.72 -13.15
CA SER F 135 4.47 33.41 -12.90
C SER F 135 5.55 33.02 -13.88
N THR F 136 5.55 31.76 -14.31
CA THR F 136 6.52 31.34 -15.30
C THR F 136 6.24 31.97 -16.65
N ILE F 137 4.98 31.97 -17.07
CA ILE F 137 4.62 32.57 -18.36
C ILE F 137 4.78 34.10 -18.35
N LYS F 138 4.42 34.74 -17.25
CA LYS F 138 4.65 36.19 -17.07
C LYS F 138 6.13 36.55 -17.26
N ALA F 139 7.02 35.82 -16.61
CA ALA F 139 8.43 36.02 -16.80
C ALA F 139 8.81 35.84 -18.26
N ILE F 140 8.23 34.85 -18.94
CA ILE F 140 8.54 34.64 -20.35
C ILE F 140 8.08 35.82 -21.21
N ALA F 141 6.80 36.15 -21.10
CA ALA F 141 6.20 37.22 -21.90
C ALA F 141 6.94 38.54 -21.71
N GLN F 142 7.35 38.79 -20.49
CA GLN F 142 7.90 40.08 -20.14
C GLN F 142 9.42 40.17 -20.33
N THR F 143 10.07 39.06 -20.64
CA THR F 143 11.49 39.13 -20.99
C THR F 143 11.74 38.77 -22.45
N LYS F 144 10.87 37.95 -23.04
CA LYS F 144 11.08 37.45 -24.39
C LYS F 144 10.18 38.12 -25.45
N GLY F 145 9.10 38.75 -25.02
CA GLY F 145 8.21 39.41 -25.96
C GLY F 145 6.85 38.74 -26.12
N THR F 146 6.25 38.93 -27.29
CA THR F 146 4.93 38.37 -27.57
C THR F 146 4.96 36.84 -27.57
N THR F 147 4.13 36.23 -26.73
CA THR F 147 4.26 34.80 -26.50
C THR F 147 3.00 33.99 -26.79
N ALA F 148 3.18 32.89 -27.50
CA ALA F 148 2.09 31.92 -27.67
C ALA F 148 2.30 30.82 -26.66
N VAL F 149 1.21 30.32 -26.10
CA VAL F 149 1.28 29.23 -25.14
C VAL F 149 0.49 28.04 -25.66
N ILE F 150 1.13 26.88 -25.68
CA ILE F 150 0.46 25.63 -25.98
C ILE F 150 0.22 24.87 -24.68
N GLN F 151 -1.06 24.75 -24.31
CA GLN F 151 -1.46 24.24 -23.03
C GLN F 151 -2.08 22.86 -23.15
N PHE F 152 -1.33 21.81 -22.87
CA PHE F 152 -1.91 20.47 -22.82
C PHE F 152 -2.62 20.38 -21.48
N ASP F 153 -3.93 20.16 -21.52
CA ASP F 153 -4.72 20.17 -20.29
C ASP F 153 -6.10 19.59 -20.53
N ALA F 154 -6.66 18.90 -19.54
CA ALA F 154 -8.06 18.49 -19.65
C ALA F 154 -8.96 19.67 -19.27
N HIS F 155 -8.39 20.63 -18.55
CA HIS F 155 -9.14 21.76 -17.99
C HIS F 155 -8.74 23.11 -18.58
N HIS F 156 -9.69 24.04 -18.62
CA HIS F 156 -9.45 25.38 -19.14
C HIS F 156 -8.46 26.15 -18.27
N ASP F 157 -8.56 25.97 -16.96
CA ASP F 157 -7.79 26.72 -15.96
C ASP F 157 -8.07 28.20 -15.95
N VAL F 158 -9.35 28.57 -15.94
CA VAL F 158 -9.72 29.97 -15.88
C VAL F 158 -10.65 30.24 -14.71
N ARG F 159 -10.41 29.56 -13.60
CA ARG F 159 -11.25 29.71 -12.41
C ARG F 159 -11.09 31.11 -11.81
N ASN F 160 -12.10 31.52 -11.04
CA ASN F 160 -12.09 32.81 -10.33
C ASN F 160 -11.13 32.85 -9.12
N THR F 161 -10.69 34.04 -8.76
CA THR F 161 -9.69 34.17 -7.68
C THR F 161 -10.30 34.53 -6.31
N GLU F 162 -11.56 34.93 -6.29
CA GLU F 162 -12.21 35.39 -5.06
C GLU F 162 -12.33 34.30 -3.99
N ASP F 163 -12.64 33.10 -4.44
CA ASP F 163 -13.02 32.04 -3.50
C ASP F 163 -11.85 31.38 -2.77
N GLY F 164 -10.73 31.22 -3.46
CA GLY F 164 -9.60 30.51 -2.87
C GLY F 164 -8.22 31.13 -3.00
N GLY F 165 -8.14 32.39 -3.39
CA GLY F 165 -6.86 33.03 -3.66
C GLY F 165 -6.31 32.55 -4.99
N PRO F 166 -4.99 32.71 -5.20
CA PRO F 166 -4.37 32.25 -6.46
C PRO F 166 -4.21 30.74 -6.49
N THR F 167 -5.31 30.02 -6.59
CA THR F 167 -5.27 28.56 -6.60
C THR F 167 -4.72 28.02 -7.92
N ASN F 168 -4.41 26.73 -7.93
CA ASN F 168 -3.90 26.09 -9.14
C ASN F 168 -4.93 26.13 -10.29
N GLY F 169 -6.21 26.28 -9.98
CA GLY F 169 -7.25 26.44 -10.97
C GLY F 169 -7.32 27.76 -11.75
N THR F 170 -6.58 28.79 -11.31
CA THR F 170 -6.78 30.15 -11.83
C THR F 170 -5.72 30.78 -12.77
N PRO F 171 -4.62 30.07 -13.06
CA PRO F 171 -3.49 30.80 -13.68
C PRO F 171 -3.80 31.48 -15.01
N PHE F 172 -4.64 30.88 -15.87
CA PHE F 172 -4.90 31.47 -17.18
C PHE F 172 -5.99 32.55 -17.18
N ARG F 173 -6.82 32.56 -16.14
CA ARG F 173 -7.70 33.70 -15.90
C ARG F 173 -6.82 34.92 -15.64
N ARG F 174 -5.93 34.80 -14.68
CA ARG F 174 -5.04 35.90 -14.35
C ARG F 174 -4.28 36.35 -15.61
N LEU F 175 -3.67 35.41 -16.32
CA LEU F 175 -2.88 35.75 -17.50
C LEU F 175 -3.68 36.50 -18.56
N LEU F 176 -4.93 36.08 -18.77
CA LEU F 176 -5.78 36.71 -19.78
C LEU F 176 -6.25 38.09 -19.31
N ASP F 177 -6.94 38.15 -18.18
CA ASP F 177 -7.33 39.42 -17.55
C ASP F 177 -6.21 40.45 -17.54
N GLU F 178 -4.99 40.01 -17.29
CA GLU F 178 -3.89 40.93 -17.10
C GLU F 178 -3.19 41.19 -18.42
N GLU F 179 -3.81 40.69 -19.48
CA GLU F 179 -3.36 40.98 -20.82
C GLU F 179 -1.90 40.64 -21.00
N ILE F 180 -1.39 39.72 -20.18
CA ILE F 180 0.00 39.32 -20.35
C ILE F 180 0.18 38.36 -21.54
N ILE F 181 -0.90 37.64 -21.88
CA ILE F 181 -1.01 36.96 -23.17
C ILE F 181 -2.39 37.27 -23.75
N GLU F 182 -2.54 37.06 -25.05
CA GLU F 182 -3.84 37.17 -25.67
C GLU F 182 -4.49 35.80 -25.81
N GLY F 183 -5.79 35.73 -25.54
CA GLY F 183 -6.52 34.49 -25.73
C GLY F 183 -6.18 33.82 -27.05
N GLN F 184 -6.21 34.59 -28.14
CA GLN F 184 -6.01 34.04 -29.48
C GLN F 184 -4.61 33.46 -29.69
N HIS F 185 -3.70 33.73 -28.76
CA HIS F 185 -2.39 33.07 -28.79
C HIS F 185 -2.30 31.91 -27.80
N LEU F 186 -3.41 31.58 -27.14
CA LEU F 186 -3.49 30.41 -26.25
C LEU F 186 -4.04 29.21 -27.00
N ILE F 187 -3.27 28.14 -27.08
CA ILE F 187 -3.74 26.90 -27.71
C ILE F 187 -3.98 25.84 -26.63
N GLN F 188 -5.23 25.41 -26.48
CA GLN F 188 -5.56 24.42 -25.46
C GLN F 188 -5.80 23.05 -26.08
N LEU F 189 -4.91 22.10 -25.81
CA LEU F 189 -5.03 20.75 -26.37
C LEU F 189 -5.43 19.72 -25.32
N GLY F 190 -6.56 19.06 -25.50
CA GLY F 190 -6.98 17.98 -24.63
C GLY F 190 -8.15 18.28 -23.72
N ILE F 191 -8.80 19.42 -23.93
CA ILE F 191 -10.00 19.80 -23.16
C ILE F 191 -11.06 18.69 -23.15
N ARG F 192 -11.37 18.18 -21.96
CA ARG F 192 -12.05 16.90 -21.80
C ARG F 192 -13.51 17.04 -21.37
N GLU F 193 -14.41 16.34 -22.06
CA GLU F 193 -15.82 16.34 -21.65
C GLU F 193 -15.97 15.91 -20.18
N PHE F 194 -16.83 16.64 -19.47
CA PHE F 194 -17.09 16.47 -18.04
C PHE F 194 -15.97 16.94 -17.11
N SER F 195 -14.90 17.50 -17.69
CA SER F 195 -13.81 18.05 -16.88
C SER F 195 -13.93 19.55 -16.63
N ASN F 196 -14.94 20.19 -17.21
CA ASN F 196 -15.01 21.66 -17.18
C ASN F 196 -16.36 22.28 -16.79
N SER F 197 -16.39 23.60 -16.67
CA SER F 197 -17.60 24.32 -16.28
C SER F 197 -18.10 25.21 -17.39
N GLN F 198 -19.42 25.27 -17.55
CA GLN F 198 -20.03 26.06 -18.62
C GLN F 198 -19.55 27.51 -18.64
N ALA F 199 -19.61 28.17 -17.50
CA ALA F 199 -19.23 29.57 -17.40
C ALA F 199 -17.74 29.75 -17.65
N TYR F 200 -16.95 28.72 -17.37
CA TYR F 200 -15.50 28.80 -17.55
C TYR F 200 -15.14 28.59 -19.00
N GLU F 201 -15.86 27.70 -19.65
CA GLU F 201 -15.74 27.55 -21.10
C GLU F 201 -16.20 28.85 -21.77
N ALA F 202 -17.16 29.52 -21.16
CA ALA F 202 -17.67 30.76 -21.71
C ALA F 202 -16.56 31.79 -21.73
N TYR F 203 -15.88 31.90 -20.60
CA TYR F 203 -14.78 32.82 -20.43
C TYR F 203 -13.73 32.56 -21.50
N ALA F 204 -13.44 31.29 -21.75
CA ALA F 204 -12.41 30.94 -22.72
C ALA F 204 -12.80 31.31 -24.15
N LYS F 205 -14.04 31.00 -24.52
CA LYS F 205 -14.54 31.40 -25.82
C LYS F 205 -14.52 32.92 -25.94
N LYS F 206 -15.00 33.60 -24.90
CA LYS F 206 -15.12 35.07 -24.95
C LYS F 206 -13.77 35.74 -25.16
N HIS F 207 -12.69 35.02 -24.89
CA HIS F 207 -11.33 35.53 -25.08
C HIS F 207 -10.70 35.00 -26.36
N ASN F 208 -11.47 34.24 -27.13
CA ASN F 208 -10.99 33.65 -28.38
C ASN F 208 -9.83 32.66 -28.21
N VAL F 209 -9.87 31.88 -27.12
CA VAL F 209 -8.91 30.81 -26.92
C VAL F 209 -9.11 29.73 -28.00
N ASN F 210 -8.01 29.20 -28.51
CA ASN F 210 -8.07 28.09 -29.46
C ASN F 210 -8.30 26.78 -28.72
N ILE F 211 -9.54 26.33 -28.66
CA ILE F 211 -9.89 25.17 -27.88
C ILE F 211 -10.01 23.90 -28.70
N HIS F 212 -9.10 22.95 -28.49
CA HIS F 212 -9.22 21.65 -29.14
C HIS F 212 -9.49 20.53 -28.13
N THR F 213 -10.70 19.97 -28.22
CA THR F 213 -11.17 18.98 -27.26
C THR F 213 -10.60 17.59 -27.53
N MSE F 214 -10.77 16.68 -26.60
CA MSE F 214 -10.40 15.29 -26.86
C MSE F 214 -11.20 14.74 -28.04
O MSE F 214 -10.69 13.96 -28.83
CB MSE F 214 -10.60 14.41 -25.62
CG MSE F 214 -9.59 14.68 -24.51
SE MSE F 214 -7.76 14.21 -25.06
CE MSE F 214 -8.12 12.37 -25.66
N ASP F 215 -12.44 15.17 -28.17
CA ASP F 215 -13.29 14.73 -29.28
C ASP F 215 -12.66 15.06 -30.64
N MSE F 216 -12.23 16.31 -30.80
CA MSE F 216 -11.59 16.76 -32.03
C MSE F 216 -10.25 16.05 -32.25
O MSE F 216 -9.93 15.63 -33.35
CB MSE F 216 -11.37 18.27 -31.96
CG MSE F 216 -12.61 19.04 -31.54
SE MSE F 216 -12.36 20.95 -31.26
CE MSE F 216 -13.95 21.34 -30.21
N ILE F 217 -9.47 15.93 -31.18
CA ILE F 217 -8.18 15.28 -31.29
C ILE F 217 -8.34 13.82 -31.70
N ARG F 218 -9.31 13.15 -31.10
CA ARG F 218 -9.59 11.75 -31.43
C ARG F 218 -10.09 11.59 -32.87
N GLU F 219 -10.85 12.56 -33.36
CA GLU F 219 -11.24 12.58 -34.76
C GLU F 219 -10.08 12.93 -35.68
N LYS F 220 -9.42 14.04 -35.39
CA LYS F 220 -8.41 14.58 -36.31
C LYS F 220 -7.01 13.99 -36.09
N GLY F 221 -6.70 13.61 -34.86
CA GLY F 221 -5.36 13.16 -34.53
C GLY F 221 -4.60 14.33 -33.95
N LEU F 222 -3.73 14.06 -32.96
CA LEU F 222 -3.11 15.14 -32.18
C LEU F 222 -2.19 16.04 -32.98
N ILE F 223 -1.23 15.43 -33.69
CA ILE F 223 -0.30 16.19 -34.52
C ILE F 223 -1.00 16.95 -35.63
N PRO F 224 -1.89 16.28 -36.39
CA PRO F 224 -2.61 17.08 -37.40
C PRO F 224 -3.39 18.25 -36.77
N THR F 225 -3.95 18.05 -35.58
CA THR F 225 -4.67 19.14 -34.92
C THR F 225 -3.68 20.27 -34.63
N ILE F 226 -2.50 19.89 -34.18
CA ILE F 226 -1.44 20.86 -33.93
C ILE F 226 -1.00 21.56 -35.22
N LYS F 227 -0.82 20.79 -36.28
CA LYS F 227 -0.34 21.32 -37.57
C LYS F 227 -1.32 22.29 -38.22
N GLU F 228 -2.55 22.32 -37.72
CA GLU F 228 -3.57 23.19 -38.27
C GLU F 228 -3.61 24.57 -37.61
N ILE F 229 -3.33 24.63 -36.31
CA ILE F 229 -3.53 25.87 -35.57
C ILE F 229 -2.22 26.55 -35.20
N LEU F 230 -1.21 25.75 -34.93
CA LEU F 230 0.10 26.27 -34.56
C LEU F 230 0.65 27.26 -35.60
N PRO F 231 0.77 26.83 -36.87
CA PRO F 231 1.26 27.75 -37.89
C PRO F 231 0.59 29.10 -37.79
N VAL F 232 -0.73 29.11 -37.68
CA VAL F 232 -1.48 30.35 -37.52
C VAL F 232 -0.91 31.17 -36.37
N VAL F 233 -1.19 30.73 -35.14
CA VAL F 233 -0.68 31.43 -33.94
C VAL F 233 0.80 31.76 -34.04
N GLN F 234 1.57 30.83 -34.62
CA GLN F 234 3.02 30.94 -34.71
C GLN F 234 3.48 32.20 -35.42
N ASP F 235 2.72 32.64 -36.41
CA ASP F 235 3.14 33.77 -37.23
C ASP F 235 2.70 35.12 -36.68
N LYS F 236 1.89 35.10 -35.61
CA LYS F 236 1.53 36.34 -34.94
C LYS F 236 2.14 36.48 -33.56
N THR F 237 3.21 35.73 -33.33
CA THR F 237 3.92 35.77 -32.05
C THR F 237 5.42 35.66 -32.26
N ASP F 238 6.16 36.08 -31.23
CA ASP F 238 7.60 36.04 -31.23
C ASP F 238 8.14 34.72 -30.69
N PHE F 239 7.46 34.16 -29.67
CA PHE F 239 7.92 32.94 -29.04
C PHE F 239 6.78 32.01 -28.65
N ILE F 240 7.11 30.74 -28.49
CA ILE F 240 6.14 29.79 -27.97
C ILE F 240 6.68 29.14 -26.70
N PHE F 241 5.77 28.91 -25.76
CA PHE F 241 6.07 28.25 -24.50
C PHE F 241 5.13 27.06 -24.36
N ILE F 242 5.65 25.95 -23.86
CA ILE F 242 4.85 24.72 -23.76
C ILE F 242 4.50 24.43 -22.32
N SER F 243 3.21 24.47 -22.00
CA SER F 243 2.75 24.11 -20.66
C SER F 243 2.10 22.72 -20.72
N VAL F 244 2.75 21.74 -20.11
CA VAL F 244 2.24 20.40 -20.08
C VAL F 244 1.68 20.10 -18.71
N ASP F 245 0.36 20.04 -18.63
CA ASP F 245 -0.29 19.63 -17.39
C ASP F 245 -0.52 18.14 -17.57
N MSE F 246 0.09 17.33 -16.72
CA MSE F 246 0.10 15.90 -16.89
C MSE F 246 -1.29 15.28 -16.77
O MSE F 246 -1.50 14.14 -17.17
CB MSE F 246 1.07 15.22 -15.91
CG MSE F 246 2.54 15.56 -16.16
SE MSE F 246 3.21 14.95 -17.91
CE MSE F 246 3.32 13.05 -17.45
N ASP F 247 -2.26 16.01 -16.22
CA ASP F 247 -3.59 15.43 -16.11
C ASP F 247 -4.33 15.44 -17.46
N VAL F 248 -3.65 15.90 -18.51
CA VAL F 248 -4.19 15.79 -19.87
C VAL F 248 -4.22 14.31 -20.23
N LEU F 249 -3.32 13.54 -19.63
CA LEU F 249 -3.21 12.12 -19.88
C LEU F 249 -4.34 11.32 -19.23
N ASP F 250 -4.73 10.23 -19.89
CA ASP F 250 -5.68 9.26 -19.33
C ASP F 250 -5.23 8.75 -17.96
N GLN F 251 -6.19 8.57 -17.05
CA GLN F 251 -5.83 8.11 -15.71
C GLN F 251 -4.98 6.83 -15.77
N SER F 252 -5.20 5.98 -16.76
CA SER F 252 -4.42 4.73 -16.80
C SER F 252 -2.94 5.00 -17.11
N HIS F 253 -2.66 6.12 -17.72
CA HIS F 253 -1.30 6.45 -18.11
C HIS F 253 -0.63 7.41 -17.13
N ALA F 254 -1.43 8.20 -16.41
CA ALA F 254 -0.90 9.13 -15.41
C ALA F 254 -1.71 9.02 -14.13
N PRO F 255 -1.53 7.92 -13.39
CA PRO F 255 -2.35 7.64 -12.21
C PRO F 255 -2.02 8.58 -11.05
N GLY F 256 -0.98 9.39 -11.22
CA GLY F 256 -0.50 10.19 -10.12
C GLY F 256 -0.90 11.65 -10.18
N CYS F 257 -1.83 12.04 -11.04
CA CYS F 257 -2.24 13.43 -11.06
C CYS F 257 -3.42 13.57 -10.14
N PRO F 258 -3.56 14.73 -9.48
CA PRO F 258 -4.70 14.90 -8.58
C PRO F 258 -6.04 14.66 -9.30
N ALA F 259 -6.23 15.27 -10.47
CA ALA F 259 -7.51 15.15 -11.17
C ALA F 259 -7.48 14.06 -12.25
N ILE F 260 -7.67 12.81 -11.85
CA ILE F 260 -7.64 11.71 -12.79
C ILE F 260 -9.04 11.39 -13.29
N GLY F 261 -9.13 10.96 -14.55
CA GLY F 261 -10.36 10.41 -15.08
C GLY F 261 -10.10 9.67 -16.38
N PRO F 262 -11.13 8.94 -16.88
CA PRO F 262 -10.98 8.21 -18.15
C PRO F 262 -11.07 9.17 -19.33
N GLY F 263 -10.45 8.79 -20.44
CA GLY F 263 -10.66 9.50 -21.70
C GLY F 263 -9.66 10.57 -22.02
N GLY F 264 -8.40 10.35 -21.65
CA GLY F 264 -7.36 11.35 -21.90
C GLY F 264 -6.40 10.96 -23.01
N LEU F 265 -5.35 11.75 -23.21
CA LEU F 265 -4.28 11.38 -24.14
C LEU F 265 -3.55 10.17 -23.58
N TYR F 266 -2.88 9.45 -24.46
CA TYR F 266 -2.03 8.37 -24.04
C TYR F 266 -0.59 8.90 -24.14
N THR F 267 0.35 8.33 -23.39
CA THR F 267 1.67 8.96 -23.25
C THR F 267 2.47 9.09 -24.53
N ASP F 268 2.55 8.03 -25.33
CA ASP F 268 3.33 8.07 -26.57
C ASP F 268 2.82 9.14 -27.55
N GLU F 269 1.52 9.38 -27.48
CA GLU F 269 0.85 10.44 -28.20
C GLU F 269 1.35 11.82 -27.73
N LEU F 270 1.35 12.02 -26.41
CA LEU F 270 1.80 13.29 -25.86
C LEU F 270 3.26 13.48 -26.21
N LEU F 271 4.04 12.40 -26.14
CA LEU F 271 5.49 12.49 -26.31
C LEU F 271 5.81 12.92 -27.72
N GLU F 272 5.06 12.39 -28.68
CA GLU F 272 5.28 12.77 -30.06
C GLU F 272 4.91 14.23 -30.29
N ALA F 273 3.81 14.68 -29.69
CA ALA F 273 3.36 16.06 -29.91
C ALA F 273 4.37 17.06 -29.37
N VAL F 274 4.99 16.70 -28.25
CA VAL F 274 5.95 17.59 -27.60
C VAL F 274 7.23 17.71 -28.41
N LYS F 275 7.72 16.59 -28.93
CA LYS F 275 8.90 16.59 -29.80
C LYS F 275 8.64 17.44 -31.03
N TYR F 276 7.43 17.34 -31.58
CA TYR F 276 7.11 18.10 -32.79
C TYR F 276 7.11 19.59 -32.52
N ILE F 277 6.54 20.01 -31.39
CA ILE F 277 6.49 21.42 -31.07
C ILE F 277 7.88 21.95 -30.70
N ALA F 278 8.62 21.17 -29.91
CA ALA F 278 9.98 21.52 -29.49
C ALA F 278 10.97 21.58 -30.66
N GLN F 279 10.53 21.20 -31.85
CA GLN F 279 11.37 21.30 -33.05
C GLN F 279 11.21 22.67 -33.66
N GLN F 280 10.12 23.33 -33.33
CA GLN F 280 9.78 24.60 -33.97
C GLN F 280 10.75 25.68 -33.52
N PRO F 281 10.89 26.74 -34.33
CA PRO F 281 11.76 27.86 -33.98
C PRO F 281 11.19 28.66 -32.80
N ASN F 282 12.07 29.19 -31.97
CA ASN F 282 11.67 30.06 -30.88
C ASN F 282 10.87 29.40 -29.75
N VAL F 283 11.15 28.13 -29.49
CA VAL F 283 10.59 27.55 -28.29
C VAL F 283 11.34 28.15 -27.11
N ALA F 284 10.65 28.96 -26.32
CA ALA F 284 11.25 29.65 -25.18
C ALA F 284 11.34 28.80 -23.93
N GLY F 285 10.61 27.69 -23.89
CA GLY F 285 10.60 26.88 -22.68
C GLY F 285 9.47 25.87 -22.58
N ILE F 286 9.53 25.08 -21.52
CA ILE F 286 8.52 24.07 -21.25
C ILE F 286 8.45 23.88 -19.75
N GLU F 287 7.24 23.64 -19.25
CA GLU F 287 7.01 23.33 -17.85
C GLU F 287 6.12 22.13 -17.75
N ILE F 288 6.30 21.37 -16.69
CA ILE F 288 5.50 20.18 -16.45
C ILE F 288 4.83 20.32 -15.08
N VAL F 289 3.50 20.24 -15.04
CA VAL F 289 2.77 20.46 -13.79
C VAL F 289 1.82 19.34 -13.42
N GLU F 290 1.46 19.30 -12.14
CA GLU F 290 0.40 18.43 -11.64
C GLU F 290 0.77 16.97 -11.52
N VAL F 291 2.06 16.69 -11.43
CA VAL F 291 2.52 15.38 -11.04
C VAL F 291 2.52 15.35 -9.53
N ASP F 292 1.91 14.33 -8.95
CA ASP F 292 1.91 14.20 -7.51
C ASP F 292 2.37 12.81 -7.13
N PRO F 293 3.66 12.69 -6.81
CA PRO F 293 4.26 11.39 -6.47
C PRO F 293 3.59 10.75 -5.27
N THR F 294 2.92 11.52 -4.43
CA THR F 294 2.21 10.87 -3.31
C THR F 294 0.93 10.18 -3.78
N LEU F 295 0.46 10.47 -4.98
CA LEU F 295 -0.72 9.75 -5.47
C LEU F 295 -0.37 8.69 -6.51
N ASP F 296 0.92 8.52 -6.79
CA ASP F 296 1.36 7.79 -7.99
C ASP F 296 1.45 6.30 -7.69
N PHE F 297 1.53 5.48 -8.73
CA PHE F 297 1.91 4.07 -8.57
C PHE F 297 3.39 3.96 -8.94
N ARG F 298 4.18 3.40 -8.03
CA ARG F 298 5.64 3.47 -8.13
C ARG F 298 5.97 4.93 -8.49
N ASP F 299 6.72 5.18 -9.54
CA ASP F 299 6.88 6.58 -9.95
C ASP F 299 6.49 6.74 -11.41
N MSE F 300 5.50 5.95 -11.82
CA MSE F 300 5.05 5.91 -13.21
C MSE F 300 4.85 7.27 -13.82
O MSE F 300 5.24 7.50 -14.96
CB MSE F 300 3.70 5.16 -13.33
CG MSE F 300 3.80 3.68 -13.51
SE MSE F 300 1.98 2.91 -13.54
CE MSE F 300 1.29 3.95 -15.04
N THR F 301 4.20 8.16 -13.08
CA THR F 301 3.85 9.45 -13.67
C THR F 301 5.05 10.41 -13.70
N SER F 302 5.99 10.21 -12.78
CA SER F 302 7.23 10.97 -12.83
C SER F 302 8.09 10.49 -14.00
N ARG F 303 8.10 9.18 -14.25
CA ARG F 303 8.80 8.65 -15.42
C ARG F 303 8.19 9.20 -16.72
N ALA F 304 6.88 9.39 -16.73
CA ALA F 304 6.23 9.87 -17.94
C ALA F 304 6.63 11.31 -18.17
N ALA F 305 6.82 12.05 -17.08
CA ALA F 305 7.23 13.45 -17.16
C ALA F 305 8.71 13.56 -17.55
N ALA F 306 9.54 12.69 -17.00
CA ALA F 306 10.93 12.62 -17.42
C ALA F 306 11.02 12.44 -18.95
N HIS F 307 10.13 11.61 -19.50
CA HIS F 307 10.14 11.31 -20.94
C HIS F 307 9.61 12.46 -21.76
N VAL F 308 8.62 13.18 -21.23
CA VAL F 308 8.23 14.45 -21.83
C VAL F 308 9.46 15.35 -22.00
N LEU F 309 10.34 15.40 -21.00
CA LEU F 309 11.52 16.27 -21.09
C LEU F 309 12.48 15.70 -22.12
N LEU F 310 12.70 14.39 -22.08
CA LEU F 310 13.63 13.76 -22.99
C LEU F 310 13.25 14.03 -24.45
N HIS F 311 11.96 13.98 -24.72
CA HIS F 311 11.44 14.21 -26.06
C HIS F 311 11.48 15.68 -26.46
N ALA F 312 11.29 16.57 -25.49
CA ALA F 312 11.46 18.00 -25.74
C ALA F 312 12.90 18.27 -26.13
N LEU F 313 13.84 17.65 -25.42
CA LEU F 313 15.26 17.83 -25.68
C LEU F 313 15.59 17.28 -27.06
N LYS F 314 15.02 16.13 -27.37
CA LYS F 314 15.18 15.51 -28.67
C LYS F 314 14.72 16.44 -29.80
N GLY F 315 13.56 17.07 -29.62
CA GLY F 315 13.07 18.03 -30.60
C GLY F 315 13.99 19.24 -30.75
N MSE F 316 14.60 19.68 -29.67
CA MSE F 316 15.50 20.84 -29.72
C MSE F 316 16.81 20.51 -30.42
O MSE F 316 17.35 21.34 -31.17
CB MSE F 316 15.75 21.41 -28.32
CG MSE F 316 14.53 22.07 -27.68
SE MSE F 316 14.72 22.39 -25.76
CE MSE F 316 12.91 23.00 -25.35
N LYS F 317 17.32 19.31 -30.19
CA LYS F 317 18.51 18.83 -30.86
C LYS F 317 18.24 18.78 -32.35
N LEU F 318 16.99 18.49 -32.71
CA LEU F 318 16.57 18.30 -34.09
C LEU F 318 16.38 19.62 -34.83
N SER F 319 16.07 20.66 -34.09
CA SER F 319 15.67 21.93 -34.69
C SER F 319 16.61 22.52 -35.77
N PRO F 320 17.93 22.55 -35.54
CA PRO F 320 18.83 23.17 -36.53
C PRO F 320 18.69 22.57 -37.91
N PHE F 321 18.41 21.27 -37.96
CA PHE F 321 18.25 20.56 -39.22
C PHE F 321 16.86 20.78 -39.80
CL CL G . 19.15 -13.13 11.03
CL CL H . 12.30 -6.57 -1.30
CA CA I . 18.29 -11.98 14.05
CA CA J . 21.39 -11.54 13.53
C1 PEG K . 18.60 4.68 -0.51
O1 PEG K . 18.05 3.66 0.29
C2 PEG K . 19.20 4.10 -1.80
O2 PEG K . 20.42 3.44 -1.52
C3 PEG K . 21.34 4.01 -0.62
C4 PEG K . 22.27 2.93 -0.05
O4 PEG K . 21.55 2.06 0.78
C1 PEG L . 6.85 -15.31 25.65
O1 PEG L . 5.83 -14.67 26.37
C2 PEG L . 6.79 -14.80 24.20
O2 PEG L . 7.70 -15.46 23.32
C3 PEG L . 7.81 -14.96 22.00
C4 PEG L . 8.20 -16.04 20.98
O4 PEG L . 7.18 -16.98 20.83
C1 PEG M . 7.69 -12.96 29.27
O1 PEG M . 6.51 -12.33 28.81
C2 PEG M . 8.40 -13.65 28.09
O2 PEG M . 9.33 -12.79 27.45
C3 PEG M . 8.93 -11.84 26.49
C4 PEG M . 8.61 -12.49 25.14
O4 PEG M . 9.61 -13.38 24.71
CL CL N . -16.08 -9.54 17.78
CL CL O . -11.47 -7.45 1.60
CA CA P . -13.62 -9.30 19.62
CA CA Q . -15.09 -11.88 19.43
C1 PEG R . -14.86 -2.17 19.52
O1 PEG R . -15.90 -2.38 18.59
C2 PEG R . -13.53 -1.82 18.84
O2 PEG R . -12.48 -1.97 19.75
C3 PEG R . -12.15 -3.24 20.29
C4 PEG R . -11.29 -4.04 19.30
O4 PEG R . -10.61 -5.15 19.84
C1 PEG S . 0.47 -9.06 2.80
O1 PEG S . 0.31 -7.66 2.84
C2 PEG S . 1.87 -9.44 2.24
O2 PEG S . 2.59 -10.19 3.19
C3 PEG S . 3.96 -9.91 3.41
C4 PEG S . 4.53 -10.78 4.55
O4 PEG S . 5.87 -10.41 4.83
AS CAC T . 2.08 -0.87 11.40
AS CAC T . 2.82 -0.74 14.15
O1 CAC T . 0.93 -1.32 12.43
O1 CAC T . 2.11 -2.19 14.03
O2 CAC T . 3.28 -1.95 11.48
O2 CAC T . 3.64 -0.62 15.51
C1 CAC T . 1.40 -0.90 9.56
C1 CAC T . 4.04 -0.44 12.62
C2 CAC T . 2.74 0.92 11.82
C2 CAC T . 1.43 0.64 14.11
CL CL U . 4.97 19.60 16.20
CL CL V . 0.05 13.50 1.49
CA CA W . 4.73 17.58 18.52
CA CA X . 3.19 19.95 18.56
C1 PEG Y . -26.92 29.60 14.87
O1 PEG Y . -27.21 30.90 14.42
C2 PEG Y . -26.75 28.64 13.68
O2 PEG Y . -27.04 27.32 14.08
C3 PEG Y . -27.02 26.26 13.15
C4 PEG Y . -28.19 26.39 12.18
O4 PEG Y . -27.86 25.82 10.93
C1 PEG Z . -22.49 15.55 11.94
O1 PEG Z . -21.17 15.09 12.11
C2 PEG Z . -23.43 14.87 12.94
O2 PEG Z . -23.64 13.53 12.57
C3 PEG Z . -24.25 12.64 13.48
C4 PEG Z . -24.10 11.18 13.00
O4 PEG Z . -24.24 10.36 14.14
C1 PEG AA . 11.20 15.04 15.53
O1 PEG AA . 10.44 16.10 14.99
C2 PEG AA . 10.39 13.75 15.72
O2 PEG AA . 10.19 13.49 17.10
C3 PEG AA . 9.21 12.61 17.55
C4 PEG AA . 7.87 13.34 17.65
O4 PEG AA . 6.82 12.49 18.07
C1 PEG BA . -6.99 2.24 28.43
O1 PEG BA . -6.49 3.11 29.44
C2 PEG BA . -8.53 2.33 28.39
O2 PEG BA . -9.05 1.49 27.39
C3 PEG BA . -8.72 1.70 26.03
C4 PEG BA . -9.99 1.85 25.19
O4 PEG BA . -10.66 3.05 25.47
C1 PEG CA . -17.83 30.21 32.99
O1 PEG CA . -17.52 31.55 32.74
C2 PEG CA . -17.43 29.36 31.76
O2 PEG CA . -17.41 27.99 32.07
C3 PEG CA . -17.08 27.06 31.05
C4 PEG CA . -15.70 26.43 31.31
O4 PEG CA . -15.87 25.18 31.93
C1 PEG DA . 1.05 1.30 30.55
O1 PEG DA . 0.43 0.23 29.87
C2 PEG DA . 2.38 1.65 29.85
O2 PEG DA . 3.28 2.21 30.78
C3 PEG DA . 4.30 1.41 31.36
C4 PEG DA . 5.61 1.54 30.55
O4 PEG DA . 6.66 1.04 31.33
C1 PEG EA . -12.22 21.02 4.39
O1 PEG EA . -11.13 21.78 3.93
C2 PEG EA . -12.22 19.62 3.75
O2 PEG EA . -11.04 18.92 4.08
C3 PEG EA . -10.07 18.66 3.08
C4 PEG EA . -8.97 19.73 3.10
O4 PEG EA . -8.11 19.56 1.99
CL CL FA . 16.75 -6.11 -18.46
CA CA GA . 14.07 -5.53 -20.95
CA CA HA . 15.99 -7.09 -21.07
C1 PEG IA . 15.06 1.37 -19.68
O1 PEG IA . 15.93 0.98 -18.63
C2 PEG IA . 13.82 2.12 -19.16
O2 PEG IA . 12.60 1.44 -19.43
C3 PEG IA . 12.35 0.71 -20.63
C4 PEG IA . 12.02 -0.76 -20.27
O4 PEG IA . 10.66 -1.11 -20.34
C1 PEG JA . -7.14 -12.38 -22.97
O1 PEG JA . -6.59 -13.66 -23.20
C2 PEG JA . -7.85 -11.86 -24.24
O2 PEG JA . -6.98 -11.93 -25.35
C3 PEG JA . -7.11 -10.96 -26.37
C4 PEG JA . -5.81 -10.88 -27.20
O4 PEG JA . -5.90 -11.75 -28.31
AS CAC KA . -2.43 1.28 -13.93
AS CAC KA . -1.96 0.93 -11.33
O1 CAC KA . -1.23 0.26 -14.27
O1 CAC KA . -0.59 0.93 -12.16
O2 CAC KA . -2.79 2.13 -15.23
O2 CAC KA . -1.64 0.78 -9.77
C1 CAC KA . -4.04 0.28 -13.43
C1 CAC KA . -2.96 2.59 -11.62
C2 CAC KA . -1.92 2.50 -12.48
C2 CAC KA . -3.06 -0.58 -11.92
CL CL LA . -18.56 -12.28 -13.25
CA CA MA . -17.77 -10.27 -15.60
CA CA NA . -20.31 -10.76 -14.71
C1 PEG OA . -12.92 -10.42 -16.68
O1 PEG OA . -12.60 -9.06 -16.80
C2 PEG OA . -12.20 -11.26 -17.75
O2 PEG OA . -11.76 -12.46 -17.18
C3 PEG OA . -10.61 -12.46 -16.36
C4 PEG OA . -10.40 -13.86 -15.76
O4 PEG OA . -11.64 -14.38 -15.32
C1 PEG PA . -6.53 2.67 -2.49
O1 PEG PA . -7.82 2.17 -2.80
C2 PEG PA . -5.62 2.57 -3.73
O2 PEG PA . -4.34 3.07 -3.46
C3 PEG PA . -3.92 4.33 -3.97
C4 PEG PA . -2.71 4.86 -3.19
O4 PEG PA . -2.45 6.20 -3.52
C1 PEG QA . -14.70 11.59 -19.79
O1 PEG QA . -16.09 11.40 -19.73
C2 PEG QA . -14.17 11.09 -21.15
O2 PEG QA . -15.09 11.44 -22.14
C3 PEG QA . -14.87 11.06 -23.49
C4 PEG QA . -14.64 9.54 -23.55
O4 PEG QA . -14.78 9.12 -24.89
CL CL RA . -6.12 21.69 -12.68
CA CA SA . -5.77 19.97 -15.67
CA CA TA . -4.59 22.56 -15.02
C1 PEG UA . 4.32 1.59 -5.41
O1 PEG UA . 3.32 2.56 -5.29
C2 PEG UA . 3.75 0.15 -5.26
O2 PEG UA . 4.75 -0.77 -4.88
C3 PEG UA . 5.85 -1.00 -5.72
C4 PEG UA . 7.14 -0.92 -4.88
O4 PEG UA . 7.44 0.43 -4.66
C1 PEG VA . 6.97 7.15 -28.05
O1 PEG VA . 6.93 8.33 -28.82
C2 PEG VA . 8.41 6.97 -27.55
O2 PEG VA . 8.43 6.33 -26.29
C3 PEG VA . 9.63 5.74 -25.85
C4 PEG VA . 10.18 6.47 -24.60
O4 PEG VA . 10.33 7.84 -24.84
C1 PEG WA . 22.89 28.56 -3.48
O1 PEG WA . 22.13 27.86 -2.52
C2 PEG WA . 22.20 28.48 -4.86
O2 PEG WA . 22.65 27.34 -5.54
C3 PEG WA . 22.07 26.97 -6.78
C4 PEG WA . 22.55 25.56 -7.16
O4 PEG WA . 22.43 25.39 -8.55
C1 PEG XA . 7.46 23.53 -0.47
O1 PEG XA . 7.05 24.02 0.78
C2 PEG XA . 8.95 23.06 -0.43
O2 PEG XA . 8.98 21.66 -0.58
C3 PEG XA . 10.21 20.95 -0.62
C4 PEG XA . 9.89 19.45 -0.74
O4 PEG XA . 11.09 18.71 -0.65
C1 PEG YA . 4.52 39.66 -33.22
O1 PEG YA . 3.47 40.49 -32.82
C2 PEG YA . 4.44 39.41 -34.74
O2 PEG YA . 5.58 38.70 -35.15
C3 PEG YA . 5.45 37.65 -36.09
C4 PEG YA . 6.77 36.86 -36.14
O4 PEG YA . 7.83 37.76 -36.14
C1 PEG ZA . -12.23 16.31 -13.44
O1 PEG ZA . -11.46 17.33 -12.85
C2 PEG ZA . -11.30 15.17 -13.90
O2 PEG ZA . -10.77 15.48 -15.17
C3 PEG ZA . -9.68 14.72 -15.65
C4 PEG ZA . -8.44 15.63 -15.77
O4 PEG ZA . -7.30 14.85 -15.98
#